data_8OQA
#
_entry.id   8OQA
#
_cell.length_a   1.00
_cell.length_b   1.00
_cell.length_c   1.00
_cell.angle_alpha   90.00
_cell.angle_beta   90.00
_cell.angle_gamma   90.00
#
_symmetry.space_group_name_H-M   'P 1'
#
loop_
_entity.id
_entity.type
_entity.pdbx_description
1 polymer 'Gamma-aminobutyric acid receptor subunit rho-1'
2 non-polymer 2-acetamido-2-deoxy-beta-D-glucopyranose
3 non-polymer HEXANE
4 non-polymer N-OCTANE
5 non-polymer 'CHLORIDE ION'
6 non-polymer 'GAMMA-AMINO-BUTANOIC ACID'
7 non-polymer '(1aR,2aR,3S,6R,6aS,8aS,8bR,9R)-2a-hydroxy-8b-methyl-9-(prop-1-en-2-yl)hexahydro-3,6-methano-1,5,7-trioxacyclopenta[ij]c yclopropa[a]azulene-4,8(3H)-dione'
#
_entity_poly.entity_id   1
_entity_poly.type   'polypeptide(L)'
_entity_poly.pdbx_seq_one_letter_code
;MLAVPNMRFGIFLLWWGWVLATESRMHWPGREVHEMSKKGRPQRQRREVHEDAHKQVSPILRRSPDITKSPLTKSEQLLR
IDDHDFSMRPGFGGPAIPVGVDVQVESLDSISEVDMDFTMTLYLRHYWKDERLSFPSTNNLSMTFDGRLVKKIWVPDMFF
VHSKRSFIHDTTTDNVMLRVQPDGKVLYSLRVTVTAMCNMDFSRFPLDTQTCSLEIESYAYTEDDLMLYWKKGNDSLKTD
ERISLSQFLIQEFHTTTKLAFYSSTGWYNRLYINFTLRRHIFFFLLQTYFPATLMVMLSWVSFWIDRRAVPARVPLGITT
VLTMSTIITGVNASMPRVSYIKAVDIYLWVSFVFVFLSVLEYAAVNYLTTVQERKEQKLREKLPCTSGLPPPRTAMLDGN
YSDGEVNDLDNYMPENGEKPDRMMVQLTLASERSSPQRKSQRSSYVSMRIDTHAIDKYSRIIFPAAYILFNLIYWSIFS
;
_entity_poly.pdbx_strand_id   A,B,C,D,E
#
loop_
_chem_comp.id
_chem_comp.type
_chem_comp.name
_chem_comp.formula
ABU non-polymer 'GAMMA-AMINO-BUTANOIC ACID' 'C4 H9 N O2'
CL non-polymer 'CHLORIDE ION' 'Cl -1'
HEX non-polymer HEXANE 'C6 H14'
NAG D-saccharide, beta linking 2-acetamido-2-deoxy-beta-D-glucopyranose 'C8 H15 N O6'
OCT non-polymer N-OCTANE 'C8 H18'
RI5 non-polymer '(1aR,2aR,3S,6R,6aS,8aS,8bR,9R)-2a-hydroxy-8b-methyl-9-(prop-1-en-2-yl)hexahydro-3,6-methano-1,5,7-trioxacyclopenta[ij]c yclopropa[a]azulene-4,8(3H)-dione' 'C15 H16 O6'
#
# COMPACT_ATOMS: atom_id res chain seq x y z
N ARG A 80 -42.07 28.47 -11.22
CA ARG A 80 -43.06 28.18 -10.20
C ARG A 80 -42.68 26.94 -9.39
N ILE A 81 -41.44 26.90 -8.90
CA ILE A 81 -41.01 25.78 -8.08
C ILE A 81 -41.80 25.73 -6.78
N ASP A 82 -41.97 26.88 -6.13
CA ASP A 82 -42.53 26.92 -4.78
C ASP A 82 -43.99 26.52 -4.73
N ASP A 83 -44.67 26.43 -5.87
CA ASP A 83 -46.09 26.12 -5.94
C ASP A 83 -46.37 24.64 -6.20
N HIS A 84 -45.35 23.77 -6.13
CA HIS A 84 -45.53 22.37 -6.47
C HIS A 84 -44.89 21.48 -5.42
N ASP A 85 -45.41 20.25 -5.34
CA ASP A 85 -44.84 19.19 -4.52
C ASP A 85 -44.04 18.26 -5.44
N PHE A 86 -42.72 18.28 -5.31
CA PHE A 86 -41.83 17.55 -6.21
C PHE A 86 -41.34 16.23 -5.62
N SER A 87 -42.08 15.66 -4.67
CA SER A 87 -41.84 14.28 -4.26
C SER A 87 -42.48 13.27 -5.19
N MET A 88 -43.35 13.72 -6.10
CA MET A 88 -44.08 12.84 -7.01
C MET A 88 -43.56 13.03 -8.43
N ARG A 89 -43.38 11.92 -9.14
CA ARG A 89 -42.90 11.96 -10.51
C ARG A 89 -43.94 12.61 -11.41
N PRO A 90 -43.52 13.13 -12.57
CA PRO A 90 -44.51 13.59 -13.56
C PRO A 90 -45.36 12.42 -14.04
N GLY A 91 -46.67 12.64 -14.08
CA GLY A 91 -47.58 11.57 -14.43
C GLY A 91 -47.92 10.64 -13.29
N PHE A 92 -47.64 11.05 -12.05
CA PHE A 92 -47.88 10.21 -10.87
C PHE A 92 -49.28 9.63 -10.89
N GLY A 93 -49.36 8.30 -10.79
CA GLY A 93 -50.62 7.60 -10.83
C GLY A 93 -51.04 7.13 -12.21
N GLY A 94 -50.36 7.56 -13.26
CA GLY A 94 -50.74 7.21 -14.61
C GLY A 94 -49.66 6.46 -15.36
N PRO A 95 -49.63 6.65 -16.69
CA PRO A 95 -48.64 5.93 -17.51
C PRO A 95 -47.21 6.31 -17.15
N ALA A 96 -46.30 5.40 -17.46
CA ALA A 96 -44.89 5.58 -17.14
C ALA A 96 -44.29 6.73 -17.95
N ILE A 97 -43.32 7.41 -17.34
CA ILE A 97 -42.67 8.56 -17.96
C ILE A 97 -41.41 8.08 -18.67
N PRO A 98 -41.26 8.34 -19.97
CA PRO A 98 -40.04 7.93 -20.67
C PRO A 98 -38.84 8.80 -20.31
N VAL A 99 -37.69 8.17 -20.16
CA VAL A 99 -36.43 8.86 -19.88
C VAL A 99 -35.37 8.34 -20.85
N GLY A 100 -34.77 9.25 -21.63
CA GLY A 100 -33.72 8.91 -22.56
C GLY A 100 -32.34 9.17 -21.97
N VAL A 101 -31.36 8.41 -22.43
CA VAL A 101 -30.00 8.46 -21.89
C VAL A 101 -28.98 8.57 -23.02
N ASP A 102 -27.97 9.41 -22.81
CA ASP A 102 -26.88 9.60 -23.75
C ASP A 102 -25.59 9.71 -22.93
N VAL A 103 -24.55 8.99 -23.36
CA VAL A 103 -23.32 8.86 -22.58
C VAL A 103 -22.11 9.18 -23.44
N GLN A 104 -21.17 9.93 -22.87
CA GLN A 104 -19.84 10.11 -23.45
C GLN A 104 -18.79 9.61 -22.46
N VAL A 105 -17.89 8.76 -22.94
CA VAL A 105 -16.86 8.15 -22.11
C VAL A 105 -15.60 9.00 -22.18
N GLU A 106 -15.09 9.41 -21.02
CA GLU A 106 -13.93 10.29 -20.96
C GLU A 106 -12.61 9.54 -20.77
N SER A 107 -12.55 8.55 -19.89
CA SER A 107 -11.30 7.84 -19.65
C SER A 107 -11.57 6.48 -19.03
N LEU A 108 -10.58 5.61 -19.15
CA LEU A 108 -10.49 4.35 -18.40
C LEU A 108 -9.26 4.48 -17.50
N ASP A 109 -9.50 4.57 -16.18
CA ASP A 109 -8.44 5.01 -15.28
C ASP A 109 -7.49 3.88 -14.89
N SER A 110 -8.02 2.72 -14.52
CA SER A 110 -7.16 1.63 -14.08
C SER A 110 -7.92 0.31 -14.15
N ILE A 111 -7.16 -0.77 -14.16
CA ILE A 111 -7.68 -2.13 -14.15
C ILE A 111 -6.95 -2.92 -13.08
N SER A 112 -7.71 -3.60 -12.23
CA SER A 112 -7.15 -4.41 -11.14
C SER A 112 -7.45 -5.87 -11.44
N GLU A 113 -6.40 -6.63 -11.74
CA GLU A 113 -6.56 -8.06 -11.99
C GLU A 113 -6.75 -8.85 -10.70
N VAL A 114 -6.27 -8.33 -9.57
CA VAL A 114 -6.45 -9.02 -8.30
C VAL A 114 -7.90 -8.94 -7.85
N ASP A 115 -8.53 -7.76 -7.96
CA ASP A 115 -9.89 -7.56 -7.51
C ASP A 115 -10.91 -7.69 -8.64
N MET A 116 -10.48 -7.86 -9.88
CA MET A 116 -11.33 -7.99 -11.05
C MET A 116 -12.34 -6.84 -11.15
N ASP A 117 -11.79 -5.63 -11.33
CA ASP A 117 -12.64 -4.46 -11.52
C ASP A 117 -11.91 -3.47 -12.44
N PHE A 118 -12.67 -2.47 -12.90
CA PHE A 118 -12.14 -1.41 -13.74
C PHE A 118 -12.75 -0.08 -13.32
N THR A 119 -12.06 1.01 -13.65
CA THR A 119 -12.49 2.35 -13.28
C THR A 119 -12.70 3.18 -14.55
N MET A 120 -13.87 3.82 -14.64
CA MET A 120 -14.26 4.58 -15.81
C MET A 120 -14.82 5.94 -15.40
N THR A 121 -14.53 6.96 -16.20
CA THR A 121 -15.05 8.32 -16.00
C THR A 121 -15.89 8.70 -17.22
N LEU A 122 -17.11 9.20 -16.98
CA LEU A 122 -18.05 9.43 -18.07
C LEU A 122 -18.92 10.64 -17.78
N TYR A 123 -19.54 11.16 -18.84
CA TYR A 123 -20.60 12.16 -18.76
C TYR A 123 -21.94 11.48 -19.01
N LEU A 124 -22.87 11.61 -18.07
CA LEU A 124 -24.19 11.00 -18.15
C LEU A 124 -25.26 12.06 -18.33
N ARG A 125 -26.08 11.91 -19.36
CA ARG A 125 -27.12 12.88 -19.71
C ARG A 125 -28.49 12.24 -19.71
N HIS A 126 -29.49 12.96 -19.18
CA HIS A 126 -30.86 12.48 -19.08
C HIS A 126 -31.80 13.42 -19.83
N TYR A 127 -32.81 12.84 -20.47
CA TYR A 127 -33.81 13.62 -21.20
C TYR A 127 -35.21 13.19 -20.77
N TRP A 128 -36.04 14.15 -20.37
CA TRP A 128 -37.43 13.89 -20.02
C TRP A 128 -38.20 15.20 -20.09
N LYS A 129 -39.52 15.09 -19.94
CA LYS A 129 -40.41 16.24 -19.97
C LYS A 129 -41.20 16.34 -18.67
N ASP A 130 -41.32 17.56 -18.16
CA ASP A 130 -42.09 17.83 -16.95
C ASP A 130 -42.77 19.18 -17.13
N GLU A 131 -44.08 19.16 -17.37
CA GLU A 131 -44.81 20.40 -17.66
C GLU A 131 -44.87 21.33 -16.47
N ARG A 132 -44.57 20.86 -15.26
CA ARG A 132 -44.52 21.73 -14.09
C ARG A 132 -43.35 22.72 -14.16
N LEU A 133 -42.43 22.55 -15.11
CA LEU A 133 -41.27 23.41 -15.25
C LEU A 133 -41.36 24.35 -16.45
N SER A 134 -42.57 24.54 -16.99
CA SER A 134 -42.71 25.45 -18.11
C SER A 134 -42.60 26.90 -17.66
N PHE A 135 -42.36 27.78 -18.63
CA PHE A 135 -42.27 29.21 -18.39
C PHE A 135 -42.58 29.95 -19.69
N PRO A 136 -43.04 31.19 -19.61
CA PRO A 136 -43.29 31.96 -20.85
C PRO A 136 -41.99 32.40 -21.50
N SER A 137 -41.98 32.36 -22.83
CA SER A 137 -40.81 32.78 -23.60
C SER A 137 -41.24 33.10 -25.02
N THR A 138 -40.42 33.88 -25.70
CA THR A 138 -40.72 34.35 -27.05
C THR A 138 -39.82 33.74 -28.12
N ASN A 139 -38.81 32.95 -27.73
CA ASN A 139 -37.81 32.48 -28.68
C ASN A 139 -37.64 30.96 -28.71
N ASN A 140 -38.39 30.21 -27.89
CA ASN A 140 -38.37 28.75 -27.94
C ASN A 140 -36.97 28.19 -27.77
N LEU A 141 -36.16 28.84 -26.94
CA LEU A 141 -34.77 28.45 -26.73
C LEU A 141 -34.57 27.95 -25.31
N SER A 142 -33.68 26.96 -25.17
CA SER A 142 -33.36 26.42 -23.86
C SER A 142 -32.49 27.39 -23.07
N MET A 143 -32.67 27.38 -21.76
CA MET A 143 -31.93 28.26 -20.86
C MET A 143 -31.21 27.43 -19.81
N THR A 144 -30.04 27.89 -19.40
CA THR A 144 -29.22 27.20 -18.41
C THR A 144 -29.44 27.82 -17.03
N PHE A 145 -29.71 26.96 -16.05
CA PHE A 145 -29.93 27.37 -14.68
C PHE A 145 -28.78 26.93 -13.78
N ASP A 146 -28.73 27.53 -12.58
CA ASP A 146 -27.53 27.50 -11.76
C ASP A 146 -27.08 26.09 -11.43
N GLY A 147 -28.02 25.21 -11.07
CA GLY A 147 -27.68 23.87 -10.64
C GLY A 147 -27.96 23.63 -9.17
N ARG A 148 -28.18 24.68 -8.38
CA ARG A 148 -28.72 24.53 -7.03
C ARG A 148 -30.18 24.10 -7.05
N LEU A 149 -30.84 24.19 -8.20
CA LEU A 149 -32.25 23.87 -8.32
C LEU A 149 -32.50 22.37 -8.46
N VAL A 150 -31.46 21.58 -8.75
CA VAL A 150 -31.63 20.14 -8.90
C VAL A 150 -32.20 19.52 -7.62
N LYS A 151 -31.81 20.05 -6.47
CA LYS A 151 -32.29 19.55 -5.18
C LYS A 151 -33.71 20.01 -4.86
N LYS A 152 -34.31 20.83 -5.71
CA LYS A 152 -35.67 21.33 -5.48
C LYS A 152 -36.70 20.75 -6.45
N ILE A 153 -36.28 19.99 -7.46
CA ILE A 153 -37.18 19.43 -8.45
C ILE A 153 -36.95 17.92 -8.54
N TRP A 154 -37.89 17.24 -9.20
CA TRP A 154 -37.81 15.80 -9.38
C TRP A 154 -36.76 15.44 -10.43
N VAL A 155 -35.99 14.39 -10.14
CA VAL A 155 -34.89 13.98 -11.02
C VAL A 155 -34.86 12.46 -11.11
N PRO A 156 -34.58 11.88 -12.29
CA PRO A 156 -34.42 10.43 -12.39
C PRO A 156 -33.30 9.90 -11.51
N ASP A 157 -33.53 8.74 -10.91
CA ASP A 157 -32.63 8.17 -9.92
C ASP A 157 -31.89 6.95 -10.47
N MET A 158 -30.95 7.21 -11.38
CA MET A 158 -30.18 6.12 -11.97
C MET A 158 -29.03 5.71 -11.05
N PHE A 159 -28.66 4.43 -11.14
CA PHE A 159 -27.51 3.91 -10.39
C PHE A 159 -26.85 2.82 -11.20
N PHE A 160 -25.61 2.50 -10.85
CA PHE A 160 -24.78 1.54 -11.58
C PHE A 160 -24.82 0.19 -10.89
N VAL A 161 -25.34 -0.82 -11.58
CA VAL A 161 -25.48 -2.16 -11.02
C VAL A 161 -24.12 -2.84 -10.97
N HIS A 162 -23.86 -3.57 -9.89
CA HIS A 162 -22.62 -4.32 -9.68
C HIS A 162 -21.41 -3.42 -9.55
N SER A 163 -21.59 -2.16 -9.19
CA SER A 163 -20.45 -1.29 -8.93
C SER A 163 -19.98 -1.45 -7.48
N LYS A 164 -18.73 -1.07 -7.25
CA LYS A 164 -18.15 -1.15 -5.91
C LYS A 164 -18.11 0.17 -5.18
N ARG A 165 -17.91 1.28 -5.90
CA ARG A 165 -17.92 2.62 -5.32
C ARG A 165 -17.98 3.62 -6.46
N SER A 166 -18.47 4.81 -6.14
CA SER A 166 -18.60 5.87 -7.14
C SER A 166 -18.77 7.21 -6.43
N PHE A 167 -18.55 8.28 -7.18
CA PHE A 167 -18.74 9.62 -6.64
C PHE A 167 -18.93 10.61 -7.78
N ILE A 168 -19.55 11.74 -7.47
CA ILE A 168 -19.69 12.84 -8.40
C ILE A 168 -18.62 13.88 -8.09
N HIS A 169 -17.94 14.37 -9.12
CA HIS A 169 -16.93 15.41 -8.93
C HIS A 169 -17.61 16.71 -8.49
N ASP A 170 -16.98 17.41 -7.55
CA ASP A 170 -17.62 18.56 -6.94
C ASP A 170 -16.65 19.74 -6.76
N THR A 171 -15.67 19.86 -7.65
CA THR A 171 -14.75 21.00 -7.65
C THR A 171 -14.89 21.72 -8.99
N THR A 172 -15.06 23.05 -8.94
CA THR A 172 -15.07 23.85 -7.72
C THR A 172 -16.45 23.87 -7.06
N THR A 173 -17.44 23.39 -7.80
CA THR A 173 -18.76 23.09 -7.27
C THR A 173 -19.25 21.83 -7.95
N ASP A 174 -20.46 21.39 -7.60
CA ASP A 174 -21.00 20.17 -8.19
C ASP A 174 -21.04 20.29 -9.71
N ASN A 175 -20.50 19.27 -10.38
CA ASN A 175 -20.43 19.24 -11.84
C ASN A 175 -21.78 18.83 -12.39
N VAL A 176 -22.72 19.78 -12.38
CA VAL A 176 -24.10 19.52 -12.73
C VAL A 176 -24.56 20.59 -13.71
N MET A 177 -25.21 20.16 -14.78
CA MET A 177 -25.85 21.05 -15.75
C MET A 177 -27.36 20.83 -15.72
N LEU A 178 -28.11 21.94 -15.83
CA LEU A 178 -29.56 21.86 -15.91
C LEU A 178 -30.06 22.87 -16.93
N ARG A 179 -30.70 22.37 -17.98
CA ARG A 179 -31.25 23.21 -19.05
C ARG A 179 -32.71 22.88 -19.23
N VAL A 180 -33.57 23.90 -19.25
CA VAL A 180 -35.01 23.73 -19.37
C VAL A 180 -35.51 24.55 -20.54
N GLN A 181 -36.33 23.93 -21.39
CA GLN A 181 -36.99 24.63 -22.48
C GLN A 181 -38.32 25.20 -22.02
N PRO A 182 -38.87 26.18 -22.75
CA PRO A 182 -40.12 26.81 -22.33
C PRO A 182 -41.30 25.84 -22.22
N ASP A 183 -41.29 24.72 -22.94
CA ASP A 183 -42.39 23.77 -22.88
C ASP A 183 -42.20 22.68 -21.84
N GLY A 184 -41.10 22.72 -21.07
CA GLY A 184 -40.88 21.78 -20.00
C GLY A 184 -39.89 20.66 -20.26
N LYS A 185 -39.28 20.62 -21.44
CA LYS A 185 -38.26 19.60 -21.70
C LYS A 185 -36.98 19.94 -20.97
N VAL A 186 -36.39 18.92 -20.34
CA VAL A 186 -35.29 19.10 -19.39
C VAL A 186 -34.09 18.27 -19.84
N LEU A 187 -32.91 18.87 -19.78
CA LEU A 187 -31.65 18.19 -19.99
C LEU A 187 -30.81 18.28 -18.73
N TYR A 188 -30.37 17.13 -18.22
CA TYR A 188 -29.65 17.03 -16.95
C TYR A 188 -28.40 16.18 -17.16
N SER A 189 -27.24 16.72 -16.77
CA SER A 189 -25.95 16.13 -17.14
C SER A 189 -25.02 16.07 -15.93
N LEU A 190 -24.40 14.90 -15.72
CA LEU A 190 -23.53 14.66 -14.58
C LEU A 190 -22.17 14.15 -15.04
N ARG A 191 -21.14 14.45 -14.26
CA ARG A 191 -19.81 13.88 -14.44
C ARG A 191 -19.49 13.00 -13.24
N VAL A 192 -19.29 11.70 -13.49
CA VAL A 192 -19.14 10.71 -12.43
C VAL A 192 -17.94 9.81 -12.72
N THR A 193 -17.46 9.14 -11.66
CA THR A 193 -16.41 8.14 -11.75
C THR A 193 -16.89 6.87 -11.06
N VAL A 194 -16.82 5.74 -11.75
CA VAL A 194 -17.37 4.48 -11.27
C VAL A 194 -16.30 3.40 -11.33
N THR A 195 -16.17 2.63 -10.24
CA THR A 195 -15.41 1.39 -10.22
C THR A 195 -16.37 0.20 -10.18
N ALA A 196 -16.33 -0.65 -11.19
CA ALA A 196 -17.25 -1.78 -11.27
C ALA A 196 -16.49 -3.04 -11.66
N MET A 197 -17.05 -4.18 -11.27
CA MET A 197 -16.40 -5.47 -11.51
C MET A 197 -16.42 -5.88 -12.98
N CYS A 198 -15.36 -6.60 -13.38
CA CYS A 198 -15.33 -7.29 -14.67
C CYS A 198 -14.75 -8.69 -14.43
N ASN A 199 -15.58 -9.72 -14.57
CA ASN A 199 -15.11 -11.10 -14.44
C ASN A 199 -14.01 -11.40 -15.46
N MET A 200 -13.01 -12.19 -15.05
CA MET A 200 -11.86 -12.41 -15.91
C MET A 200 -11.43 -13.87 -15.88
N ASP A 201 -11.09 -14.40 -17.05
CA ASP A 201 -10.62 -15.76 -17.23
C ASP A 201 -9.13 -15.71 -17.59
N PHE A 202 -8.28 -16.21 -16.70
CA PHE A 202 -6.84 -16.11 -16.89
C PHE A 202 -6.19 -17.40 -17.39
N SER A 203 -6.99 -18.34 -17.92
CA SER A 203 -6.44 -19.62 -18.33
C SER A 203 -5.46 -19.50 -19.49
N ARG A 204 -5.53 -18.44 -20.28
CA ARG A 204 -4.62 -18.22 -21.40
C ARG A 204 -3.64 -17.08 -21.14
N PHE A 205 -3.52 -16.66 -19.88
CA PHE A 205 -2.63 -15.56 -19.53
C PHE A 205 -1.19 -15.91 -19.92
N PRO A 206 -0.43 -14.96 -20.50
CA PRO A 206 -0.76 -13.56 -20.80
C PRO A 206 -1.24 -13.32 -22.23
N LEU A 207 -1.94 -14.29 -22.82
CA LEU A 207 -2.50 -14.16 -24.16
C LEU A 207 -4.02 -14.02 -24.13
N ASP A 208 -4.57 -13.54 -23.02
CA ASP A 208 -6.00 -13.55 -22.79
C ASP A 208 -6.67 -12.33 -23.42
N THR A 209 -7.98 -12.48 -23.67
CA THR A 209 -8.84 -11.38 -24.10
C THR A 209 -10.05 -11.35 -23.17
N GLN A 210 -10.35 -10.17 -22.62
CA GLN A 210 -11.42 -10.02 -21.65
C GLN A 210 -12.50 -9.09 -22.20
N THR A 211 -13.74 -9.34 -21.76
CA THR A 211 -14.86 -8.47 -22.08
C THR A 211 -15.47 -7.95 -20.79
N CYS A 212 -16.02 -6.74 -20.86
CA CYS A 212 -16.52 -6.04 -19.67
C CYS A 212 -17.76 -5.26 -20.06
N SER A 213 -18.53 -4.86 -19.04
CA SER A 213 -19.72 -4.05 -19.28
C SER A 213 -20.05 -3.23 -18.04
N LEU A 214 -20.66 -2.07 -18.29
CA LEU A 214 -21.18 -1.18 -17.25
C LEU A 214 -22.68 -1.08 -17.42
N GLU A 215 -23.42 -1.23 -16.32
CA GLU A 215 -24.87 -1.37 -16.36
C GLU A 215 -25.53 -0.22 -15.62
N ILE A 216 -26.53 0.40 -16.27
CA ILE A 216 -27.26 1.54 -15.75
C ILE A 216 -28.72 1.14 -15.57
N GLU A 217 -29.28 1.43 -14.40
CA GLU A 217 -30.63 1.00 -14.09
C GLU A 217 -31.26 1.97 -13.10
N SER A 218 -32.59 2.03 -13.11
CA SER A 218 -33.33 2.81 -12.13
C SER A 218 -33.51 2.02 -10.84
N TYR A 219 -33.31 2.69 -9.71
CA TYR A 219 -33.35 1.98 -8.43
C TYR A 219 -34.78 1.78 -7.93
N ALA A 220 -35.60 2.85 -7.95
CA ALA A 220 -36.86 2.84 -7.22
C ALA A 220 -38.08 2.63 -8.10
N TYR A 221 -38.00 2.90 -9.40
CA TYR A 221 -39.15 2.85 -10.29
C TYR A 221 -39.04 1.64 -11.21
N THR A 222 -40.11 0.85 -11.28
CA THR A 222 -40.18 -0.29 -12.19
C THR A 222 -40.62 0.18 -13.57
N GLU A 223 -40.63 -0.75 -14.53
CA GLU A 223 -40.97 -0.41 -15.91
C GLU A 223 -42.40 0.11 -16.03
N ASP A 224 -43.25 -0.13 -15.04
CA ASP A 224 -44.59 0.44 -15.03
C ASP A 224 -44.59 1.93 -14.67
N ASP A 225 -43.55 2.39 -13.96
CA ASP A 225 -43.45 3.79 -13.57
C ASP A 225 -42.44 4.58 -14.40
N LEU A 226 -41.39 3.92 -14.92
CA LEU A 226 -40.35 4.61 -15.65
C LEU A 226 -39.86 3.73 -16.79
N MET A 227 -39.81 4.29 -18.00
CA MET A 227 -39.34 3.59 -19.20
C MET A 227 -37.99 4.18 -19.62
N LEU A 228 -36.93 3.40 -19.44
CA LEU A 228 -35.57 3.85 -19.70
C LEU A 228 -35.09 3.29 -21.04
N TYR A 229 -34.61 4.17 -21.92
CA TYR A 229 -34.17 3.76 -23.24
C TYR A 229 -32.99 4.63 -23.68
N TRP A 230 -32.25 4.13 -24.68
CA TRP A 230 -31.15 4.91 -25.24
C TRP A 230 -31.71 6.03 -26.12
N LYS A 231 -31.18 7.25 -25.91
CA LYS A 231 -31.82 8.43 -26.49
C LYS A 231 -31.85 8.38 -28.01
N LYS A 232 -30.76 7.93 -28.64
CA LYS A 232 -30.70 7.86 -30.09
C LYS A 232 -30.54 6.45 -30.63
N GLY A 233 -29.81 5.58 -29.95
CA GLY A 233 -29.60 4.23 -30.44
C GLY A 233 -28.16 3.81 -30.28
N ASN A 234 -27.61 3.17 -31.32
CA ASN A 234 -26.18 2.90 -31.34
C ASN A 234 -25.36 4.18 -31.43
N ASP A 235 -25.98 5.29 -31.82
CA ASP A 235 -25.32 6.59 -31.91
C ASP A 235 -25.32 7.36 -30.59
N SER A 236 -25.84 6.77 -29.51
CA SER A 236 -25.88 7.43 -28.21
C SER A 236 -24.59 7.32 -27.42
N LEU A 237 -23.60 6.56 -27.89
CA LEU A 237 -22.35 6.37 -27.18
C LEU A 237 -21.23 7.03 -27.96
N LYS A 238 -20.51 7.95 -27.30
CA LYS A 238 -19.31 8.57 -27.85
C LYS A 238 -18.15 8.33 -26.90
N THR A 239 -16.94 8.27 -27.45
CA THR A 239 -15.74 8.05 -26.65
C THR A 239 -14.69 9.09 -27.00
N ASP A 240 -13.90 9.47 -25.99
CA ASP A 240 -12.81 10.41 -26.19
C ASP A 240 -11.72 9.78 -27.06
N GLU A 241 -11.10 10.60 -27.90
CA GLU A 241 -10.03 10.12 -28.77
C GLU A 241 -8.81 9.64 -27.98
N ARG A 242 -8.65 10.11 -26.75
CA ARG A 242 -7.42 9.89 -25.98
C ARG A 242 -7.52 8.69 -25.04
N ILE A 243 -8.60 7.90 -25.12
CA ILE A 243 -8.77 6.78 -24.20
C ILE A 243 -7.76 5.70 -24.54
N SER A 244 -6.94 5.32 -23.56
CA SER A 244 -5.90 4.32 -23.79
C SER A 244 -5.49 3.73 -22.46
N LEU A 245 -4.84 2.56 -22.53
CA LEU A 245 -4.29 1.88 -21.38
C LEU A 245 -2.86 1.46 -21.67
N SER A 246 -2.03 1.43 -20.63
CA SER A 246 -0.63 1.08 -20.82
C SER A 246 -0.45 -0.41 -21.11
N GLN A 247 -1.43 -1.25 -20.78
CA GLN A 247 -1.31 -2.69 -20.95
C GLN A 247 -2.28 -3.29 -21.94
N PHE A 248 -3.30 -2.55 -22.38
CA PHE A 248 -4.40 -3.14 -23.14
C PHE A 248 -4.70 -2.33 -24.38
N LEU A 249 -5.17 -3.02 -25.41
CA LEU A 249 -5.76 -2.40 -26.60
C LEU A 249 -7.27 -2.46 -26.46
N ILE A 250 -7.92 -1.29 -26.56
CA ILE A 250 -9.35 -1.17 -26.31
C ILE A 250 -10.07 -1.11 -27.65
N GLN A 251 -11.17 -1.87 -27.77
CA GLN A 251 -11.89 -1.95 -29.03
C GLN A 251 -13.36 -2.30 -28.78
N GLU A 252 -14.18 -2.04 -29.81
CA GLU A 252 -15.55 -2.56 -29.90
C GLU A 252 -16.45 -2.04 -28.79
N PHE A 253 -16.48 -0.73 -28.61
CA PHE A 253 -17.54 -0.12 -27.80
C PHE A 253 -18.88 -0.25 -28.50
N HIS A 254 -19.90 -0.68 -27.76
CA HIS A 254 -21.26 -0.72 -28.28
C HIS A 254 -22.24 -0.87 -27.12
N THR A 255 -23.53 -0.78 -27.43
CA THR A 255 -24.59 -0.75 -26.44
C THR A 255 -25.62 -1.84 -26.71
N THR A 256 -26.32 -2.23 -25.65
CA THR A 256 -27.44 -3.18 -25.73
C THR A 256 -28.32 -2.96 -24.51
N THR A 257 -29.49 -3.61 -24.52
CA THR A 257 -30.46 -3.48 -23.44
C THR A 257 -31.02 -4.85 -23.07
N LYS A 258 -31.47 -4.97 -21.83
CA LYS A 258 -32.07 -6.21 -21.33
C LYS A 258 -33.01 -5.88 -20.18
N LEU A 259 -33.94 -6.79 -19.91
CA LEU A 259 -34.95 -6.61 -18.89
C LEU A 259 -34.60 -7.46 -17.66
N ALA A 260 -34.50 -6.80 -16.50
CA ALA A 260 -34.06 -7.45 -15.27
C ALA A 260 -35.23 -7.66 -14.32
N PHE A 261 -35.13 -8.70 -13.49
CA PHE A 261 -36.20 -9.09 -12.59
C PHE A 261 -35.66 -9.28 -11.17
N TYR A 262 -36.36 -8.70 -10.20
CA TYR A 262 -36.10 -8.93 -8.78
C TYR A 262 -37.34 -9.55 -8.17
N SER A 263 -37.15 -10.60 -7.37
CA SER A 263 -38.29 -11.38 -6.88
C SER A 263 -39.22 -10.53 -6.04
N SER A 264 -38.68 -9.63 -5.22
CA SER A 264 -39.48 -8.89 -4.26
C SER A 264 -39.96 -7.53 -4.74
N THR A 265 -39.38 -6.98 -5.82
CA THR A 265 -39.74 -5.62 -6.24
C THR A 265 -40.39 -5.57 -7.62
N GLY A 266 -39.75 -6.07 -8.67
CA GLY A 266 -40.40 -6.06 -9.97
C GLY A 266 -39.39 -6.11 -11.11
N TRP A 267 -39.87 -5.69 -12.29
CA TRP A 267 -39.11 -5.68 -13.52
C TRP A 267 -38.51 -4.30 -13.79
N TYR A 268 -37.27 -4.28 -14.27
CA TYR A 268 -36.55 -3.04 -14.57
C TYR A 268 -35.83 -3.16 -15.90
N ASN A 269 -35.61 -1.99 -16.53
CA ASN A 269 -34.82 -1.89 -17.74
C ASN A 269 -33.35 -1.66 -17.40
N ARG A 270 -32.47 -2.32 -18.15
CA ARG A 270 -31.03 -2.14 -18.01
C ARG A 270 -30.41 -1.72 -19.33
N LEU A 271 -29.46 -0.79 -19.26
CA LEU A 271 -28.64 -0.38 -20.39
C LEU A 271 -27.22 -0.88 -20.18
N TYR A 272 -26.58 -1.34 -21.26
CA TYR A 272 -25.26 -1.93 -21.19
C TYR A 272 -24.28 -1.17 -22.07
N ILE A 273 -23.06 -0.99 -21.57
CA ILE A 273 -21.96 -0.42 -22.33
C ILE A 273 -20.87 -1.49 -22.39
N ASN A 274 -20.60 -2.03 -23.57
CA ASN A 274 -19.74 -3.18 -23.73
C ASN A 274 -18.43 -2.79 -24.42
N PHE A 275 -17.35 -3.47 -24.06
CA PHE A 275 -16.06 -3.25 -24.68
C PHE A 275 -15.17 -4.47 -24.44
N THR A 276 -14.08 -4.54 -25.21
CA THR A 276 -13.17 -5.67 -25.22
C THR A 276 -11.74 -5.20 -24.96
N LEU A 277 -11.00 -5.97 -24.16
CA LEU A 277 -9.62 -5.65 -23.81
C LEU A 277 -8.69 -6.77 -24.26
N ARG A 278 -7.65 -6.42 -25.01
CA ARG A 278 -6.64 -7.38 -25.44
C ARG A 278 -5.26 -6.94 -24.94
N ARG A 279 -4.57 -7.85 -24.27
CA ARG A 279 -3.29 -7.53 -23.64
C ARG A 279 -2.16 -7.51 -24.66
N HIS A 280 -1.16 -6.67 -24.38
CA HIS A 280 0.06 -6.63 -25.18
C HIS A 280 1.05 -7.69 -24.69
N ILE A 281 1.51 -8.54 -25.60
CA ILE A 281 2.24 -9.75 -25.21
C ILE A 281 3.75 -9.52 -25.07
N PHE A 282 4.31 -8.55 -25.82
CA PHE A 282 5.76 -8.46 -25.99
C PHE A 282 6.52 -8.41 -24.67
N PHE A 283 6.06 -7.58 -23.74
CA PHE A 283 6.75 -7.40 -22.47
C PHE A 283 6.89 -8.72 -21.72
N PHE A 284 5.82 -9.50 -21.67
CA PHE A 284 5.88 -10.79 -20.99
C PHE A 284 6.81 -11.75 -21.73
N LEU A 285 6.80 -11.73 -23.06
CA LEU A 285 7.71 -12.59 -23.81
C LEU A 285 9.15 -12.31 -23.41
N LEU A 286 9.56 -11.04 -23.49
CA LEU A 286 10.96 -10.70 -23.22
C LEU A 286 11.33 -10.97 -21.77
N GLN A 287 10.43 -10.66 -20.83
CA GLN A 287 10.78 -10.76 -19.42
C GLN A 287 10.69 -12.18 -18.87
N THR A 288 9.92 -13.07 -19.51
CA THR A 288 9.71 -14.40 -18.95
C THR A 288 10.19 -15.52 -19.86
N TYR A 289 9.75 -15.55 -21.13
CA TYR A 289 10.03 -16.72 -21.96
C TYR A 289 11.48 -16.78 -22.38
N PHE A 290 12.08 -15.62 -22.66
CA PHE A 290 13.49 -15.57 -23.05
C PHE A 290 14.43 -16.11 -21.97
N PRO A 291 14.36 -15.68 -20.70
CA PRO A 291 15.26 -16.25 -19.69
C PRO A 291 15.15 -17.76 -19.52
N ALA A 292 13.94 -18.31 -19.52
CA ALA A 292 13.77 -19.75 -19.31
C ALA A 292 14.37 -20.55 -20.46
N THR A 293 14.14 -20.10 -21.69
CA THR A 293 14.73 -20.76 -22.84
C THR A 293 16.25 -20.69 -22.79
N LEU A 294 16.80 -19.52 -22.44
CA LEU A 294 18.25 -19.41 -22.34
C LEU A 294 18.81 -20.34 -21.26
N MET A 295 18.12 -20.47 -20.13
CA MET A 295 18.63 -21.35 -19.09
C MET A 295 18.56 -22.82 -19.50
N VAL A 296 17.52 -23.21 -20.25
CA VAL A 296 17.49 -24.58 -20.75
C VAL A 296 18.65 -24.82 -21.72
N MET A 297 18.90 -23.87 -22.61
CA MET A 297 20.02 -24.02 -23.54
C MET A 297 21.36 -24.04 -22.82
N LEU A 298 21.46 -23.34 -21.67
CA LEU A 298 22.68 -23.44 -20.86
C LEU A 298 22.81 -24.79 -20.20
N SER A 299 21.69 -25.38 -19.75
CA SER A 299 21.77 -26.71 -19.16
C SER A 299 22.16 -27.74 -20.20
N TRP A 300 21.83 -27.49 -21.48
CA TRP A 300 22.25 -28.41 -22.53
C TRP A 300 23.76 -28.42 -22.77
N VAL A 301 24.50 -27.46 -22.22
CA VAL A 301 25.94 -27.40 -22.42
C VAL A 301 26.64 -28.59 -21.77
N SER A 302 26.08 -29.14 -20.70
CA SER A 302 26.72 -30.21 -19.95
C SER A 302 27.04 -31.42 -20.81
N PHE A 303 26.23 -31.69 -21.85
CA PHE A 303 26.38 -32.91 -22.63
C PHE A 303 27.68 -32.94 -23.42
N TRP A 304 28.31 -31.79 -23.66
CA TRP A 304 29.51 -31.70 -24.47
C TRP A 304 30.79 -31.58 -23.64
N ILE A 305 30.69 -31.70 -22.33
CA ILE A 305 31.84 -31.61 -21.44
C ILE A 305 32.32 -33.02 -21.11
N ASP A 306 33.64 -33.20 -21.07
CA ASP A 306 34.22 -34.50 -20.79
C ASP A 306 33.70 -35.06 -19.48
N ARG A 307 33.24 -36.32 -19.52
CA ARG A 307 32.60 -36.93 -18.37
C ARG A 307 33.57 -37.17 -17.21
N ARG A 308 34.87 -37.03 -17.44
CA ARG A 308 35.84 -37.15 -16.37
C ARG A 308 35.90 -35.90 -15.50
N ALA A 309 35.28 -34.80 -15.93
CA ALA A 309 35.25 -33.54 -15.17
C ALA A 309 33.99 -33.46 -14.32
N VAL A 310 33.93 -34.32 -13.29
CA VAL A 310 32.78 -34.31 -12.38
C VAL A 310 32.64 -32.98 -11.64
N PRO A 311 33.69 -32.42 -11.02
CA PRO A 311 33.54 -31.13 -10.32
C PRO A 311 33.26 -29.96 -11.24
N ALA A 312 33.27 -30.17 -12.56
CA ALA A 312 32.81 -29.16 -13.51
C ALA A 312 31.37 -29.38 -13.93
N ARG A 313 30.95 -30.63 -14.10
CA ARG A 313 29.62 -30.90 -14.63
C ARG A 313 28.53 -30.81 -13.56
N VAL A 314 28.79 -31.28 -12.34
CA VAL A 314 27.78 -31.18 -11.29
C VAL A 314 27.45 -29.74 -10.91
N PRO A 315 28.43 -28.87 -10.61
CA PRO A 315 28.08 -27.47 -10.26
C PRO A 315 27.28 -26.75 -11.32
N LEU A 316 27.56 -26.97 -12.61
CA LEU A 316 26.82 -26.28 -13.65
C LEU A 316 25.34 -26.63 -13.61
N GLY A 317 25.02 -27.92 -13.47
CA GLY A 317 23.63 -28.33 -13.38
C GLY A 317 22.93 -27.79 -12.15
N ILE A 318 23.58 -27.90 -10.98
CA ILE A 318 22.89 -27.45 -9.77
C ILE A 318 22.72 -25.93 -9.78
N THR A 319 23.69 -25.20 -10.33
CA THR A 319 23.57 -23.75 -10.40
C THR A 319 22.51 -23.32 -11.40
N THR A 320 22.36 -24.07 -12.51
CA THR A 320 21.28 -23.78 -13.44
C THR A 320 19.92 -24.00 -12.78
N VAL A 321 19.80 -25.06 -11.97
CA VAL A 321 18.54 -25.29 -11.25
C VAL A 321 18.25 -24.14 -10.29
N LEU A 322 19.27 -23.70 -9.56
CA LEU A 322 19.08 -22.57 -8.64
C LEU A 322 18.66 -21.30 -9.39
N THR A 323 19.30 -21.04 -10.54
CA THR A 323 18.95 -19.86 -11.33
C THR A 323 17.51 -19.93 -11.80
N MET A 324 17.07 -21.10 -12.27
CA MET A 324 15.68 -21.23 -12.73
C MET A 324 14.70 -21.02 -11.58
N SER A 325 15.02 -21.55 -10.40
CA SER A 325 14.15 -21.34 -9.25
C SER A 325 14.04 -19.86 -8.89
N THR A 326 15.17 -19.15 -8.92
CA THR A 326 15.16 -17.72 -8.62
C THR A 326 14.32 -16.96 -9.64
N ILE A 327 14.45 -17.31 -10.92
CA ILE A 327 13.64 -16.67 -11.96
C ILE A 327 12.16 -16.91 -11.71
N ILE A 328 11.81 -18.17 -11.37
CA ILE A 328 10.40 -18.50 -11.17
C ILE A 328 9.83 -17.71 -10.00
N THR A 329 10.57 -17.60 -8.90
CA THR A 329 10.08 -16.80 -7.77
C THR A 329 9.91 -15.34 -8.15
N GLY A 330 10.91 -14.77 -8.85
CA GLY A 330 10.81 -13.38 -9.25
C GLY A 330 9.61 -13.10 -10.14
N VAL A 331 9.30 -14.04 -11.03
CA VAL A 331 8.11 -13.88 -11.86
C VAL A 331 6.84 -14.06 -11.04
N ASN A 332 6.82 -15.07 -10.15
CA ASN A 332 5.64 -15.36 -9.34
C ASN A 332 5.25 -14.17 -8.47
N ALA A 333 6.21 -13.29 -8.15
CA ALA A 333 5.86 -12.09 -7.41
C ALA A 333 4.76 -11.29 -8.10
N SER A 334 4.66 -11.38 -9.42
CA SER A 334 3.75 -10.55 -10.20
C SER A 334 2.55 -11.29 -10.79
N MET A 335 2.29 -12.53 -10.38
CA MET A 335 1.28 -13.21 -11.20
C MET A 335 -0.08 -13.32 -10.51
N PRO A 336 -1.15 -13.39 -11.29
CA PRO A 336 -2.48 -13.64 -10.71
C PRO A 336 -2.58 -15.01 -10.07
N ARG A 337 -3.46 -15.11 -9.08
CA ARG A 337 -3.68 -16.33 -8.31
C ARG A 337 -5.07 -16.87 -8.63
N VAL A 338 -5.12 -18.00 -9.35
CA VAL A 338 -6.37 -18.65 -9.69
C VAL A 338 -6.26 -20.14 -9.37
N SER A 339 -7.44 -20.79 -9.31
CA SER A 339 -7.53 -22.20 -8.96
C SER A 339 -7.10 -23.13 -10.09
N TYR A 340 -6.88 -22.61 -11.29
CA TYR A 340 -6.42 -23.38 -12.43
C TYR A 340 -5.02 -22.91 -12.81
N ILE A 341 -4.49 -23.48 -13.89
CA ILE A 341 -3.11 -23.23 -14.30
C ILE A 341 -3.11 -22.27 -15.49
N LYS A 342 -2.26 -21.26 -15.42
CA LYS A 342 -2.03 -20.36 -16.53
C LYS A 342 -0.93 -20.92 -17.44
N ALA A 343 -0.91 -20.41 -18.68
CA ALA A 343 0.02 -20.91 -19.68
C ALA A 343 1.48 -20.69 -19.28
N VAL A 344 1.77 -19.52 -18.71
CA VAL A 344 3.15 -19.20 -18.33
C VAL A 344 3.67 -20.16 -17.28
N ASP A 345 2.79 -20.62 -16.38
CA ASP A 345 3.20 -21.60 -15.40
C ASP A 345 3.55 -22.93 -16.05
N ILE A 346 2.80 -23.32 -17.08
CA ILE A 346 3.12 -24.55 -17.82
C ILE A 346 4.52 -24.44 -18.42
N TYR A 347 4.78 -23.32 -19.09
CA TYR A 347 6.08 -23.15 -19.75
C TYR A 347 7.22 -23.19 -18.73
N LEU A 348 7.07 -22.45 -17.63
CA LEU A 348 8.15 -22.36 -16.65
C LEU A 348 8.42 -23.70 -15.98
N TRP A 349 7.37 -24.42 -15.60
CA TRP A 349 7.60 -25.67 -14.90
C TRP A 349 8.09 -26.78 -15.82
N VAL A 350 7.71 -26.74 -17.10
CA VAL A 350 8.31 -27.69 -18.05
C VAL A 350 9.80 -27.41 -18.21
N SER A 351 10.19 -26.13 -18.27
CA SER A 351 11.62 -25.81 -18.33
C SER A 351 12.36 -26.33 -17.10
N PHE A 352 11.76 -26.12 -15.92
CA PHE A 352 12.38 -26.58 -14.68
C PHE A 352 12.57 -28.09 -14.69
N VAL A 353 11.56 -28.83 -15.17
CA VAL A 353 11.66 -30.28 -15.26
C VAL A 353 12.77 -30.69 -16.22
N PHE A 354 12.94 -29.95 -17.33
CA PHE A 354 14.02 -30.26 -18.25
C PHE A 354 15.39 -30.15 -17.57
N VAL A 355 15.60 -29.07 -16.81
CA VAL A 355 16.89 -28.91 -16.13
C VAL A 355 17.13 -30.05 -15.13
N PHE A 356 16.07 -30.39 -14.37
CA PHE A 356 16.14 -31.49 -13.42
C PHE A 356 16.53 -32.79 -14.10
N LEU A 357 15.92 -33.07 -15.26
CA LEU A 357 16.24 -34.29 -16.00
C LEU A 357 17.69 -34.30 -16.48
N SER A 358 18.21 -33.14 -16.88
CA SER A 358 19.61 -33.09 -17.30
C SER A 358 20.54 -33.48 -16.16
N VAL A 359 20.25 -32.98 -14.95
CA VAL A 359 21.07 -33.37 -13.79
C VAL A 359 21.00 -34.88 -13.56
N LEU A 360 19.79 -35.44 -13.63
CA LEU A 360 19.65 -36.88 -13.40
C LEU A 360 20.41 -37.70 -14.44
N GLU A 361 20.39 -37.26 -15.71
CA GLU A 361 21.11 -37.98 -16.75
C GLU A 361 22.61 -38.00 -16.48
N TYR A 362 23.16 -36.87 -16.04
CA TYR A 362 24.59 -36.88 -15.69
C TYR A 362 24.87 -37.83 -14.54
N ALA A 363 24.00 -37.86 -13.52
CA ALA A 363 24.22 -38.78 -12.42
C ALA A 363 24.26 -40.23 -12.90
N ALA A 364 23.35 -40.59 -13.81
CA ALA A 364 23.33 -41.95 -14.33
C ALA A 364 24.61 -42.27 -15.08
N VAL A 365 25.11 -41.32 -15.87
CA VAL A 365 26.35 -41.54 -16.62
C VAL A 365 27.51 -41.80 -15.66
N ASN A 366 27.63 -40.97 -14.62
CA ASN A 366 28.73 -41.14 -13.67
C ASN A 366 28.66 -42.50 -12.98
N TYR A 367 27.46 -42.94 -12.58
CA TYR A 367 27.33 -44.22 -11.92
C TYR A 367 27.77 -45.37 -12.83
N LEU A 368 27.32 -45.35 -14.09
CA LEU A 368 27.69 -46.42 -15.00
C LEU A 368 29.19 -46.45 -15.26
N THR A 369 29.82 -45.27 -15.39
CA THR A 369 31.26 -45.22 -15.59
C THR A 369 32.00 -45.82 -14.41
N THR A 370 31.60 -45.47 -13.19
CA THR A 370 32.28 -46.01 -12.01
C THR A 370 32.11 -47.52 -11.92
N VAL A 371 30.91 -48.03 -12.21
CA VAL A 371 30.68 -49.47 -12.14
C VAL A 371 31.60 -50.21 -13.12
N GLN A 372 31.67 -49.72 -14.36
CA GLN A 372 32.50 -50.38 -15.35
C GLN A 372 33.97 -50.32 -14.96
N GLU A 373 34.42 -49.19 -14.42
CA GLU A 373 35.82 -49.08 -14.01
C GLU A 373 36.15 -50.07 -12.91
N ARG A 374 35.27 -50.22 -11.93
CA ARG A 374 35.56 -51.18 -10.85
C ARG A 374 35.61 -52.60 -11.39
N LYS A 375 34.67 -52.97 -12.28
CA LYS A 375 34.72 -54.32 -12.84
C LYS A 375 36.01 -54.55 -13.60
N GLU A 376 36.44 -53.58 -14.41
CA GLU A 376 37.66 -53.75 -15.20
C GLU A 376 38.89 -53.88 -14.29
N GLN A 377 38.95 -53.08 -13.23
CA GLN A 377 40.10 -53.16 -12.33
C GLN A 377 40.14 -54.51 -11.63
N LYS A 378 38.98 -55.02 -11.20
CA LYS A 378 38.96 -56.33 -10.57
C LYS A 378 39.42 -57.42 -11.55
N LEU A 379 38.98 -57.34 -12.80
CA LEU A 379 39.45 -58.31 -13.80
C LEU A 379 40.94 -58.22 -14.02
N ARG A 380 41.51 -57.01 -13.97
CA ARG A 380 42.96 -56.84 -14.08
C ARG A 380 43.67 -57.53 -12.91
N ASP A 451 36.48 -42.07 -24.96
CA ASP A 451 35.30 -42.08 -25.82
C ASP A 451 34.10 -41.45 -25.13
N THR A 452 33.11 -41.04 -25.92
CA THR A 452 31.88 -40.49 -25.38
C THR A 452 30.94 -41.62 -24.98
N HIS A 453 30.34 -41.51 -23.80
CA HIS A 453 29.36 -42.48 -23.37
C HIS A 453 28.10 -42.38 -24.22
N ALA A 454 27.45 -43.53 -24.44
CA ALA A 454 26.30 -43.58 -25.33
C ALA A 454 25.18 -42.65 -24.86
N ILE A 455 24.99 -42.55 -23.54
CA ILE A 455 23.92 -41.70 -23.01
C ILE A 455 24.16 -40.25 -23.40
N ASP A 456 25.40 -39.78 -23.30
CA ASP A 456 25.70 -38.40 -23.66
C ASP A 456 25.43 -38.14 -25.14
N LYS A 457 25.88 -39.05 -26.01
CA LYS A 457 25.72 -38.84 -27.44
C LYS A 457 24.25 -38.89 -27.85
N TYR A 458 23.43 -39.66 -27.13
CA TYR A 458 22.01 -39.67 -27.44
C TYR A 458 21.28 -38.47 -26.84
N SER A 459 21.70 -38.01 -25.66
CA SER A 459 21.08 -36.84 -25.06
C SER A 459 21.32 -35.60 -25.91
N ARG A 460 22.51 -35.49 -26.52
CA ARG A 460 22.83 -34.33 -27.36
C ARG A 460 21.83 -34.14 -28.48
N ILE A 461 21.15 -35.21 -28.90
CA ILE A 461 20.14 -35.14 -29.94
C ILE A 461 18.73 -35.08 -29.34
N ILE A 462 18.48 -35.89 -28.30
CA ILE A 462 17.12 -36.07 -27.80
C ILE A 462 16.63 -34.80 -27.09
N PHE A 463 17.46 -34.17 -26.27
CA PHE A 463 16.97 -33.03 -25.50
C PHE A 463 16.51 -31.87 -26.38
N PRO A 464 17.32 -31.36 -27.32
CA PRO A 464 16.82 -30.28 -28.20
C PRO A 464 15.57 -30.65 -28.97
N ALA A 465 15.48 -31.89 -29.47
CA ALA A 465 14.32 -32.29 -30.25
C ALA A 465 13.05 -32.29 -29.40
N ALA A 466 13.15 -32.79 -28.18
CA ALA A 466 11.99 -32.79 -27.29
C ALA A 466 11.56 -31.36 -26.97
N TYR A 467 12.53 -30.48 -26.70
CA TYR A 467 12.15 -29.10 -26.38
C TYR A 467 11.52 -28.40 -27.57
N ILE A 468 12.06 -28.65 -28.78
CA ILE A 468 11.51 -28.03 -29.98
C ILE A 468 10.09 -28.54 -30.24
N LEU A 469 9.86 -29.84 -30.04
CA LEU A 469 8.50 -30.37 -30.18
C LEU A 469 7.56 -29.73 -29.18
N PHE A 470 8.01 -29.57 -27.93
CA PHE A 470 7.16 -28.92 -26.92
C PHE A 470 6.79 -27.51 -27.35
N ASN A 471 7.77 -26.74 -27.82
CA ASN A 471 7.48 -25.37 -28.26
C ASN A 471 6.53 -25.35 -29.45
N LEU A 472 6.72 -26.29 -30.40
CA LEU A 472 5.86 -26.33 -31.57
C LEU A 472 4.40 -26.61 -31.20
N ILE A 473 4.19 -27.52 -30.23
CA ILE A 473 2.83 -27.77 -29.77
C ILE A 473 2.29 -26.56 -29.00
N TYR A 474 3.10 -26.03 -28.08
CA TYR A 474 2.63 -24.97 -27.18
C TYR A 474 2.22 -23.72 -27.96
N TRP A 475 3.07 -23.25 -28.87
CA TRP A 475 2.75 -22.03 -29.58
C TRP A 475 1.71 -22.22 -30.67
N SER A 476 1.21 -23.44 -30.84
CA SER A 476 0.05 -23.70 -31.68
C SER A 476 -1.24 -23.77 -30.88
N ILE A 477 -1.21 -24.39 -29.70
CA ILE A 477 -2.41 -24.49 -28.87
C ILE A 477 -2.87 -23.10 -28.44
N PHE A 478 -1.94 -22.29 -27.93
CA PHE A 478 -2.26 -20.96 -27.42
C PHE A 478 -2.07 -19.88 -28.47
N SER A 479 -1.65 -20.24 -29.68
CA SER A 479 -1.53 -19.31 -30.82
C SER A 479 -0.81 -18.01 -30.48
N ARG B 80 -49.87 14.02 4.82
CA ARG B 80 -50.04 14.74 6.08
C ARG B 80 -48.79 14.64 6.94
N ILE B 81 -47.64 14.92 6.32
CA ILE B 81 -46.35 14.76 7.01
C ILE B 81 -46.24 15.77 8.15
N ASP B 82 -46.66 17.00 7.93
CA ASP B 82 -46.45 18.07 8.90
C ASP B 82 -47.40 18.00 10.08
N ASP B 83 -48.38 17.09 10.06
CA ASP B 83 -49.37 17.01 11.12
C ASP B 83 -48.97 16.04 12.23
N HIS B 84 -47.77 15.46 12.16
CA HIS B 84 -47.38 14.40 13.07
C HIS B 84 -45.97 14.65 13.58
N ASP B 85 -45.69 14.12 14.78
CA ASP B 85 -44.36 14.15 15.38
C ASP B 85 -43.72 12.79 15.17
N PHE B 86 -42.75 12.72 14.26
CA PHE B 86 -42.13 11.46 13.86
C PHE B 86 -40.83 11.19 14.61
N SER B 87 -40.65 11.80 15.78
CA SER B 87 -39.56 11.43 16.68
C SER B 87 -39.93 10.27 17.59
N MET B 88 -41.17 9.79 17.51
CA MET B 88 -41.64 8.66 18.29
C MET B 88 -42.07 7.54 17.35
N ARG B 89 -41.75 6.30 17.73
CA ARG B 89 -42.08 5.15 16.92
C ARG B 89 -43.60 4.95 16.86
N PRO B 90 -44.09 4.27 15.82
CA PRO B 90 -45.51 3.90 15.81
C PRO B 90 -45.84 3.02 17.01
N GLY B 91 -46.97 3.32 17.66
CA GLY B 91 -47.32 2.61 18.86
C GLY B 91 -46.58 3.07 20.10
N PHE B 92 -45.96 4.25 20.07
CA PHE B 92 -45.16 4.75 21.19
C PHE B 92 -45.97 4.70 22.48
N GLY B 93 -45.38 4.09 23.51
CA GLY B 93 -46.04 3.88 24.77
C GLY B 93 -46.83 2.59 24.87
N GLY B 94 -46.94 1.83 23.77
CA GLY B 94 -47.70 0.61 23.76
C GLY B 94 -46.86 -0.61 23.41
N PRO B 95 -47.50 -1.60 22.78
CA PRO B 95 -46.80 -2.84 22.44
C PRO B 95 -45.76 -2.63 21.35
N ALA B 96 -44.84 -3.59 21.26
CA ALA B 96 -43.77 -3.54 20.27
C ALA B 96 -44.32 -3.60 18.85
N ILE B 97 -43.62 -2.95 17.94
CA ILE B 97 -43.99 -2.92 16.52
C ILE B 97 -43.22 -4.01 15.78
N PRO B 98 -43.90 -4.87 15.03
CA PRO B 98 -43.19 -5.87 14.22
C PRO B 98 -42.51 -5.25 13.00
N VAL B 99 -41.29 -5.71 12.72
CA VAL B 99 -40.55 -5.30 11.53
C VAL B 99 -39.96 -6.55 10.88
N GLY B 100 -40.28 -6.78 9.62
CA GLY B 100 -39.72 -7.88 8.85
C GLY B 100 -38.55 -7.44 7.99
N VAL B 101 -37.66 -8.39 7.68
CA VAL B 101 -36.42 -8.11 6.96
C VAL B 101 -36.29 -9.06 5.78
N ASP B 102 -35.79 -8.54 4.66
CA ASP B 102 -35.61 -9.30 3.43
C ASP B 102 -34.30 -8.84 2.80
N VAL B 103 -33.44 -9.80 2.43
CA VAL B 103 -32.09 -9.50 1.97
C VAL B 103 -31.80 -10.23 0.66
N GLN B 104 -31.22 -9.51 -0.30
CA GLN B 104 -30.64 -10.11 -1.50
C GLN B 104 -29.16 -9.75 -1.57
N VAL B 105 -28.30 -10.76 -1.64
CA VAL B 105 -26.85 -10.56 -1.63
C VAL B 105 -26.37 -10.36 -3.06
N GLU B 106 -25.65 -9.27 -3.30
CA GLU B 106 -25.22 -8.92 -4.65
C GLU B 106 -23.81 -9.43 -4.98
N SER B 107 -22.86 -9.29 -4.05
CA SER B 107 -21.51 -9.78 -4.31
C SER B 107 -20.76 -9.98 -2.99
N LEU B 108 -19.71 -10.80 -3.06
CA LEU B 108 -18.71 -10.93 -2.01
C LEU B 108 -17.41 -10.37 -2.58
N ASP B 109 -16.97 -9.23 -2.03
CA ASP B 109 -15.99 -8.42 -2.73
C ASP B 109 -14.54 -8.81 -2.42
N SER B 110 -14.23 -9.15 -1.17
CA SER B 110 -12.86 -9.53 -0.84
C SER B 110 -12.83 -10.24 0.50
N ILE B 111 -11.73 -10.94 0.75
CA ILE B 111 -11.44 -11.57 2.02
C ILE B 111 -10.00 -11.22 2.40
N SER B 112 -9.80 -10.79 3.65
CA SER B 112 -8.48 -10.36 4.14
C SER B 112 -8.08 -11.27 5.28
N GLU B 113 -7.05 -12.10 5.05
CA GLU B 113 -6.59 -13.03 6.08
C GLU B 113 -5.71 -12.34 7.12
N VAL B 114 -5.03 -11.26 6.75
CA VAL B 114 -4.23 -10.53 7.73
C VAL B 114 -5.11 -9.73 8.68
N ASP B 115 -6.25 -9.22 8.20
CA ASP B 115 -7.17 -8.48 9.04
C ASP B 115 -8.30 -9.33 9.61
N MET B 116 -8.60 -10.47 8.98
CA MET B 116 -9.74 -11.33 9.34
C MET B 116 -11.06 -10.59 9.19
N ASP B 117 -11.36 -10.21 7.93
CA ASP B 117 -12.65 -9.59 7.62
C ASP B 117 -13.03 -9.90 6.18
N PHE B 118 -14.24 -9.53 5.81
CA PHE B 118 -14.74 -9.71 4.46
C PHE B 118 -15.72 -8.58 4.13
N THR B 119 -15.90 -8.34 2.83
CA THR B 119 -16.72 -7.24 2.33
C THR B 119 -17.87 -7.79 1.48
N MET B 120 -19.08 -7.31 1.76
CA MET B 120 -20.29 -7.77 1.08
C MET B 120 -21.15 -6.58 0.66
N THR B 121 -21.79 -6.69 -0.50
CA THR B 121 -22.77 -5.74 -0.97
C THR B 121 -24.14 -6.41 -1.04
N LEU B 122 -25.15 -5.78 -0.45
CA LEU B 122 -26.46 -6.41 -0.33
C LEU B 122 -27.57 -5.37 -0.42
N TYR B 123 -28.77 -5.86 -0.74
CA TYR B 123 -29.99 -5.07 -0.70
C TYR B 123 -30.77 -5.42 0.57
N LEU B 124 -31.01 -4.43 1.42
CA LEU B 124 -31.67 -4.63 2.71
C LEU B 124 -33.07 -4.03 2.65
N ARG B 125 -34.08 -4.84 2.96
CA ARG B 125 -35.49 -4.45 2.84
C ARG B 125 -36.19 -4.56 4.18
N HIS B 126 -37.05 -3.58 4.48
CA HIS B 126 -37.80 -3.52 5.72
C HIS B 126 -39.30 -3.44 5.42
N TYR B 127 -40.10 -4.06 6.29
CA TYR B 127 -41.55 -4.01 6.18
C TYR B 127 -42.14 -3.67 7.53
N TRP B 128 -43.01 -2.66 7.57
CA TRP B 128 -43.74 -2.31 8.78
C TRP B 128 -44.97 -1.51 8.39
N LYS B 129 -45.87 -1.33 9.36
CA LYS B 129 -47.11 -0.60 9.15
C LYS B 129 -47.14 0.66 10.01
N ASP B 130 -47.61 1.76 9.43
CA ASP B 130 -47.70 3.04 10.12
C ASP B 130 -48.99 3.72 9.69
N GLU B 131 -49.95 3.84 10.61
CA GLU B 131 -51.23 4.45 10.28
C GLU B 131 -51.11 5.93 9.97
N ARG B 132 -50.05 6.60 10.44
CA ARG B 132 -49.85 8.02 10.16
C ARG B 132 -49.51 8.29 8.70
N LEU B 133 -49.17 7.27 7.92
CA LEU B 133 -48.84 7.44 6.51
C LEU B 133 -49.98 7.04 5.59
N SER B 134 -51.17 6.76 6.14
CA SER B 134 -52.31 6.40 5.32
C SER B 134 -52.77 7.59 4.48
N PHE B 135 -53.25 7.29 3.28
CA PHE B 135 -53.77 8.32 2.38
C PHE B 135 -54.95 7.76 1.61
N PRO B 136 -55.87 8.62 1.18
CA PRO B 136 -57.03 8.13 0.43
C PRO B 136 -56.66 7.72 -0.98
N SER B 137 -57.30 6.66 -1.46
CA SER B 137 -57.02 6.13 -2.79
C SER B 137 -58.20 5.29 -3.24
N THR B 138 -58.18 4.92 -4.52
CA THR B 138 -59.24 4.13 -5.13
C THR B 138 -58.75 2.80 -5.70
N ASN B 139 -57.45 2.53 -5.71
CA ASN B 139 -56.92 1.42 -6.48
C ASN B 139 -56.24 0.34 -5.64
N ASN B 140 -56.15 0.51 -4.31
CA ASN B 140 -55.57 -0.51 -3.43
C ASN B 140 -54.15 -0.89 -3.83
N LEU B 141 -53.39 0.05 -4.40
CA LEU B 141 -52.07 -0.26 -4.93
C LEU B 141 -50.98 0.57 -4.27
N SER B 142 -49.76 0.03 -4.31
CA SER B 142 -48.58 0.71 -3.78
C SER B 142 -48.22 1.92 -4.62
N MET B 143 -47.78 2.98 -3.95
CA MET B 143 -47.28 4.18 -4.61
C MET B 143 -45.83 4.41 -4.22
N THR B 144 -45.00 4.75 -5.21
CA THR B 144 -43.57 4.97 -5.00
C THR B 144 -43.30 6.46 -4.86
N PHE B 145 -42.57 6.83 -3.81
CA PHE B 145 -42.24 8.22 -3.52
C PHE B 145 -40.76 8.48 -3.77
N ASP B 146 -40.40 9.77 -3.74
CA ASP B 146 -39.09 10.20 -4.23
C ASP B 146 -37.95 9.61 -3.40
N GLY B 147 -38.11 9.54 -2.09
CA GLY B 147 -37.01 9.15 -1.21
C GLY B 147 -36.40 10.29 -0.42
N ARG B 148 -36.74 11.54 -0.76
CA ARG B 148 -36.42 12.65 0.12
C ARG B 148 -37.29 12.67 1.37
N LEU B 149 -38.38 11.92 1.37
CA LEU B 149 -39.30 11.85 2.50
C LEU B 149 -38.77 10.97 3.63
N VAL B 150 -37.71 10.19 3.38
CA VAL B 150 -37.16 9.31 4.41
C VAL B 150 -36.61 10.11 5.58
N LYS B 151 -36.22 11.35 5.35
CA LYS B 151 -35.72 12.21 6.42
C LYS B 151 -36.82 12.91 7.18
N LYS B 152 -38.09 12.68 6.81
CA LYS B 152 -39.22 13.30 7.47
C LYS B 152 -40.12 12.31 8.20
N ILE B 153 -39.86 11.00 8.09
CA ILE B 153 -40.69 9.98 8.69
C ILE B 153 -39.84 9.05 9.54
N TRP B 154 -40.52 8.25 10.35
CA TRP B 154 -39.84 7.28 11.22
C TRP B 154 -39.38 6.08 10.42
N VAL B 155 -38.15 5.63 10.67
CA VAL B 155 -37.55 4.53 9.94
C VAL B 155 -36.79 3.62 10.90
N PRO B 156 -36.89 2.29 10.74
CA PRO B 156 -36.14 1.39 11.63
C PRO B 156 -34.64 1.63 11.56
N ASP B 157 -33.99 1.45 12.71
CA ASP B 157 -32.57 1.76 12.87
C ASP B 157 -31.74 0.48 12.97
N MET B 158 -31.60 -0.21 11.84
CA MET B 158 -30.78 -1.41 11.81
C MET B 158 -29.30 -1.05 11.71
N PHE B 159 -28.46 -1.89 12.30
CA PHE B 159 -27.00 -1.73 12.17
C PHE B 159 -26.38 -3.12 12.18
N PHE B 160 -25.15 -3.19 11.68
CA PHE B 160 -24.43 -4.46 11.56
C PHE B 160 -23.48 -4.63 12.74
N VAL B 161 -23.60 -5.75 13.44
CA VAL B 161 -22.82 -5.99 14.64
C VAL B 161 -21.46 -6.56 14.26
N HIS B 162 -20.43 -6.15 15.00
CA HIS B 162 -19.05 -6.59 14.76
C HIS B 162 -18.55 -6.20 13.37
N SER B 163 -19.01 -5.06 12.86
CA SER B 163 -18.54 -4.56 11.58
C SER B 163 -17.41 -3.55 11.78
N LYS B 164 -16.57 -3.41 10.76
CA LYS B 164 -15.44 -2.48 10.80
C LYS B 164 -15.72 -1.17 10.10
N ARG B 165 -16.44 -1.21 8.98
CA ARG B 165 -16.78 -0.01 8.23
C ARG B 165 -17.90 -0.36 7.26
N SER B 166 -18.72 0.65 6.95
CA SER B 166 -19.82 0.44 6.02
C SER B 166 -20.24 1.80 5.46
N PHE B 167 -20.93 1.75 4.33
CA PHE B 167 -21.45 2.97 3.71
C PHE B 167 -22.64 2.62 2.82
N ILE B 168 -23.43 3.64 2.50
CA ILE B 168 -24.55 3.53 1.59
C ILE B 168 -24.16 4.22 0.29
N HIS B 169 -24.42 3.55 -0.83
CA HIS B 169 -24.11 4.14 -2.13
C HIS B 169 -25.03 5.32 -2.41
N ASP B 170 -24.46 6.37 -3.01
CA ASP B 170 -25.24 7.59 -3.23
C ASP B 170 -24.97 8.20 -4.61
N THR B 171 -24.71 7.37 -5.61
CA THR B 171 -24.59 7.81 -7.00
C THR B 171 -25.70 7.16 -7.82
N THR B 172 -26.42 7.95 -8.60
CA THR B 172 -26.21 9.40 -8.74
C THR B 172 -26.94 10.16 -7.63
N THR B 173 -27.75 9.43 -6.87
CA THR B 173 -28.35 9.92 -5.64
C THR B 173 -28.39 8.76 -4.65
N ASP B 174 -28.90 9.03 -3.45
CA ASP B 174 -29.03 7.97 -2.46
C ASP B 174 -29.85 6.81 -3.02
N ASN B 175 -29.31 5.60 -2.90
CA ASN B 175 -29.96 4.40 -3.43
C ASN B 175 -31.00 3.92 -2.40
N VAL B 176 -32.09 4.68 -2.31
CA VAL B 176 -33.13 4.46 -1.32
C VAL B 176 -34.47 4.41 -2.02
N MET B 177 -35.25 3.38 -1.73
CA MET B 177 -36.60 3.21 -2.26
C MET B 177 -37.61 3.29 -1.12
N LEU B 178 -38.76 3.90 -1.39
CA LEU B 178 -39.82 4.02 -0.39
C LEU B 178 -41.17 3.86 -1.08
N ARG B 179 -41.95 2.88 -0.63
CA ARG B 179 -43.27 2.63 -1.19
C ARG B 179 -44.30 2.53 -0.07
N VAL B 180 -45.44 3.16 -0.26
CA VAL B 180 -46.49 3.24 0.76
C VAL B 180 -47.81 2.78 0.16
N GLN B 181 -48.51 1.91 0.87
CA GLN B 181 -49.85 1.50 0.50
C GLN B 181 -50.89 2.40 1.18
N PRO B 182 -52.11 2.46 0.64
CA PRO B 182 -53.12 3.34 1.24
C PRO B 182 -53.38 3.10 2.72
N ASP B 183 -53.21 1.86 3.20
CA ASP B 183 -53.46 1.55 4.60
C ASP B 183 -52.26 1.82 5.50
N GLY B 184 -51.15 2.30 4.95
CA GLY B 184 -50.00 2.68 5.74
C GLY B 184 -48.85 1.69 5.78
N LYS B 185 -48.92 0.60 5.02
CA LYS B 185 -47.80 -0.34 4.99
C LYS B 185 -46.67 0.21 4.14
N VAL B 186 -45.44 0.05 4.62
CA VAL B 186 -44.27 0.71 4.06
C VAL B 186 -43.24 -0.35 3.66
N LEU B 187 -42.69 -0.20 2.47
CA LEU B 187 -41.53 -0.97 2.01
C LEU B 187 -40.35 -0.02 1.85
N TYR B 188 -39.26 -0.29 2.56
CA TYR B 188 -38.08 0.56 2.58
C TYR B 188 -36.85 -0.28 2.25
N SER B 189 -36.02 0.22 1.32
CA SER B 189 -34.94 -0.57 0.74
C SER B 189 -33.66 0.26 0.65
N LEU B 190 -32.53 -0.36 1.00
CA LEU B 190 -31.21 0.26 0.95
C LEU B 190 -30.23 -0.65 0.24
N ARG B 191 -29.25 -0.04 -0.45
CA ARG B 191 -28.12 -0.75 -1.03
C ARG B 191 -26.86 -0.34 -0.27
N VAL B 192 -26.24 -1.30 0.43
CA VAL B 192 -25.16 -1.01 1.36
C VAL B 192 -23.98 -1.95 1.11
N THR B 193 -22.81 -1.51 1.56
CA THR B 193 -21.57 -2.30 1.54
C THR B 193 -21.01 -2.37 2.95
N VAL B 194 -20.71 -3.58 3.43
CA VAL B 194 -20.34 -3.80 4.81
C VAL B 194 -19.05 -4.61 4.88
N THR B 195 -18.15 -4.20 5.76
CA THR B 195 -16.98 -4.99 6.15
C THR B 195 -17.19 -5.54 7.57
N ALA B 196 -17.05 -6.84 7.73
CA ALA B 196 -17.35 -7.50 9.00
C ALA B 196 -16.26 -8.51 9.33
N MET B 197 -16.07 -8.76 10.62
CA MET B 197 -14.97 -9.58 11.09
C MET B 197 -15.36 -11.06 11.13
N CYS B 198 -14.33 -11.92 11.10
CA CYS B 198 -14.51 -13.36 11.19
C CYS B 198 -13.25 -13.98 11.79
N ASN B 199 -13.43 -14.94 12.68
CA ASN B 199 -12.32 -15.62 13.33
C ASN B 199 -11.92 -16.84 12.50
N MET B 200 -10.79 -16.73 11.81
CA MET B 200 -10.32 -17.79 10.94
C MET B 200 -9.34 -18.71 11.66
N ASP B 201 -9.38 -19.99 11.30
CA ASP B 201 -8.49 -21.00 11.84
C ASP B 201 -7.59 -21.48 10.71
N PHE B 202 -6.28 -21.24 10.86
CA PHE B 202 -5.31 -21.56 9.80
C PHE B 202 -4.45 -22.78 10.13
N SER B 203 -4.89 -23.64 11.04
CA SER B 203 -4.09 -24.81 11.38
C SER B 203 -3.90 -25.72 10.18
N ARG B 204 -4.94 -25.91 9.38
CA ARG B 204 -4.92 -26.79 8.22
C ARG B 204 -4.63 -26.07 6.92
N PHE B 205 -4.24 -24.80 6.99
CA PHE B 205 -3.92 -24.03 5.79
C PHE B 205 -2.84 -24.75 4.98
N PRO B 206 -2.97 -24.85 3.65
CA PRO B 206 -4.03 -24.31 2.79
C PRO B 206 -5.19 -25.24 2.50
N LEU B 207 -5.43 -26.23 3.38
CA LEU B 207 -6.52 -27.17 3.22
C LEU B 207 -7.70 -26.85 4.15
N ASP B 208 -7.78 -25.63 4.64
CA ASP B 208 -8.73 -25.23 5.66
C ASP B 208 -10.08 -24.89 5.05
N THR B 209 -11.11 -24.95 5.88
CA THR B 209 -12.46 -24.51 5.56
C THR B 209 -12.95 -23.59 6.67
N GLN B 210 -13.50 -22.44 6.28
CA GLN B 210 -13.89 -21.42 7.24
C GLN B 210 -15.38 -21.12 7.12
N THR B 211 -15.97 -20.74 8.25
CA THR B 211 -17.37 -20.31 8.30
C THR B 211 -17.42 -18.85 8.73
N CYS B 212 -18.45 -18.15 8.25
CA CYS B 212 -18.59 -16.72 8.50
C CYS B 212 -20.05 -16.38 8.63
N SER B 213 -20.33 -15.20 9.18
CA SER B 213 -21.71 -14.76 9.36
C SER B 213 -21.76 -13.23 9.35
N LEU B 214 -22.94 -12.71 9.01
CA LEU B 214 -23.24 -11.29 9.09
C LEU B 214 -24.46 -11.11 9.99
N GLU B 215 -24.36 -10.17 10.92
CA GLU B 215 -25.36 -10.01 11.97
C GLU B 215 -26.08 -8.67 11.82
N ILE B 216 -27.40 -8.71 11.90
CA ILE B 216 -28.26 -7.53 11.77
C ILE B 216 -29.04 -7.37 13.07
N GLU B 217 -29.07 -6.15 13.60
CA GLU B 217 -29.72 -5.87 14.88
C GLU B 217 -30.11 -4.40 14.91
N SER B 218 -31.15 -4.08 15.67
CA SER B 218 -31.50 -2.69 15.91
C SER B 218 -30.64 -2.12 17.04
N TYR B 219 -30.43 -0.80 17.00
CA TYR B 219 -29.51 -0.17 17.93
C TYR B 219 -30.19 0.35 19.19
N ALA B 220 -31.35 1.00 19.06
CA ALA B 220 -31.93 1.74 20.16
C ALA B 220 -33.10 1.04 20.84
N TYR B 221 -33.87 0.22 20.12
CA TYR B 221 -35.10 -0.33 20.65
C TYR B 221 -34.87 -1.78 21.08
N THR B 222 -35.26 -2.09 22.31
CA THR B 222 -35.14 -3.43 22.85
C THR B 222 -36.29 -4.29 22.34
N GLU B 223 -36.27 -5.57 22.72
CA GLU B 223 -37.31 -6.50 22.25
C GLU B 223 -38.69 -6.16 22.82
N ASP B 224 -38.77 -5.26 23.81
CA ASP B 224 -40.06 -4.78 24.28
C ASP B 224 -40.65 -3.74 23.34
N ASP B 225 -39.81 -3.03 22.59
CA ASP B 225 -40.26 -1.94 21.74
C ASP B 225 -40.32 -2.29 20.26
N LEU B 226 -39.44 -3.17 19.78
CA LEU B 226 -39.37 -3.51 18.37
C LEU B 226 -39.10 -5.00 18.21
N MET B 227 -39.96 -5.68 17.46
CA MET B 227 -39.82 -7.11 17.20
C MET B 227 -39.25 -7.31 15.79
N LEU B 228 -38.06 -7.88 15.71
CA LEU B 228 -37.35 -8.08 14.46
C LEU B 228 -37.39 -9.56 14.08
N TYR B 229 -37.79 -9.85 12.84
CA TYR B 229 -37.92 -11.23 12.39
C TYR B 229 -37.71 -11.30 10.88
N TRP B 230 -37.44 -12.52 10.40
CA TRP B 230 -37.31 -12.76 8.96
C TRP B 230 -38.69 -12.75 8.29
N LYS B 231 -38.78 -12.03 7.17
CA LYS B 231 -40.08 -11.80 6.54
C LYS B 231 -40.73 -13.09 6.08
N LYS B 232 -39.95 -14.01 5.49
CA LYS B 232 -40.49 -15.25 4.95
C LYS B 232 -39.77 -16.47 5.49
N GLY B 233 -39.24 -16.38 6.71
CA GLY B 233 -38.46 -17.49 7.24
C GLY B 233 -37.15 -17.66 6.49
N ASN B 234 -36.86 -18.90 6.09
CA ASN B 234 -35.61 -19.19 5.42
C ASN B 234 -35.65 -18.91 3.92
N ASP B 235 -36.78 -18.45 3.40
CA ASP B 235 -36.90 -18.03 2.01
C ASP B 235 -36.67 -16.53 1.83
N SER B 236 -36.26 -15.83 2.89
CA SER B 236 -36.02 -14.39 2.83
C SER B 236 -34.63 -14.03 2.33
N LEU B 237 -33.78 -15.02 2.05
CA LEU B 237 -32.41 -14.77 1.60
C LEU B 237 -32.26 -15.26 0.17
N LYS B 238 -31.89 -14.34 -0.72
CA LYS B 238 -31.61 -14.65 -2.11
C LYS B 238 -30.18 -14.22 -2.43
N THR B 239 -29.53 -14.97 -3.32
CA THR B 239 -28.14 -14.71 -3.70
C THR B 239 -28.01 -14.65 -5.21
N ASP B 240 -27.12 -13.77 -5.67
CA ASP B 240 -26.92 -13.57 -7.09
C ASP B 240 -26.20 -14.77 -7.71
N GLU B 241 -26.49 -15.02 -8.99
CA GLU B 241 -25.87 -16.12 -9.70
C GLU B 241 -24.41 -15.86 -10.07
N ARG B 242 -23.97 -14.60 -10.02
CA ARG B 242 -22.61 -14.25 -10.39
C ARG B 242 -21.67 -14.14 -9.19
N ILE B 243 -22.13 -14.52 -8.00
CA ILE B 243 -21.28 -14.44 -6.82
C ILE B 243 -20.16 -15.47 -6.92
N SER B 244 -18.92 -15.01 -6.79
CA SER B 244 -17.78 -15.91 -6.90
C SER B 244 -16.56 -15.26 -6.27
N LEU B 245 -15.62 -16.10 -5.84
CA LEU B 245 -14.33 -15.65 -5.35
C LEU B 245 -13.23 -16.46 -6.02
N SER B 246 -12.10 -15.81 -6.26
CA SER B 246 -11.04 -16.45 -7.02
C SER B 246 -10.35 -17.56 -6.23
N GLN B 247 -10.26 -17.42 -4.91
CA GLN B 247 -9.53 -18.38 -4.09
C GLN B 247 -10.44 -19.34 -3.33
N PHE B 248 -11.74 -19.10 -3.29
CA PHE B 248 -12.63 -19.87 -2.43
C PHE B 248 -13.84 -20.38 -3.20
N LEU B 249 -14.40 -21.48 -2.72
CA LEU B 249 -15.72 -21.96 -3.13
C LEU B 249 -16.74 -21.55 -2.07
N ILE B 250 -17.86 -20.99 -2.52
CA ILE B 250 -18.89 -20.47 -1.62
C ILE B 250 -20.07 -21.45 -1.62
N GLN B 251 -20.55 -21.80 -0.42
CA GLN B 251 -21.62 -22.77 -0.28
C GLN B 251 -22.46 -22.47 0.95
N GLU B 252 -23.69 -22.98 0.94
CA GLU B 252 -24.52 -23.15 2.13
C GLU B 252 -24.89 -21.81 2.79
N PHE B 253 -25.53 -20.95 2.00
CA PHE B 253 -26.19 -19.77 2.58
C PHE B 253 -27.44 -20.20 3.35
N HIS B 254 -27.58 -19.72 4.58
CA HIS B 254 -28.81 -19.94 5.35
C HIS B 254 -28.87 -18.92 6.47
N THR B 255 -30.06 -18.80 7.06
CA THR B 255 -30.37 -17.79 8.06
C THR B 255 -30.71 -18.41 9.40
N THR B 256 -30.38 -17.69 10.47
CA THR B 256 -30.72 -18.09 11.84
C THR B 256 -31.05 -16.84 12.64
N THR B 257 -31.59 -17.04 13.85
CA THR B 257 -31.89 -15.95 14.77
C THR B 257 -31.43 -16.32 16.17
N LYS B 258 -31.20 -15.28 16.98
CA LYS B 258 -30.81 -15.47 18.37
C LYS B 258 -31.18 -14.21 19.16
N LEU B 259 -31.24 -14.36 20.48
CA LEU B 259 -31.53 -13.26 21.39
C LEU B 259 -30.26 -12.84 22.11
N ALA B 260 -29.94 -11.55 22.05
CA ALA B 260 -28.71 -11.00 22.60
C ALA B 260 -28.99 -10.16 23.84
N PHE B 261 -28.00 -10.12 24.74
CA PHE B 261 -28.14 -9.40 26.00
C PHE B 261 -26.98 -8.42 26.19
N TYR B 262 -27.32 -7.21 26.62
CA TYR B 262 -26.35 -6.21 27.04
C TYR B 262 -26.60 -5.88 28.51
N SER B 263 -25.53 -5.84 29.29
CA SER B 263 -25.70 -5.66 30.74
C SER B 263 -26.35 -4.34 31.08
N SER B 264 -26.10 -3.29 30.29
CA SER B 264 -26.56 -1.95 30.63
C SER B 264 -27.85 -1.53 29.92
N THR B 265 -28.24 -2.20 28.84
CA THR B 265 -29.37 -1.70 28.04
C THR B 265 -30.55 -2.67 28.02
N GLY B 266 -30.36 -3.93 27.61
CA GLY B 266 -31.47 -4.86 27.61
C GLY B 266 -31.24 -5.98 26.59
N TRP B 267 -32.35 -6.63 26.24
CA TRP B 267 -32.37 -7.75 25.33
C TRP B 267 -32.73 -7.31 23.91
N TYR B 268 -32.02 -7.87 22.92
CA TYR B 268 -32.21 -7.52 21.52
C TYR B 268 -32.28 -8.77 20.67
N ASN B 269 -33.01 -8.67 19.55
CA ASN B 269 -33.09 -9.74 18.56
C ASN B 269 -32.00 -9.57 17.51
N ARG B 270 -31.38 -10.69 17.14
CA ARG B 270 -30.34 -10.72 16.11
C ARG B 270 -30.75 -11.65 14.97
N LEU B 271 -30.37 -11.26 13.75
CA LEU B 271 -30.54 -12.08 12.56
C LEU B 271 -29.17 -12.40 11.99
N TYR B 272 -28.98 -13.64 11.51
CA TYR B 272 -27.70 -14.11 11.03
C TYR B 272 -27.80 -14.55 9.57
N ILE B 273 -26.75 -14.26 8.80
CA ILE B 273 -26.59 -14.75 7.44
C ILE B 273 -25.31 -15.58 7.42
N ASN B 274 -25.43 -16.88 7.19
CA ASN B 274 -24.31 -17.79 7.29
C ASN B 274 -23.85 -18.25 5.90
N PHE B 275 -22.56 -18.55 5.79
CA PHE B 275 -22.02 -19.18 4.59
C PHE B 275 -20.70 -19.85 4.94
N THR B 276 -20.26 -20.74 4.05
CA THR B 276 -19.05 -21.53 4.23
C THR B 276 -18.14 -21.38 3.02
N LEU B 277 -16.84 -21.29 3.27
CA LEU B 277 -15.85 -21.06 2.23
C LEU B 277 -14.85 -22.20 2.20
N ARG B 278 -14.61 -22.74 1.00
CA ARG B 278 -13.60 -23.78 0.79
C ARG B 278 -12.50 -23.24 -0.11
N ARG B 279 -11.25 -23.40 0.31
CA ARG B 279 -10.11 -22.92 -0.45
C ARG B 279 -9.71 -23.91 -1.53
N HIS B 280 -9.33 -23.39 -2.69
CA HIS B 280 -8.75 -24.21 -3.75
C HIS B 280 -7.26 -24.41 -3.49
N ILE B 281 -6.75 -25.60 -3.78
CA ILE B 281 -5.41 -26.01 -3.36
C ILE B 281 -4.47 -26.24 -4.54
N PHE B 282 -4.94 -26.13 -5.77
CA PHE B 282 -4.06 -26.39 -6.92
C PHE B 282 -2.88 -25.44 -6.94
N PHE B 283 -3.14 -24.15 -6.69
CA PHE B 283 -2.08 -23.14 -6.70
C PHE B 283 -0.95 -23.52 -5.75
N PHE B 284 -1.30 -23.91 -4.52
CA PHE B 284 -0.28 -24.22 -3.53
C PHE B 284 0.43 -25.52 -3.87
N LEU B 285 -0.29 -26.52 -4.37
CA LEU B 285 0.33 -27.77 -4.77
C LEU B 285 1.35 -27.55 -5.87
N LEU B 286 1.06 -26.64 -6.80
CA LEU B 286 2.02 -26.35 -7.87
C LEU B 286 3.18 -25.49 -7.38
N GLN B 287 2.92 -24.49 -6.54
CA GLN B 287 3.94 -23.51 -6.22
C GLN B 287 4.86 -23.92 -5.07
N THR B 288 4.36 -24.64 -4.07
CA THR B 288 5.10 -24.87 -2.84
C THR B 288 5.52 -26.32 -2.64
N TYR B 289 4.57 -27.26 -2.71
CA TYR B 289 4.89 -28.65 -2.42
C TYR B 289 5.80 -29.24 -3.48
N PHE B 290 5.55 -28.93 -4.75
CA PHE B 290 6.30 -29.54 -5.85
C PHE B 290 7.79 -29.23 -5.82
N PRO B 291 8.24 -27.96 -5.76
CA PRO B 291 9.70 -27.73 -5.77
C PRO B 291 10.41 -28.25 -4.53
N ALA B 292 9.76 -28.27 -3.37
CA ALA B 292 10.39 -28.82 -2.18
C ALA B 292 10.64 -30.32 -2.33
N THR B 293 9.68 -31.03 -2.89
CA THR B 293 9.86 -32.45 -3.18
C THR B 293 10.97 -32.67 -4.20
N LEU B 294 11.01 -31.81 -5.24
CA LEU B 294 12.05 -31.96 -6.24
C LEU B 294 13.44 -31.72 -5.65
N MET B 295 13.57 -30.73 -4.78
CA MET B 295 14.88 -30.48 -4.16
C MET B 295 15.27 -31.59 -3.21
N VAL B 296 14.32 -32.16 -2.47
CA VAL B 296 14.63 -33.30 -1.63
C VAL B 296 15.11 -34.47 -2.47
N MET B 297 14.47 -34.72 -3.60
CA MET B 297 14.90 -35.82 -4.47
C MET B 297 16.25 -35.51 -5.13
N LEU B 298 16.54 -34.24 -5.42
CA LEU B 298 17.85 -33.87 -5.94
C LEU B 298 18.95 -34.11 -4.91
N SER B 299 18.65 -33.91 -3.62
CA SER B 299 19.64 -34.19 -2.59
C SER B 299 20.08 -35.65 -2.58
N TRP B 300 19.19 -36.56 -2.99
CA TRP B 300 19.48 -37.99 -2.95
C TRP B 300 20.46 -38.43 -4.02
N VAL B 301 20.74 -37.59 -5.02
CA VAL B 301 21.67 -37.97 -6.09
C VAL B 301 23.06 -38.23 -5.53
N SER B 302 23.45 -37.49 -4.48
CA SER B 302 24.80 -37.57 -3.93
C SER B 302 25.18 -38.99 -3.55
N PHE B 303 24.22 -39.81 -3.14
CA PHE B 303 24.54 -41.18 -2.72
C PHE B 303 25.03 -42.05 -3.87
N TRP B 304 24.74 -41.67 -5.11
CA TRP B 304 25.12 -42.45 -6.28
C TRP B 304 26.41 -41.96 -6.91
N ILE B 305 27.06 -40.96 -6.34
CA ILE B 305 28.28 -40.38 -6.89
C ILE B 305 29.47 -40.97 -6.14
N ASP B 306 30.54 -41.27 -6.88
CA ASP B 306 31.76 -41.81 -6.29
C ASP B 306 32.24 -40.92 -5.15
N ARG B 307 32.47 -41.53 -3.99
CA ARG B 307 32.82 -40.77 -2.79
C ARG B 307 34.21 -40.13 -2.89
N ARG B 308 35.04 -40.58 -3.83
CA ARG B 308 36.35 -39.96 -4.00
C ARG B 308 36.25 -38.56 -4.60
N ALA B 309 35.12 -38.23 -5.22
CA ALA B 309 34.89 -36.89 -5.77
C ALA B 309 34.26 -35.99 -4.70
N VAL B 310 35.11 -35.59 -3.74
CA VAL B 310 34.65 -34.68 -2.70
C VAL B 310 34.20 -33.32 -3.24
N PRO B 311 34.95 -32.67 -4.13
CA PRO B 311 34.52 -31.34 -4.60
C PRO B 311 33.40 -31.39 -5.63
N ALA B 312 32.75 -32.54 -5.76
CA ALA B 312 31.47 -32.71 -6.44
C ALA B 312 30.33 -32.91 -5.47
N ARG B 313 30.53 -33.71 -4.43
CA ARG B 313 29.45 -34.05 -3.52
C ARG B 313 29.23 -33.00 -2.45
N VAL B 314 30.25 -32.26 -2.03
CA VAL B 314 30.02 -31.20 -1.03
C VAL B 314 29.29 -30.01 -1.65
N PRO B 315 29.77 -29.44 -2.78
CA PRO B 315 29.05 -28.31 -3.39
C PRO B 315 27.59 -28.61 -3.70
N LEU B 316 27.28 -29.83 -4.15
CA LEU B 316 25.91 -30.18 -4.48
C LEU B 316 25.01 -30.06 -3.26
N GLY B 317 25.45 -30.60 -2.12
CA GLY B 317 24.65 -30.51 -0.91
C GLY B 317 24.47 -29.07 -0.45
N ILE B 318 25.56 -28.29 -0.43
CA ILE B 318 25.43 -26.94 0.09
C ILE B 318 24.55 -26.08 -0.83
N THR B 319 24.63 -26.32 -2.15
CA THR B 319 23.77 -25.59 -3.08
C THR B 319 22.32 -25.98 -2.92
N THR B 320 22.06 -27.27 -2.67
CA THR B 320 20.68 -27.70 -2.42
C THR B 320 20.11 -27.04 -1.16
N VAL B 321 20.93 -26.93 -0.11
CA VAL B 321 20.49 -26.25 1.10
C VAL B 321 20.16 -24.79 0.81
N LEU B 322 21.03 -24.11 0.06
CA LEU B 322 20.78 -22.71 -0.30
C LEU B 322 19.49 -22.56 -1.09
N THR B 323 19.25 -23.44 -2.06
CA THR B 323 18.05 -23.36 -2.88
C THR B 323 16.79 -23.59 -2.03
N MET B 324 16.83 -24.58 -1.13
CA MET B 324 15.67 -24.83 -0.28
C MET B 324 15.38 -23.64 0.62
N SER B 325 16.43 -23.03 1.18
CA SER B 325 16.22 -21.85 2.03
C SER B 325 15.60 -20.71 1.24
N THR B 326 16.09 -20.47 0.01
CA THR B 326 15.51 -19.41 -0.82
C THR B 326 14.04 -19.68 -1.15
N ILE B 327 13.71 -20.94 -1.43
CA ILE B 327 12.32 -21.30 -1.70
C ILE B 327 11.45 -21.02 -0.49
N ILE B 328 11.92 -21.42 0.70
CA ILE B 328 11.14 -21.21 1.91
C ILE B 328 10.91 -19.73 2.14
N THR B 329 11.95 -18.90 1.95
CA THR B 329 11.78 -17.46 2.13
C THR B 329 10.75 -16.91 1.14
N GLY B 330 10.87 -17.29 -0.13
CA GLY B 330 9.97 -16.79 -1.14
C GLY B 330 8.52 -17.15 -0.87
N VAL B 331 8.27 -18.34 -0.34
CA VAL B 331 6.89 -18.72 -0.07
C VAL B 331 6.39 -18.09 1.23
N ASN B 332 7.26 -17.98 2.24
CA ASN B 332 6.86 -17.35 3.49
C ASN B 332 6.54 -15.87 3.31
N ALA B 333 7.05 -15.25 2.24
CA ALA B 333 6.80 -13.83 2.03
C ALA B 333 5.32 -13.46 2.04
N SER B 334 4.44 -14.39 1.62
CA SER B 334 3.04 -14.07 1.43
C SER B 334 2.06 -14.80 2.34
N MET B 335 2.53 -15.61 3.30
CA MET B 335 1.59 -16.48 3.99
C MET B 335 1.14 -15.88 5.32
N PRO B 336 -0.04 -16.28 5.80
CA PRO B 336 -0.53 -15.77 7.09
C PRO B 336 0.36 -16.20 8.25
N ARG B 337 0.36 -15.36 9.30
CA ARG B 337 1.13 -15.61 10.50
C ARG B 337 0.17 -15.90 11.66
N VAL B 338 0.42 -17.02 12.35
CA VAL B 338 -0.37 -17.43 13.51
C VAL B 338 0.57 -17.93 14.60
N SER B 339 0.02 -18.09 15.81
CA SER B 339 0.78 -18.54 16.96
C SER B 339 1.11 -20.03 16.92
N TYR B 340 0.53 -20.78 15.99
CA TYR B 340 0.77 -22.20 15.84
C TYR B 340 1.36 -22.46 14.46
N ILE B 341 1.61 -23.73 14.16
CA ILE B 341 2.29 -24.13 12.92
C ILE B 341 1.25 -24.64 11.92
N LYS B 342 1.31 -24.13 10.71
CA LYS B 342 0.45 -24.57 9.63
C LYS B 342 1.06 -25.82 8.97
N ALA B 343 0.21 -26.53 8.23
CA ALA B 343 0.63 -27.77 7.58
C ALA B 343 1.80 -27.53 6.62
N VAL B 344 1.73 -26.44 5.84
CA VAL B 344 2.75 -26.19 4.83
C VAL B 344 4.11 -25.96 5.46
N ASP B 345 4.16 -25.33 6.64
CA ASP B 345 5.43 -25.15 7.31
C ASP B 345 5.98 -26.45 7.85
N ILE B 346 5.10 -27.38 8.23
CA ILE B 346 5.56 -28.72 8.64
C ILE B 346 6.24 -29.42 7.47
N TYR B 347 5.59 -29.40 6.31
CA TYR B 347 6.17 -30.04 5.14
C TYR B 347 7.52 -29.41 4.77
N LEU B 348 7.56 -28.07 4.72
CA LEU B 348 8.77 -27.39 4.27
C LEU B 348 9.95 -27.63 5.22
N TRP B 349 9.71 -27.57 6.53
CA TRP B 349 10.82 -27.73 7.45
C TRP B 349 11.26 -29.18 7.58
N VAL B 350 10.35 -30.14 7.38
CA VAL B 350 10.80 -31.54 7.32
C VAL B 350 11.70 -31.75 6.11
N SER B 351 11.34 -31.15 4.97
CA SER B 351 12.21 -31.25 3.79
C SER B 351 13.59 -30.65 4.05
N PHE B 352 13.62 -29.49 4.71
CA PHE B 352 14.89 -28.85 5.03
C PHE B 352 15.76 -29.75 5.90
N VAL B 353 15.14 -30.39 6.90
CA VAL B 353 15.88 -31.31 7.77
C VAL B 353 16.44 -32.49 6.98
N PHE B 354 15.67 -33.00 6.02
CA PHE B 354 16.17 -34.09 5.18
C PHE B 354 17.45 -33.69 4.44
N VAL B 355 17.45 -32.49 3.85
CA VAL B 355 18.65 -32.06 3.12
C VAL B 355 19.84 -31.91 4.07
N PHE B 356 19.59 -31.32 5.24
CA PHE B 356 20.63 -31.16 6.26
C PHE B 356 21.25 -32.51 6.62
N LEU B 357 20.40 -33.52 6.82
CA LEU B 357 20.90 -34.84 7.18
C LEU B 357 21.71 -35.48 6.06
N SER B 358 21.35 -35.23 4.80
CA SER B 358 22.17 -35.75 3.71
C SER B 358 23.58 -35.16 3.75
N VAL B 359 23.68 -33.86 4.02
CA VAL B 359 25.02 -33.25 4.13
C VAL B 359 25.82 -33.88 5.26
N LEU B 360 25.17 -34.08 6.42
CA LEU B 360 25.87 -34.68 7.55
C LEU B 360 26.34 -36.10 7.22
N GLU B 361 25.53 -36.87 6.50
CA GLU B 361 25.92 -38.23 6.14
C GLU B 361 27.17 -38.24 5.27
N TYR B 362 27.22 -37.35 4.27
CA TYR B 362 28.43 -37.33 3.45
C TYR B 362 29.66 -36.96 4.27
N ALA B 363 29.51 -36.02 5.20
CA ALA B 363 30.64 -35.67 6.06
C ALA B 363 31.14 -36.88 6.85
N ALA B 364 30.20 -37.67 7.38
CA ALA B 364 30.58 -38.86 8.15
C ALA B 364 31.33 -39.86 7.28
N VAL B 365 30.85 -40.07 6.04
CA VAL B 365 31.51 -41.01 5.14
C VAL B 365 32.94 -40.57 4.86
N ASN B 366 33.14 -39.28 4.58
CA ASN B 366 34.48 -38.78 4.30
C ASN B 366 35.41 -39.00 5.49
N TYR B 367 34.94 -38.68 6.70
CA TYR B 367 35.79 -38.84 7.88
C TYR B 367 36.20 -40.30 8.07
N LEU B 368 35.24 -41.22 7.96
CA LEU B 368 35.57 -42.63 8.17
C LEU B 368 36.57 -43.12 7.13
N THR B 369 36.40 -42.71 5.87
CA THR B 369 37.34 -43.13 4.85
C THR B 369 38.75 -42.64 5.13
N THR B 370 38.89 -41.38 5.56
CA THR B 370 40.21 -40.86 5.89
C THR B 370 40.83 -41.61 7.06
N VAL B 371 40.03 -41.94 8.07
CA VAL B 371 40.53 -42.70 9.22
C VAL B 371 41.06 -44.05 8.77
N GLN B 372 40.31 -44.75 7.89
CA GLN B 372 40.76 -46.05 7.43
C GLN B 372 42.04 -45.94 6.61
N GLU B 373 42.17 -44.89 5.81
CA GLU B 373 43.41 -44.71 5.04
C GLU B 373 44.61 -44.50 5.96
N ARG B 374 44.42 -43.73 7.04
CA ARG B 374 45.52 -43.57 8.00
C ARG B 374 45.89 -44.89 8.65
N LYS B 375 44.88 -45.70 9.00
CA LYS B 375 45.18 -47.01 9.58
C LYS B 375 45.95 -47.88 8.60
N GLU B 376 45.59 -47.84 7.31
CA GLU B 376 46.32 -48.60 6.31
C GLU B 376 47.76 -48.12 6.20
N GLN B 377 47.99 -46.81 6.28
CA GLN B 377 49.35 -46.28 6.23
C GLN B 377 50.17 -46.78 7.41
N LYS B 378 49.58 -46.80 8.61
CA LYS B 378 50.32 -47.28 9.77
C LYS B 378 50.53 -48.79 9.74
N LEU B 379 49.63 -49.53 9.09
CA LEU B 379 49.89 -50.95 8.86
C LEU B 379 51.09 -51.14 7.93
N ARG B 380 51.18 -50.35 6.86
CA ARG B 380 52.27 -50.46 5.91
C ARG B 380 53.61 -50.12 6.53
N ASP B 451 35.57 -50.14 -2.86
CA ASP B 451 34.17 -50.56 -2.78
C ASP B 451 33.28 -49.42 -2.31
N THR B 452 31.97 -49.63 -2.37
CA THR B 452 31.01 -48.64 -1.88
C THR B 452 30.87 -48.76 -0.37
N HIS B 453 30.91 -47.62 0.32
CA HIS B 453 30.82 -47.62 1.76
C HIS B 453 29.41 -48.05 2.20
N ALA B 454 29.35 -48.77 3.32
CA ALA B 454 28.08 -49.31 3.80
C ALA B 454 27.05 -48.21 4.05
N ILE B 455 27.50 -47.05 4.53
CA ILE B 455 26.57 -45.99 4.89
C ILE B 455 25.81 -45.50 3.65
N ASP B 456 26.50 -45.35 2.53
CA ASP B 456 25.85 -44.88 1.31
C ASP B 456 24.84 -45.88 0.79
N LYS B 457 25.19 -47.17 0.79
CA LYS B 457 24.28 -48.17 0.26
C LYS B 457 23.08 -48.38 1.19
N TYR B 458 23.26 -48.15 2.49
CA TYR B 458 22.11 -48.21 3.40
C TYR B 458 21.23 -46.97 3.23
N SER B 459 21.83 -45.81 3.02
CA SER B 459 21.05 -44.58 2.88
C SER B 459 20.26 -44.56 1.58
N ARG B 460 20.79 -45.17 0.51
CA ARG B 460 20.06 -45.24 -0.74
C ARG B 460 18.69 -45.90 -0.58
N ILE B 461 18.53 -46.71 0.45
CA ILE B 461 17.26 -47.34 0.76
C ILE B 461 16.51 -46.59 1.85
N ILE B 462 17.23 -46.17 2.90
CA ILE B 462 16.57 -45.60 4.07
C ILE B 462 15.94 -44.25 3.74
N PHE B 463 16.66 -43.38 3.03
CA PHE B 463 16.15 -42.02 2.82
C PHE B 463 14.85 -41.99 2.00
N PRO B 464 14.78 -42.57 0.80
CA PRO B 464 13.50 -42.56 0.06
C PRO B 464 12.36 -43.20 0.82
N ALA B 465 12.60 -44.32 1.50
CA ALA B 465 11.54 -44.99 2.24
C ALA B 465 11.03 -44.13 3.38
N ALA B 466 11.93 -43.46 4.09
CA ALA B 466 11.50 -42.58 5.18
C ALA B 466 10.68 -41.41 4.64
N TYR B 467 11.08 -40.84 3.51
CA TYR B 467 10.30 -39.75 2.94
C TYR B 467 8.92 -40.24 2.49
N ILE B 468 8.86 -41.44 1.91
CA ILE B 468 7.58 -42.01 1.50
C ILE B 468 6.66 -42.24 2.70
N LEU B 469 7.23 -42.74 3.81
CA LEU B 469 6.43 -42.93 5.02
C LEU B 469 5.90 -41.61 5.55
N PHE B 470 6.76 -40.59 5.57
CA PHE B 470 6.34 -39.26 6.01
C PHE B 470 5.19 -38.75 5.16
N ASN B 471 5.29 -38.90 3.83
CA ASN B 471 4.23 -38.42 2.96
C ASN B 471 2.93 -39.22 3.13
N LEU B 472 3.02 -40.53 3.32
CA LEU B 472 1.81 -41.33 3.54
C LEU B 472 1.08 -40.91 4.81
N ILE B 473 1.84 -40.64 5.88
CA ILE B 473 1.20 -40.20 7.11
C ILE B 473 0.64 -38.80 6.93
N TYR B 474 1.41 -37.91 6.31
CA TYR B 474 0.98 -36.53 6.18
C TYR B 474 -0.30 -36.44 5.37
N TRP B 475 -0.32 -37.06 4.19
CA TRP B 475 -1.49 -36.96 3.34
C TRP B 475 -2.67 -37.77 3.87
N SER B 476 -2.45 -38.61 4.88
CA SER B 476 -3.59 -39.26 5.52
C SER B 476 -4.13 -38.47 6.71
N ILE B 477 -3.30 -37.67 7.36
CA ILE B 477 -3.78 -36.83 8.47
C ILE B 477 -4.50 -35.59 7.96
N PHE B 478 -3.89 -34.86 7.03
CA PHE B 478 -4.45 -33.61 6.55
C PHE B 478 -5.32 -33.75 5.31
N SER B 479 -5.55 -34.99 4.85
CA SER B 479 -6.33 -35.27 3.65
C SER B 479 -5.79 -34.55 2.41
N ARG C 80 -40.69 19.94 25.53
CA ARG C 80 -40.57 21.38 25.29
C ARG C 80 -39.19 21.72 24.75
N ILE C 81 -38.82 21.13 23.62
CA ILE C 81 -37.52 21.42 23.03
C ILE C 81 -37.43 22.88 22.59
N ASP C 82 -38.53 23.41 22.05
CA ASP C 82 -38.53 24.76 21.49
C ASP C 82 -38.65 25.86 22.53
N ASP C 83 -38.74 25.52 23.82
CA ASP C 83 -38.93 26.51 24.87
C ASP C 83 -37.65 26.81 25.66
N HIS C 84 -36.52 26.23 25.29
CA HIS C 84 -35.30 26.39 26.06
C HIS C 84 -34.13 26.64 25.11
N ASP C 85 -33.09 27.27 25.64
CA ASP C 85 -31.85 27.51 24.91
C ASP C 85 -30.85 26.43 25.32
N PHE C 86 -30.53 25.53 24.39
CA PHE C 86 -29.65 24.39 24.67
C PHE C 86 -28.21 24.64 24.24
N SER C 87 -27.84 25.90 24.01
CA SER C 87 -26.43 26.24 23.90
C SER C 87 -25.77 26.42 25.26
N MET C 88 -26.54 26.41 26.33
CA MET C 88 -26.04 26.53 27.69
C MET C 88 -26.26 25.22 28.43
N ARG C 89 -25.25 24.82 29.21
CA ARG C 89 -25.33 23.57 29.95
C ARG C 89 -26.37 23.66 31.05
N PRO C 90 -26.85 22.51 31.55
CA PRO C 90 -27.66 22.52 32.77
C PRO C 90 -26.85 23.10 33.92
N GLY C 91 -27.51 23.91 34.75
CA GLY C 91 -26.81 24.54 35.84
C GLY C 91 -25.91 25.69 35.45
N PHE C 92 -26.07 26.22 34.24
CA PHE C 92 -25.23 27.29 33.72
C PHE C 92 -25.13 28.44 34.72
N GLY C 93 -23.89 28.78 35.10
CA GLY C 93 -23.64 29.77 36.12
C GLY C 93 -23.49 29.23 37.52
N GLY C 94 -23.77 27.95 37.75
CA GLY C 94 -23.70 27.37 39.06
C GLY C 94 -22.73 26.21 39.17
N PRO C 95 -22.98 25.32 40.13
CA PRO C 95 -22.06 24.19 40.36
C PRO C 95 -22.01 23.23 39.18
N ALA C 96 -20.93 22.46 39.14
CA ALA C 96 -20.68 21.52 38.05
C ALA C 96 -21.74 20.42 38.00
N ILE C 97 -22.01 19.94 36.79
CA ILE C 97 -22.98 18.89 36.57
C ILE C 97 -22.26 17.55 36.53
N PRO C 98 -22.63 16.57 37.36
CA PRO C 98 -21.98 15.26 37.31
C PRO C 98 -22.40 14.47 36.07
N VAL C 99 -21.42 13.84 35.43
CA VAL C 99 -21.65 13.03 34.23
C VAL C 99 -20.93 11.69 34.42
N GLY C 100 -21.69 10.60 34.37
CA GLY C 100 -21.14 9.26 34.51
C GLY C 100 -20.90 8.62 33.16
N VAL C 101 -19.93 7.69 33.11
CA VAL C 101 -19.49 7.07 31.86
C VAL C 101 -19.44 5.56 32.03
N ASP C 102 -20.00 4.85 31.05
CA ASP C 102 -19.87 3.40 30.94
C ASP C 102 -19.29 3.06 29.57
N VAL C 103 -18.51 1.96 29.52
CA VAL C 103 -17.90 1.51 28.28
C VAL C 103 -18.05 0.00 28.16
N GLN C 104 -18.39 -0.47 26.96
CA GLN C 104 -18.26 -1.86 26.58
C GLN C 104 -17.39 -1.95 25.34
N VAL C 105 -16.28 -2.69 25.45
CA VAL C 105 -15.33 -2.81 24.35
C VAL C 105 -15.78 -3.95 23.45
N GLU C 106 -16.00 -3.66 22.18
CA GLU C 106 -16.48 -4.67 21.24
C GLU C 106 -15.35 -5.43 20.57
N SER C 107 -14.29 -4.75 20.15
CA SER C 107 -13.20 -5.43 19.46
C SER C 107 -11.93 -4.61 19.57
N LEU C 108 -10.80 -5.28 19.32
CA LEU C 108 -9.49 -4.65 19.18
C LEU C 108 -8.97 -5.03 17.79
N ASP C 109 -8.94 -4.06 16.88
CA ASP C 109 -8.89 -4.38 15.46
C ASP C 109 -7.49 -4.64 14.94
N SER C 110 -6.53 -3.75 15.23
CA SER C 110 -5.20 -3.91 14.66
C SER C 110 -4.19 -3.18 15.52
N ILE C 111 -2.92 -3.57 15.35
CA ILE C 111 -1.79 -2.93 16.01
C ILE C 111 -0.72 -2.66 14.96
N SER C 112 -0.24 -1.41 14.91
CA SER C 112 0.81 -1.01 13.99
C SER C 112 2.08 -0.74 14.80
N GLU C 113 3.13 -1.51 14.53
CA GLU C 113 4.40 -1.33 15.22
C GLU C 113 5.29 -0.31 14.53
N VAL C 114 4.91 0.18 13.34
CA VAL C 114 5.66 1.23 12.66
C VAL C 114 5.14 2.60 13.05
N ASP C 115 3.82 2.78 13.06
CA ASP C 115 3.23 4.04 13.48
C ASP C 115 2.94 4.09 14.97
N MET C 116 3.10 2.97 15.68
CA MET C 116 2.90 2.88 17.13
C MET C 116 1.50 3.36 17.53
N ASP C 117 0.50 2.58 17.11
CA ASP C 117 -0.88 2.87 17.47
C ASP C 117 -1.69 1.59 17.46
N PHE C 118 -2.93 1.69 17.95
CA PHE C 118 -3.88 0.58 17.96
C PHE C 118 -5.27 1.11 17.63
N THR C 119 -6.14 0.22 17.17
CA THR C 119 -7.50 0.57 16.78
C THR C 119 -8.50 -0.21 17.62
N MET C 120 -9.50 0.50 18.15
CA MET C 120 -10.51 -0.09 19.01
C MET C 120 -11.90 0.36 18.58
N THR C 121 -12.87 -0.54 18.74
CA THR C 121 -14.29 -0.21 18.59
C THR C 121 -14.99 -0.45 19.93
N LEU C 122 -15.79 0.52 20.37
CA LEU C 122 -16.40 0.44 21.69
C LEU C 122 -17.77 1.10 21.67
N TYR C 123 -18.57 0.77 22.70
CA TYR C 123 -19.82 1.45 23.00
C TYR C 123 -19.59 2.40 24.18
N LEU C 124 -19.92 3.68 23.97
CA LEU C 124 -19.70 4.72 24.97
C LEU C 124 -21.04 5.27 25.45
N ARG C 125 -21.23 5.31 26.77
CA ARG C 125 -22.50 5.70 27.37
C ARG C 125 -22.30 6.85 28.37
N HIS C 126 -23.22 7.81 28.32
CA HIS C 126 -23.20 8.98 29.20
C HIS C 126 -24.48 9.05 30.02
N TYR C 127 -24.34 9.44 31.29
CA TYR C 127 -25.46 9.59 32.20
C TYR C 127 -25.43 10.97 32.83
N TRP C 128 -26.56 11.68 32.77
CA TRP C 128 -26.71 12.95 33.47
C TRP C 128 -28.20 13.28 33.57
N LYS C 129 -28.51 14.31 34.35
CA LYS C 129 -29.87 14.77 34.54
C LYS C 129 -30.02 16.18 33.98
N ASP C 130 -31.17 16.42 33.35
CA ASP C 130 -31.49 17.74 32.79
C ASP C 130 -32.97 17.99 33.00
N GLU C 131 -33.30 18.86 33.96
CA GLU C 131 -34.70 19.13 34.29
C GLU C 131 -35.45 19.79 33.15
N ARG C 132 -34.75 20.32 32.15
CA ARG C 132 -35.39 20.88 30.97
C ARG C 132 -35.99 19.81 30.05
N LEU C 133 -35.68 18.53 30.28
CA LEU C 133 -36.16 17.45 29.44
C LEU C 133 -37.23 16.60 30.13
N SER C 134 -37.84 17.12 31.19
CA SER C 134 -38.88 16.36 31.88
C SER C 134 -40.17 16.33 31.06
N PHE C 135 -41.06 15.42 31.43
CA PHE C 135 -42.38 15.34 30.84
C PHE C 135 -43.30 14.62 31.81
N PRO C 136 -44.61 14.84 31.72
CA PRO C 136 -45.54 14.13 32.62
C PRO C 136 -45.64 12.66 32.27
N SER C 137 -45.68 11.82 33.30
CA SER C 137 -45.79 10.38 33.12
C SER C 137 -46.19 9.75 34.45
N THR C 138 -46.69 8.51 34.36
CA THR C 138 -47.16 7.77 35.52
C THR C 138 -46.32 6.54 35.82
N ASN C 139 -45.32 6.22 35.00
CA ASN C 139 -44.64 4.94 35.06
C ASN C 139 -43.23 5.01 35.64
N ASN C 140 -42.59 6.18 35.61
CA ASN C 140 -41.17 6.31 35.95
C ASN C 140 -40.31 5.40 35.06
N LEU C 141 -40.69 5.26 33.80
CA LEU C 141 -40.01 4.37 32.87
C LEU C 141 -39.34 5.18 31.77
N SER C 142 -38.19 4.69 31.33
CA SER C 142 -37.47 5.33 30.23
C SER C 142 -38.22 5.16 28.93
N MET C 143 -38.22 6.22 28.11
CA MET C 143 -38.74 6.18 26.76
C MET C 143 -37.60 6.34 25.77
N THR C 144 -37.66 5.60 24.67
CA THR C 144 -36.66 5.69 23.61
C THR C 144 -37.13 6.68 22.56
N PHE C 145 -36.27 7.65 22.24
CA PHE C 145 -36.55 8.64 21.22
C PHE C 145 -35.69 8.41 19.99
N ASP C 146 -36.08 9.05 18.89
CA ASP C 146 -35.59 8.67 17.57
C ASP C 146 -34.08 8.75 17.47
N GLY C 147 -33.47 9.80 18.01
CA GLY C 147 -32.06 10.07 17.85
C GLY C 147 -31.76 11.27 16.99
N ARG C 148 -32.74 11.75 16.21
CA ARG C 148 -32.62 13.04 15.58
C ARG C 148 -32.70 14.18 16.58
N LEU C 149 -33.25 13.93 17.76
CA LEU C 149 -33.37 14.94 18.81
C LEU C 149 -32.03 15.28 19.45
N VAL C 150 -31.00 14.46 19.23
CA VAL C 150 -29.70 14.69 19.86
C VAL C 150 -29.11 16.02 19.41
N LYS C 151 -29.41 16.46 18.19
CA LYS C 151 -28.85 17.70 17.66
C LYS C 151 -29.64 18.93 18.07
N LYS C 152 -30.71 18.76 18.86
CA LYS C 152 -31.48 19.88 19.38
C LYS C 152 -31.24 20.16 20.85
N ILE C 153 -30.51 19.30 21.56
CA ILE C 153 -30.37 19.39 23.00
C ILE C 153 -28.88 19.46 23.35
N TRP C 154 -28.62 19.86 24.59
CA TRP C 154 -27.25 19.90 25.09
C TRP C 154 -26.74 18.48 25.33
N VAL C 155 -25.50 18.23 24.91
CA VAL C 155 -24.89 16.91 25.03
C VAL C 155 -23.42 17.05 25.41
N PRO C 156 -22.89 16.18 26.27
CA PRO C 156 -21.47 16.25 26.62
C PRO C 156 -20.56 16.08 25.41
N ASP C 157 -19.44 16.80 25.43
CA ASP C 157 -18.48 16.83 24.33
C ASP C 157 -17.21 16.06 24.70
N MET C 158 -17.34 14.73 24.80
CA MET C 158 -16.18 13.90 25.10
C MET C 158 -15.31 13.71 23.86
N PHE C 159 -14.01 13.60 24.09
CA PHE C 159 -13.06 13.33 23.01
C PHE C 159 -11.94 12.47 23.54
N PHE C 160 -11.21 11.83 22.62
CA PHE C 160 -10.15 10.89 22.97
C PHE C 160 -8.80 11.55 22.85
N VAL C 161 -8.08 11.64 23.96
CA VAL C 161 -6.80 12.34 24.01
C VAL C 161 -5.72 11.47 23.38
N HIS C 162 -4.79 12.11 22.66
CA HIS C 162 -3.68 11.43 22.00
C HIS C 162 -4.18 10.42 20.96
N SER C 163 -5.27 10.75 20.28
CA SER C 163 -5.77 9.90 19.21
C SER C 163 -5.37 10.49 17.86
N LYS C 164 -5.35 9.61 16.84
CA LYS C 164 -4.97 10.03 15.49
C LYS C 164 -6.17 10.24 14.58
N ARG C 165 -7.19 9.39 14.69
CA ARG C 165 -8.41 9.54 13.90
C ARG C 165 -9.51 8.70 14.53
N SER C 166 -10.75 9.11 14.30
CA SER C 166 -11.90 8.39 14.83
C SER C 166 -13.14 8.81 14.05
N PHE C 167 -14.15 7.94 14.09
CA PHE C 167 -15.41 8.23 13.42
C PHE C 167 -16.54 7.50 14.12
N ILE C 168 -17.75 7.97 13.88
CA ILE C 168 -18.98 7.34 14.36
C ILE C 168 -19.61 6.57 13.21
N HIS C 169 -19.97 5.31 13.45
CA HIS C 169 -20.59 4.50 12.41
C HIS C 169 -21.98 5.05 12.11
N ASP C 170 -22.36 5.03 10.83
CA ASP C 170 -23.59 5.72 10.41
C ASP C 170 -24.43 4.91 9.42
N THR C 171 -24.34 3.59 9.44
CA THR C 171 -25.18 2.73 8.61
C THR C 171 -26.05 1.88 9.53
N THR C 172 -27.36 1.85 9.27
CA THR C 172 -28.01 2.55 8.16
C THR C 172 -28.33 4.01 8.52
N THR C 173 -28.34 4.30 9.81
CA THR C 173 -28.41 5.66 10.31
C THR C 173 -27.30 5.82 11.34
N ASP C 174 -27.19 7.02 11.92
CA ASP C 174 -26.24 7.23 13.00
C ASP C 174 -26.53 6.27 14.14
N ASN C 175 -25.47 5.62 14.65
CA ASN C 175 -25.61 4.68 15.75
C ASN C 175 -25.65 5.45 17.07
N VAL C 176 -26.81 6.08 17.30
CA VAL C 176 -27.03 6.94 18.45
C VAL C 176 -28.31 6.51 19.14
N MET C 177 -28.25 6.33 20.46
CA MET C 177 -29.42 6.03 21.27
C MET C 177 -29.68 7.17 22.24
N LEU C 178 -30.95 7.51 22.42
CA LEU C 178 -31.37 8.54 23.38
C LEU C 178 -32.54 8.00 24.17
N ARG C 179 -32.38 7.94 25.49
CA ARG C 179 -33.37 7.34 26.38
C ARG C 179 -33.57 8.27 27.57
N VAL C 180 -34.80 8.72 27.79
CA VAL C 180 -35.10 9.77 28.75
C VAL C 180 -36.15 9.26 29.73
N GLN C 181 -35.90 9.48 31.03
CA GLN C 181 -36.85 9.19 32.10
C GLN C 181 -37.76 10.40 32.34
N PRO C 182 -38.92 10.18 32.97
CA PRO C 182 -39.85 11.30 33.21
C PRO C 182 -39.26 12.46 34.00
N ASP C 183 -38.31 12.19 34.91
CA ASP C 183 -37.76 13.25 35.75
C ASP C 183 -36.51 13.89 35.19
N GLY C 184 -36.10 13.53 33.97
CA GLY C 184 -34.99 14.20 33.31
C GLY C 184 -33.67 13.46 33.28
N LYS C 185 -33.62 12.23 33.76
CA LYS C 185 -32.39 11.44 33.66
C LYS C 185 -32.22 10.94 32.23
N VAL C 186 -31.02 11.13 31.68
CA VAL C 186 -30.75 10.90 30.27
C VAL C 186 -29.70 9.80 30.13
N LEU C 187 -29.95 8.86 29.23
CA LEU C 187 -28.96 7.89 28.80
C LEU C 187 -28.63 8.12 27.34
N TYR C 188 -27.35 8.30 27.05
CA TYR C 188 -26.88 8.63 25.70
C TYR C 188 -25.76 7.65 25.33
N SER C 189 -25.85 7.05 24.14
CA SER C 189 -24.96 5.97 23.77
C SER C 189 -24.52 6.10 22.32
N LEU C 190 -23.23 5.90 22.08
CA LEU C 190 -22.63 6.00 20.76
C LEU C 190 -21.79 4.76 20.48
N ARG C 191 -21.67 4.43 19.19
CA ARG C 191 -20.74 3.40 18.72
C ARG C 191 -19.65 4.08 17.91
N VAL C 192 -18.40 3.97 18.37
CA VAL C 192 -17.29 4.70 17.77
C VAL C 192 -16.10 3.77 17.56
N THR C 193 -15.26 4.13 16.59
CA THR C 193 -13.99 3.46 16.32
C THR C 193 -12.87 4.50 16.44
N VAL C 194 -11.84 4.17 17.21
CA VAL C 194 -10.78 5.11 17.57
C VAL C 194 -9.42 4.50 17.27
N THR C 195 -8.56 5.26 16.59
CA THR C 195 -7.14 4.94 16.46
C THR C 195 -6.35 5.82 17.41
N ALA C 196 -5.62 5.20 18.33
CA ALA C 196 -4.90 5.92 19.37
C ALA C 196 -3.45 5.44 19.44
N MET C 197 -2.56 6.37 19.80
CA MET C 197 -1.13 6.11 19.75
C MET C 197 -0.63 5.59 21.10
N CYS C 198 0.43 4.78 21.04
CA CYS C 198 1.01 4.17 22.23
C CYS C 198 2.50 3.98 22.00
N ASN C 199 3.30 4.27 23.02
CA ASN C 199 4.75 4.10 22.94
C ASN C 199 5.11 2.65 23.25
N MET C 200 5.99 2.08 22.43
CA MET C 200 6.41 0.69 22.54
C MET C 200 7.92 0.61 22.75
N ASP C 201 8.34 -0.36 23.54
CA ASP C 201 9.76 -0.64 23.79
C ASP C 201 10.09 -1.97 23.14
N PHE C 202 10.94 -1.96 22.13
CA PHE C 202 11.28 -3.13 21.34
C PHE C 202 12.64 -3.72 21.70
N SER C 203 13.22 -3.34 22.83
CA SER C 203 14.55 -3.82 23.20
C SER C 203 14.57 -5.32 23.48
N ARG C 204 13.44 -5.90 23.89
CA ARG C 204 13.36 -7.33 24.15
C ARG C 204 12.58 -8.07 23.08
N PHE C 205 12.30 -7.41 21.96
CA PHE C 205 11.62 -8.06 20.84
C PHE C 205 12.42 -9.28 20.38
N PRO C 206 11.76 -10.39 20.04
CA PRO C 206 10.31 -10.63 20.02
C PRO C 206 9.77 -11.26 21.31
N LEU C 207 10.41 -10.99 22.45
CA LEU C 207 9.96 -11.49 23.74
C LEU C 207 9.33 -10.40 24.60
N ASP C 208 8.87 -9.31 23.97
CA ASP C 208 8.51 -8.10 24.66
C ASP C 208 7.05 -8.14 25.14
N THR C 209 6.77 -7.33 26.16
CA THR C 209 5.43 -7.12 26.68
C THR C 209 5.12 -5.63 26.64
N GLN C 210 3.96 -5.28 26.09
CA GLN C 210 3.60 -3.89 25.87
C GLN C 210 2.34 -3.54 26.66
N THR C 211 2.23 -2.26 27.00
CA THR C 211 1.07 -1.72 27.71
C THR C 211 0.50 -0.55 26.93
N CYS C 212 -0.81 -0.38 27.01
CA CYS C 212 -1.51 0.63 26.21
C CYS C 212 -2.68 1.18 27.03
N SER C 213 -3.17 2.34 26.61
CA SER C 213 -4.30 2.95 27.28
C SER C 213 -5.05 3.86 26.33
N LEU C 214 -6.35 4.03 26.60
CA LEU C 214 -7.22 4.97 25.90
C LEU C 214 -7.73 5.98 26.91
N GLU C 215 -7.72 7.26 26.53
CA GLU C 215 -8.00 8.35 27.45
C GLU C 215 -9.22 9.13 26.98
N ILE C 216 -10.14 9.36 27.91
CA ILE C 216 -11.40 10.06 27.63
C ILE C 216 -11.43 11.33 28.48
N GLU C 217 -11.74 12.46 27.85
CA GLU C 217 -11.75 13.74 28.54
C GLU C 217 -12.74 14.67 27.83
N SER C 218 -13.25 15.64 28.58
CA SER C 218 -14.04 16.70 27.97
C SER C 218 -13.14 17.74 27.34
N TYR C 219 -13.67 18.43 26.31
CA TYR C 219 -12.87 19.39 25.56
C TYR C 219 -13.04 20.83 26.05
N ALA C 220 -14.28 21.27 26.26
CA ALA C 220 -14.54 22.68 26.53
C ALA C 220 -14.75 23.01 27.99
N TYR C 221 -15.14 22.04 28.81
CA TYR C 221 -15.53 22.29 30.19
C TYR C 221 -14.44 21.82 31.14
N THR C 222 -14.05 22.68 32.07
CA THR C 222 -13.10 22.33 33.11
C THR C 222 -13.82 21.66 34.28
N GLU C 223 -13.04 21.20 35.26
CA GLU C 223 -13.62 20.50 36.40
C GLU C 223 -14.56 21.40 37.21
N ASP C 224 -14.50 22.71 37.01
CA ASP C 224 -15.43 23.62 37.67
C ASP C 224 -16.81 23.63 37.02
N ASP C 225 -16.89 23.26 35.75
CA ASP C 225 -18.17 23.20 35.03
C ASP C 225 -18.71 21.79 34.89
N LEU C 226 -17.84 20.79 34.72
CA LEU C 226 -18.28 19.43 34.44
C LEU C 226 -17.45 18.45 35.25
N MET C 227 -18.12 17.59 36.02
CA MET C 227 -17.47 16.57 36.83
C MET C 227 -17.62 15.21 36.15
N LEU C 228 -16.52 14.68 35.64
CA LEU C 228 -16.52 13.41 34.91
C LEU C 228 -16.01 12.30 35.82
N TYR C 229 -16.74 11.18 35.86
CA TYR C 229 -16.39 10.08 36.74
C TYR C 229 -16.88 8.76 36.14
N TRP C 230 -16.33 7.67 36.63
CA TRP C 230 -16.78 6.33 36.25
C TRP C 230 -18.09 6.01 36.96
N LYS C 231 -19.10 5.57 36.18
CA LYS C 231 -20.45 5.44 36.71
C LYS C 231 -20.52 4.42 37.85
N LYS C 232 -19.82 3.30 37.72
CA LYS C 232 -19.87 2.22 38.71
C LYS C 232 -18.49 1.85 39.23
N GLY C 233 -17.53 2.77 39.18
CA GLY C 233 -16.19 2.45 39.63
C GLY C 233 -15.56 1.35 38.80
N ASN C 234 -15.06 0.31 39.48
CA ASN C 234 -14.32 -0.75 38.80
C ASN C 234 -15.22 -1.62 37.93
N ASP C 235 -16.53 -1.62 38.15
CA ASP C 235 -17.44 -2.47 37.38
C ASP C 235 -17.91 -1.82 36.08
N SER C 236 -17.41 -0.64 35.75
CA SER C 236 -17.89 0.13 34.60
C SER C 236 -17.36 -0.36 33.26
N LEU C 237 -16.34 -1.22 33.26
CA LEU C 237 -15.71 -1.68 32.02
C LEU C 237 -16.09 -3.13 31.75
N LYS C 238 -16.72 -3.37 30.60
CA LYS C 238 -17.04 -4.70 30.10
C LYS C 238 -16.39 -4.90 28.75
N THR C 239 -16.02 -6.15 28.45
CA THR C 239 -15.38 -6.48 27.19
C THR C 239 -16.10 -7.66 26.53
N ASP C 240 -16.04 -7.69 25.20
CA ASP C 240 -16.63 -8.77 24.43
C ASP C 240 -15.83 -10.06 24.61
N GLU C 241 -16.54 -11.19 24.59
CA GLU C 241 -15.87 -12.48 24.67
C GLU C 241 -15.01 -12.77 23.44
N ARG C 242 -15.25 -12.08 22.33
CA ARG C 242 -14.63 -12.39 21.05
C ARG C 242 -13.41 -11.52 20.77
N ILE C 243 -12.92 -10.76 21.75
CA ILE C 243 -11.74 -9.94 21.55
C ILE C 243 -10.53 -10.85 21.46
N SER C 244 -9.84 -10.82 20.31
CA SER C 244 -8.68 -11.67 20.11
C SER C 244 -7.84 -11.10 18.99
N LEU C 245 -6.52 -11.09 19.20
CA LEU C 245 -5.55 -10.72 18.18
C LEU C 245 -4.68 -11.92 17.87
N SER C 246 -4.29 -12.08 16.61
CA SER C 246 -3.56 -13.28 16.21
C SER C 246 -2.14 -13.28 16.73
N GLN C 247 -1.55 -12.12 17.01
CA GLN C 247 -0.16 -12.06 17.42
C GLN C 247 0.02 -11.84 18.92
N PHE C 248 -1.01 -11.37 19.62
CA PHE C 248 -0.87 -10.95 21.02
C PHE C 248 -1.90 -11.64 21.89
N LEU C 249 -1.54 -11.85 23.15
CA LEU C 249 -2.47 -12.24 24.19
C LEU C 249 -2.90 -11.00 24.97
N ILE C 250 -4.20 -10.81 25.11
CA ILE C 250 -4.76 -9.61 25.73
C ILE C 250 -5.23 -9.97 27.13
N GLN C 251 -4.82 -9.17 28.12
CA GLN C 251 -5.16 -9.45 29.51
C GLN C 251 -5.12 -8.16 30.31
N GLU C 252 -5.62 -8.26 31.54
CA GLU C 252 -5.48 -7.23 32.57
C GLU C 252 -6.12 -5.91 32.16
N PHE C 253 -7.37 -5.97 31.72
CA PHE C 253 -8.16 -4.76 31.55
C PHE C 253 -8.49 -4.15 32.91
N HIS C 254 -8.28 -2.84 33.04
CA HIS C 254 -8.70 -2.13 34.24
C HIS C 254 -8.74 -0.63 33.94
N THR C 255 -9.32 0.12 34.88
CA THR C 255 -9.60 1.53 34.71
C THR C 255 -8.97 2.35 35.84
N THR C 256 -8.77 3.63 35.58
CA THR C 256 -8.25 4.56 36.57
C THR C 256 -8.57 5.98 36.13
N THR C 257 -8.24 6.95 36.99
CA THR C 257 -8.51 8.36 36.72
C THR C 257 -7.31 9.20 37.12
N LYS C 258 -7.17 10.36 36.47
CA LYS C 258 -6.13 11.32 36.83
C LYS C 258 -6.57 12.71 36.38
N LEU C 259 -6.00 13.72 37.05
CA LEU C 259 -6.33 15.11 36.80
C LEU C 259 -5.29 15.73 35.87
N ALA C 260 -5.76 16.32 34.77
CA ALA C 260 -4.89 16.90 33.75
C ALA C 260 -4.90 18.42 33.81
N PHE C 261 -3.81 19.02 33.32
CA PHE C 261 -3.65 20.47 33.35
C PHE C 261 -3.12 20.98 32.01
N TYR C 262 -3.75 22.04 31.52
CA TYR C 262 -3.27 22.80 30.36
C TYR C 262 -2.97 24.22 30.83
N SER C 263 -1.78 24.72 30.50
CA SER C 263 -1.34 25.99 31.07
C SER C 263 -2.22 27.16 30.66
N SER C 264 -2.94 27.05 29.55
CA SER C 264 -3.76 28.15 29.05
C SER C 264 -5.26 27.98 29.27
N THR C 265 -5.74 26.79 29.62
CA THR C 265 -7.18 26.57 29.75
C THR C 265 -7.62 26.21 31.15
N GLY C 266 -7.07 25.15 31.75
CA GLY C 266 -7.46 24.81 33.11
C GLY C 266 -7.22 23.34 33.41
N TRP C 267 -7.91 22.88 34.45
CA TRP C 267 -7.80 21.51 34.95
C TRP C 267 -8.97 20.65 34.44
N TYR C 268 -8.65 19.44 33.98
CA TYR C 268 -9.63 18.49 33.46
C TYR C 268 -9.37 17.12 34.06
N ASN C 269 -10.44 16.33 34.20
CA ASN C 269 -10.37 14.99 34.76
C ASN C 269 -10.35 13.95 33.63
N ARG C 270 -9.30 13.14 33.59
CA ARG C 270 -9.12 12.12 32.57
C ARG C 270 -9.52 10.74 33.08
N LEU C 271 -10.17 9.96 32.21
CA LEU C 271 -10.47 8.56 32.47
C LEU C 271 -9.60 7.68 31.59
N TYR C 272 -9.11 6.57 32.15
CA TYR C 272 -8.18 5.68 31.47
C TYR C 272 -8.75 4.28 31.35
N ILE C 273 -8.45 3.62 30.23
CA ILE C 273 -8.68 2.19 30.05
C ILE C 273 -7.34 1.54 29.74
N ASN C 274 -6.87 0.67 30.64
CA ASN C 274 -5.55 0.09 30.54
C ASN C 274 -5.63 -1.39 30.17
N PHE C 275 -4.65 -1.87 29.42
CA PHE C 275 -4.54 -3.28 29.09
C PHE C 275 -3.11 -3.62 28.73
N THR C 276 -2.80 -4.92 28.76
CA THR C 276 -1.46 -5.44 28.55
C THR C 276 -1.47 -6.47 27.42
N LEU C 277 -0.44 -6.42 26.57
CA LEU C 277 -0.28 -7.33 25.44
C LEU C 277 0.95 -8.19 25.64
N ARG C 278 0.81 -9.50 25.41
CA ARG C 278 1.95 -10.42 25.37
C ARG C 278 2.02 -11.08 24.01
N ARG C 279 3.17 -10.94 23.35
CA ARG C 279 3.36 -11.48 22.01
C ARG C 279 3.60 -12.99 22.04
N HIS C 280 3.06 -13.69 21.04
CA HIS C 280 3.38 -15.09 20.84
C HIS C 280 4.73 -15.24 20.15
N ILE C 281 5.49 -16.25 20.56
CA ILE C 281 6.90 -16.37 20.14
C ILE C 281 7.16 -17.58 19.26
N PHE C 282 6.18 -18.46 19.06
CA PHE C 282 6.41 -19.68 18.29
C PHE C 282 6.84 -19.36 16.85
N PHE C 283 6.17 -18.40 16.22
CA PHE C 283 6.45 -18.08 14.83
C PHE C 283 7.89 -17.64 14.64
N PHE C 284 8.41 -16.79 15.54
CA PHE C 284 9.78 -16.31 15.41
C PHE C 284 10.78 -17.42 15.68
N LEU C 285 10.49 -18.29 16.65
CA LEU C 285 11.38 -19.42 16.92
C LEU C 285 11.47 -20.33 15.70
N LEU C 286 10.35 -20.58 15.02
CA LEU C 286 10.40 -21.43 13.84
C LEU C 286 11.10 -20.74 12.68
N GLN C 287 10.85 -19.44 12.48
CA GLN C 287 11.28 -18.78 11.25
C GLN C 287 12.68 -18.19 11.31
N THR C 288 13.19 -17.80 12.48
CA THR C 288 14.43 -17.04 12.54
C THR C 288 15.54 -17.75 13.30
N TYR C 289 15.29 -18.19 14.53
CA TYR C 289 16.36 -18.79 15.34
C TYR C 289 16.78 -20.14 14.78
N PHE C 290 15.82 -20.93 14.30
CA PHE C 290 16.11 -22.27 13.79
C PHE C 290 17.05 -22.26 12.59
N PRO C 291 16.78 -21.51 11.50
CA PRO C 291 17.72 -21.53 10.36
C PRO C 291 19.14 -21.10 10.71
N ALA C 292 19.31 -20.09 11.57
CA ALA C 292 20.65 -19.62 11.89
C ALA C 292 21.44 -20.67 12.66
N THR C 293 20.79 -21.35 13.61
CA THR C 293 21.45 -22.43 14.34
C THR C 293 21.81 -23.57 13.39
N LEU C 294 20.92 -23.91 12.46
CA LEU C 294 21.22 -24.96 11.52
C LEU C 294 22.40 -24.58 10.62
N MET C 295 22.48 -23.31 10.22
CA MET C 295 23.60 -22.87 9.39
C MET C 295 24.92 -22.88 10.16
N VAL C 296 24.89 -22.54 11.45
CA VAL C 296 26.12 -22.61 12.24
C VAL C 296 26.58 -24.06 12.39
N MET C 297 25.66 -24.96 12.70
CA MET C 297 26.04 -26.37 12.81
C MET C 297 26.50 -26.93 11.47
N LEU C 298 25.96 -26.41 10.37
CA LEU C 298 26.41 -26.83 9.05
C LEU C 298 27.82 -26.31 8.74
N SER C 299 28.12 -25.09 9.18
CA SER C 299 29.46 -24.54 8.99
C SER C 299 30.49 -25.29 9.82
N TRP C 300 30.07 -25.87 10.96
CA TRP C 300 31.01 -26.66 11.74
C TRP C 300 31.48 -27.93 11.04
N VAL C 301 30.82 -28.34 9.94
CA VAL C 301 31.22 -29.54 9.22
C VAL C 301 32.64 -29.44 8.69
N SER C 302 33.09 -28.21 8.39
CA SER C 302 34.38 -28.00 7.74
C SER C 302 35.54 -28.64 8.48
N PHE C 303 35.45 -28.74 9.80
CA PHE C 303 36.57 -29.22 10.60
C PHE C 303 36.71 -30.74 10.60
N TRP C 304 35.74 -31.47 10.03
CA TRP C 304 35.82 -32.92 9.94
C TRP C 304 36.15 -33.41 8.54
N ILE C 305 36.44 -32.49 7.61
CA ILE C 305 36.82 -32.84 6.24
C ILE C 305 38.34 -32.71 6.13
N ASP C 306 38.97 -33.63 5.39
CA ASP C 306 40.41 -33.60 5.22
C ASP C 306 40.88 -32.26 4.67
N ARG C 307 41.89 -31.68 5.31
CA ARG C 307 42.35 -30.34 4.94
C ARG C 307 42.99 -30.31 3.56
N ARG C 308 43.39 -31.45 3.01
CA ARG C 308 44.01 -31.47 1.69
C ARG C 308 43.02 -31.17 0.58
N ALA C 309 41.72 -31.28 0.85
CA ALA C 309 40.69 -30.95 -0.14
C ALA C 309 40.29 -29.48 -0.02
N VAL C 310 41.21 -28.61 -0.44
CA VAL C 310 40.96 -27.18 -0.39
C VAL C 310 39.74 -26.76 -1.22
N PRO C 311 39.60 -27.19 -2.48
CA PRO C 311 38.41 -26.81 -3.25
C PRO C 311 37.13 -27.45 -2.77
N ALA C 312 37.18 -28.28 -1.72
CA ALA C 312 36.00 -28.76 -1.04
C ALA C 312 35.66 -27.94 0.19
N ARG C 313 36.67 -27.45 0.90
CA ARG C 313 36.42 -26.74 2.16
C ARG C 313 36.17 -25.25 1.97
N VAL C 314 36.80 -24.62 0.99
CA VAL C 314 36.58 -23.17 0.79
C VAL C 314 35.15 -22.87 0.33
N PRO C 315 34.64 -23.53 -0.74
CA PRO C 315 33.27 -23.25 -1.19
C PRO C 315 32.22 -23.43 -0.12
N LEU C 316 32.36 -24.43 0.75
CA LEU C 316 31.35 -24.65 1.79
C LEU C 316 31.25 -23.45 2.72
N GLY C 317 32.40 -22.93 3.17
CA GLY C 317 32.37 -21.76 4.03
C GLY C 317 31.79 -20.54 3.35
N ILE C 318 32.24 -20.27 2.11
CA ILE C 318 31.74 -19.05 1.47
C ILE C 318 30.25 -19.16 1.17
N THR C 319 29.77 -20.36 0.82
CA THR C 319 28.34 -20.55 0.57
C THR C 319 27.53 -20.43 1.85
N THR C 320 28.08 -20.90 2.97
CA THR C 320 27.41 -20.72 4.26
C THR C 320 27.27 -19.23 4.59
N VAL C 321 28.32 -18.45 4.33
CA VAL C 321 28.23 -17.01 4.55
C VAL C 321 27.14 -16.39 3.67
N LEU C 322 27.10 -16.80 2.40
CA LEU C 322 26.08 -16.27 1.49
C LEU C 322 24.67 -16.60 1.97
N THR C 323 24.46 -17.85 2.41
CA THR C 323 23.13 -18.25 2.88
C THR C 323 22.74 -17.49 4.14
N MET C 324 23.69 -17.29 5.07
CA MET C 324 23.36 -16.54 6.27
C MET C 324 23.00 -15.10 5.96
N SER C 325 23.71 -14.49 4.99
CA SER C 325 23.36 -13.13 4.58
C SER C 325 21.96 -13.08 3.97
N THR C 326 21.62 -14.08 3.14
CA THR C 326 20.28 -14.13 2.57
C THR C 326 19.21 -14.25 3.65
N ILE C 327 19.47 -15.09 4.66
CA ILE C 327 18.52 -15.26 5.77
C ILE C 327 18.36 -13.95 6.54
N ILE C 328 19.47 -13.26 6.79
CA ILE C 328 19.40 -12.00 7.53
C ILE C 328 18.58 -10.96 6.77
N THR C 329 18.79 -10.86 5.45
CA THR C 329 17.99 -9.93 4.66
C THR C 329 16.50 -10.29 4.71
N GLY C 330 16.19 -11.58 4.54
CA GLY C 330 14.80 -12.00 4.59
C GLY C 330 14.14 -11.72 5.92
N VAL C 331 14.88 -11.85 7.02
CA VAL C 331 14.31 -11.52 8.32
C VAL C 331 14.17 -10.01 8.49
N ASN C 332 15.19 -9.25 8.08
CA ASN C 332 15.15 -7.79 8.20
C ASN C 332 13.97 -7.20 7.44
N ALA C 333 13.50 -7.90 6.41
CA ALA C 333 12.36 -7.39 5.64
C ALA C 333 11.13 -7.10 6.50
N SER C 334 10.97 -7.80 7.64
CA SER C 334 9.75 -7.70 8.43
C SER C 334 10.00 -7.19 9.85
N MET C 335 11.18 -6.60 10.14
CA MET C 335 11.48 -6.26 11.52
C MET C 335 11.28 -4.77 11.81
N PRO C 336 11.00 -4.41 13.06
CA PRO C 336 10.94 -3.00 13.44
C PRO C 336 12.32 -2.35 13.34
N ARG C 337 12.31 -1.04 13.07
CA ARG C 337 13.53 -0.24 12.97
C ARG C 337 13.60 0.74 14.13
N VAL C 338 14.53 0.48 15.06
CA VAL C 338 14.75 1.32 16.23
C VAL C 338 16.24 1.61 16.35
N SER C 339 16.56 2.64 17.13
CA SER C 339 17.94 3.06 17.32
C SER C 339 18.72 2.12 18.23
N TYR C 340 18.04 1.27 18.98
CA TYR C 340 18.68 0.33 19.88
C TYR C 340 18.52 -1.09 19.36
N ILE C 341 19.44 -1.95 19.75
CA ILE C 341 19.51 -3.30 19.17
C ILE C 341 18.47 -4.20 19.83
N LYS C 342 17.82 -5.02 19.01
CA LYS C 342 16.89 -6.02 19.50
C LYS C 342 17.61 -7.35 19.74
N ALA C 343 16.96 -8.22 20.49
CA ALA C 343 17.56 -9.52 20.83
C ALA C 343 17.83 -10.35 19.58
N VAL C 344 16.88 -10.35 18.62
CA VAL C 344 17.04 -11.14 17.41
C VAL C 344 18.24 -10.66 16.60
N ASP C 345 18.48 -9.35 16.58
CA ASP C 345 19.64 -8.84 15.84
C ASP C 345 20.93 -9.32 16.47
N ILE C 346 20.99 -9.36 17.81
CA ILE C 346 22.16 -9.87 18.50
C ILE C 346 22.41 -11.32 18.10
N TYR C 347 21.36 -12.15 18.15
CA TYR C 347 21.51 -13.56 17.82
C TYR C 347 22.00 -13.76 16.39
N LEU C 348 21.37 -13.06 15.43
CA LEU C 348 21.71 -13.26 14.02
C LEU C 348 23.14 -12.84 13.73
N TRP C 349 23.57 -11.70 14.28
CA TRP C 349 24.90 -11.23 13.96
C TRP C 349 25.98 -12.01 14.70
N VAL C 350 25.67 -12.56 15.88
CA VAL C 350 26.64 -13.48 16.50
C VAL C 350 26.83 -14.72 15.65
N SER C 351 25.74 -15.26 15.11
CA SER C 351 25.86 -16.43 14.22
C SER C 351 26.69 -16.08 12.98
N PHE C 352 26.45 -14.91 12.40
CA PHE C 352 27.21 -14.50 11.22
C PHE C 352 28.70 -14.42 11.53
N VAL C 353 29.06 -13.85 12.69
CA VAL C 353 30.47 -13.75 13.05
C VAL C 353 31.06 -15.14 13.26
N PHE C 354 30.29 -16.07 13.83
CA PHE C 354 30.79 -17.44 13.98
C PHE C 354 31.18 -18.04 12.63
N VAL C 355 30.32 -17.86 11.61
CA VAL C 355 30.64 -18.40 10.29
C VAL C 355 31.90 -17.73 9.71
N PHE C 356 31.98 -16.41 9.85
CA PHE C 356 33.14 -15.67 9.36
C PHE C 356 34.43 -16.18 10.00
N LEU C 357 34.40 -16.42 11.32
CA LEU C 357 35.59 -16.92 12.01
C LEU C 357 35.97 -18.31 11.54
N SER C 358 34.98 -19.16 11.25
CA SER C 358 35.30 -20.48 10.71
C SER C 358 36.05 -20.38 9.39
N VAL C 359 35.62 -19.47 8.52
CA VAL C 359 36.32 -19.29 7.25
C VAL C 359 37.76 -18.84 7.48
N LEU C 360 37.96 -17.88 8.38
CA LEU C 360 39.32 -17.42 8.66
C LEU C 360 40.19 -18.54 9.24
N GLU C 361 39.62 -19.39 10.09
CA GLU C 361 40.40 -20.50 10.66
C GLU C 361 40.87 -21.45 9.57
N TYR C 362 40.01 -21.76 8.61
CA TYR C 362 40.46 -22.63 7.52
C TYR C 362 41.58 -21.98 6.72
N ALA C 363 41.46 -20.67 6.45
CA ALA C 363 42.53 -19.99 5.74
C ALA C 363 43.86 -20.11 6.47
N ALA C 364 43.84 -19.94 7.79
CA ALA C 364 45.07 -20.05 8.58
C ALA C 364 45.66 -21.45 8.49
N VAL C 365 44.81 -22.48 8.55
CA VAL C 365 45.29 -23.86 8.45
C VAL C 365 45.99 -24.09 7.12
N ASN C 366 45.36 -23.65 6.03
CA ASN C 366 45.96 -23.85 4.71
C ASN C 366 47.32 -23.16 4.62
N TYR C 367 47.41 -21.93 5.12
CA TYR C 367 48.67 -21.19 5.04
C TYR C 367 49.78 -21.90 5.82
N LEU C 368 49.47 -22.35 7.03
CA LEU C 368 50.49 -23.03 7.83
C LEU C 368 50.97 -24.31 7.17
N THR C 369 50.04 -25.07 6.58
CA THR C 369 50.43 -26.30 5.88
C THR C 369 51.38 -26.01 4.72
N THR C 370 51.06 -24.99 3.92
CA THR C 370 51.93 -24.66 2.80
C THR C 370 53.31 -24.22 3.29
N VAL C 371 53.35 -23.43 4.36
CA VAL C 371 54.64 -22.97 4.89
C VAL C 371 55.50 -24.16 5.32
N GLN C 372 54.89 -25.13 6.02
CA GLN C 372 55.65 -26.30 6.45
C GLN C 372 56.17 -27.10 5.26
N GLU C 373 55.34 -27.26 4.22
CA GLU C 373 55.80 -28.03 3.07
C GLU C 373 56.97 -27.34 2.36
N ARG C 374 56.92 -26.01 2.24
CA ARG C 374 58.05 -25.30 1.65
C ARG C 374 59.30 -25.43 2.50
N LYS C 375 59.16 -25.37 3.82
CA LYS C 375 60.31 -25.53 4.70
C LYS C 375 60.96 -26.89 4.51
N GLU C 376 60.15 -27.95 4.45
CA GLU C 376 60.71 -29.28 4.29
C GLU C 376 61.35 -29.46 2.91
N GLN C 377 60.77 -28.85 1.87
CA GLN C 377 61.41 -28.92 0.56
C GLN C 377 62.76 -28.21 0.56
N LYS C 378 62.83 -27.05 1.22
CA LYS C 378 64.11 -26.35 1.34
C LYS C 378 65.14 -27.18 2.07
N LEU C 379 64.73 -27.87 3.14
CA LEU C 379 65.66 -28.75 3.84
C LEU C 379 66.07 -29.96 3.01
N ARG C 380 65.17 -30.47 2.16
CA ARG C 380 65.53 -31.57 1.26
C ARG C 380 66.59 -31.13 0.25
N ASP C 451 47.82 -36.83 8.85
CA ASP C 451 47.47 -36.51 10.24
C ASP C 451 46.59 -35.25 10.30
N THR C 452 45.87 -35.09 11.40
CA THR C 452 45.01 -33.93 11.59
C THR C 452 45.81 -32.78 12.16
N HIS C 453 45.64 -31.59 11.57
CA HIS C 453 46.30 -30.41 12.07
C HIS C 453 45.76 -30.05 13.46
N ALA C 454 46.63 -29.47 14.29
CA ALA C 454 46.25 -29.17 15.66
C ALA C 454 45.06 -28.22 15.72
N ILE C 455 45.00 -27.25 14.81
CA ILE C 455 43.94 -26.25 14.86
C ILE C 455 42.57 -26.88 14.63
N ASP C 456 42.45 -27.78 13.65
CA ASP C 456 41.17 -28.44 13.41
C ASP C 456 40.75 -29.28 14.62
N LYS C 457 41.70 -30.01 15.19
CA LYS C 457 41.40 -30.87 16.34
C LYS C 457 40.91 -30.06 17.52
N TYR C 458 41.52 -28.89 17.77
CA TYR C 458 41.06 -28.07 18.88
C TYR C 458 39.75 -27.36 18.56
N SER C 459 39.56 -26.93 17.30
CA SER C 459 38.35 -26.22 16.93
C SER C 459 37.11 -27.10 17.04
N ARG C 460 37.26 -28.41 16.75
CA ARG C 460 36.12 -29.32 16.85
C ARG C 460 35.51 -29.32 18.23
N ILE C 461 36.29 -28.97 19.25
CA ILE C 461 35.81 -28.89 20.63
C ILE C 461 35.48 -27.45 21.01
N ILE C 462 36.32 -26.51 20.60
CA ILE C 462 36.19 -25.14 21.07
C ILE C 462 34.96 -24.46 20.50
N PHE C 463 34.69 -24.62 19.20
CA PHE C 463 33.57 -23.90 18.60
C PHE C 463 32.22 -24.28 19.20
N PRO C 464 31.81 -25.56 19.25
CA PRO C 464 30.50 -25.87 19.85
C PRO C 464 30.37 -25.44 21.30
N ALA C 465 31.45 -25.51 22.08
CA ALA C 465 31.39 -25.08 23.48
C ALA C 465 31.10 -23.59 23.57
N ALA C 466 31.75 -22.78 22.74
CA ALA C 466 31.50 -21.35 22.74
C ALA C 466 30.07 -21.05 22.31
N TYR C 467 29.57 -21.77 21.31
CA TYR C 467 28.19 -21.51 20.88
C TYR C 467 27.18 -21.89 21.96
N ILE C 468 27.40 -23.02 22.62
CA ILE C 468 26.48 -23.44 23.68
C ILE C 468 26.51 -22.46 24.85
N LEU C 469 27.71 -21.99 25.22
CA LEU C 469 27.80 -20.99 26.28
C LEU C 469 27.08 -19.71 25.90
N PHE C 470 27.25 -19.25 24.67
CA PHE C 470 26.53 -18.06 24.21
C PHE C 470 25.03 -18.27 24.30
N ASN C 471 24.54 -19.44 23.87
CA ASN C 471 23.10 -19.69 23.90
C ASN C 471 22.59 -19.70 25.34
N LEU C 472 23.33 -20.32 26.26
CA LEU C 472 22.89 -20.35 27.65
C LEU C 472 22.82 -18.95 28.24
N ILE C 473 23.82 -18.10 27.95
CA ILE C 473 23.80 -16.74 28.45
C ILE C 473 22.62 -15.97 27.85
N TYR C 474 22.44 -16.11 26.54
CA TYR C 474 21.38 -15.38 25.84
C TYR C 474 20.00 -15.74 26.39
N TRP C 475 19.75 -17.03 26.59
CA TRP C 475 18.44 -17.45 27.06
C TRP C 475 18.29 -17.35 28.58
N SER C 476 19.38 -17.07 29.31
CA SER C 476 19.22 -16.69 30.71
C SER C 476 18.90 -15.20 30.85
N ILE C 477 19.51 -14.35 30.01
CA ILE C 477 19.25 -12.92 30.11
C ILE C 477 17.84 -12.58 29.63
N PHE C 478 17.40 -13.17 28.52
CA PHE C 478 16.13 -12.82 27.90
C PHE C 478 15.02 -13.78 28.25
N SER C 479 15.27 -14.76 29.13
CA SER C 479 14.27 -15.74 29.58
C SER C 479 13.81 -16.66 28.45
N ARG D 80 -27.27 38.34 22.07
CA ARG D 80 -27.94 39.10 21.02
C ARG D 80 -27.39 38.72 19.65
N ILE D 81 -27.51 37.42 19.33
CA ILE D 81 -26.98 36.91 18.07
C ILE D 81 -27.78 37.44 16.89
N ASP D 82 -29.11 37.41 17.00
CA ASP D 82 -29.97 37.64 15.84
C ASP D 82 -30.03 39.09 15.40
N ASP D 83 -29.50 40.02 16.20
CA ASP D 83 -29.64 41.44 15.90
C ASP D 83 -28.48 42.03 15.11
N HIS D 84 -27.51 41.21 14.70
CA HIS D 84 -26.30 41.71 14.05
C HIS D 84 -25.97 40.88 12.83
N ASP D 85 -25.32 41.52 11.86
CA ASP D 85 -24.84 40.86 10.65
C ASP D 85 -23.39 40.45 10.87
N PHE D 86 -23.14 39.14 10.93
CA PHE D 86 -21.82 38.62 11.26
C PHE D 86 -21.02 38.21 10.04
N SER D 87 -21.42 38.65 8.85
CA SER D 87 -20.58 38.49 7.67
C SER D 87 -19.55 39.60 7.53
N MET D 88 -19.60 40.60 8.41
CA MET D 88 -18.65 41.69 8.43
C MET D 88 -17.81 41.63 9.71
N ARG D 89 -16.51 41.83 9.57
CA ARG D 89 -15.59 41.74 10.69
C ARG D 89 -15.86 42.85 11.69
N PRO D 90 -15.41 42.68 12.94
CA PRO D 90 -15.45 43.79 13.89
C PRO D 90 -14.56 44.92 13.40
N GLY D 91 -15.11 46.13 13.41
CA GLY D 91 -14.37 47.26 12.85
C GLY D 91 -14.40 47.35 11.35
N PHE D 92 -15.34 46.63 10.70
CA PHE D 92 -15.45 46.63 9.24
C PHE D 92 -15.47 48.06 8.70
N GLY D 93 -14.56 48.34 7.78
CA GLY D 93 -14.38 49.67 7.24
C GLY D 93 -13.43 50.55 8.03
N GLY D 94 -12.94 50.08 9.18
CA GLY D 94 -12.03 50.85 9.99
C GLY D 94 -10.66 50.20 10.12
N PRO D 95 -9.99 50.48 11.23
CA PRO D 95 -8.62 49.94 11.43
C PRO D 95 -8.62 48.42 11.53
N ALA D 96 -7.44 47.85 11.31
CA ALA D 96 -7.27 46.40 11.40
C ALA D 96 -7.53 45.92 12.83
N ILE D 97 -8.09 44.72 12.94
CA ILE D 97 -8.43 44.12 14.22
C ILE D 97 -7.30 43.18 14.63
N PRO D 98 -6.70 43.34 15.81
CA PRO D 98 -5.66 42.42 16.25
C PRO D 98 -6.21 41.03 16.58
N VAL D 99 -5.46 40.01 16.21
CA VAL D 99 -5.77 38.62 16.54
C VAL D 99 -4.51 37.96 17.08
N GLY D 100 -4.58 37.47 18.32
CA GLY D 100 -3.48 36.75 18.94
C GLY D 100 -3.64 35.25 18.81
N VAL D 101 -2.51 34.55 18.71
CA VAL D 101 -2.50 33.11 18.45
C VAL D 101 -1.61 32.42 19.48
N ASP D 102 -2.04 31.23 19.92
CA ASP D 102 -1.31 30.43 20.90
C ASP D 102 -1.44 28.98 20.47
N VAL D 103 -0.34 28.24 20.51
CA VAL D 103 -0.29 26.87 20.00
C VAL D 103 0.32 25.94 21.04
N GLN D 104 -0.33 24.79 21.25
CA GLN D 104 0.24 23.67 21.99
C GLN D 104 0.36 22.48 21.05
N VAL D 105 1.57 21.93 20.94
CA VAL D 105 1.84 20.82 20.02
C VAL D 105 1.62 19.52 20.78
N GLU D 106 0.80 18.64 20.21
CA GLU D 106 0.43 17.39 20.89
C GLU D 106 1.31 16.22 20.48
N SER D 107 1.56 16.05 19.18
CA SER D 107 2.37 14.92 18.72
C SER D 107 2.89 15.18 17.32
N LEU D 108 3.94 14.45 16.96
CA LEU D 108 4.46 14.39 15.60
C LEU D 108 4.27 12.95 15.12
N ASP D 109 3.40 12.76 14.13
CA ASP D 109 2.88 11.43 13.84
C ASP D 109 3.76 10.63 12.88
N SER D 110 4.25 11.25 11.82
CA SER D 110 5.03 10.50 10.84
C SER D 110 5.85 11.46 9.99
N ILE D 111 6.88 10.90 9.35
CA ILE D 111 7.72 11.62 8.41
C ILE D 111 7.88 10.76 7.16
N SER D 112 7.79 11.39 5.99
CA SER D 112 7.86 10.69 4.71
C SER D 112 9.08 11.21 3.95
N GLU D 113 10.00 10.30 3.63
CA GLU D 113 11.20 10.70 2.90
C GLU D 113 11.03 10.70 1.39
N VAL D 114 10.06 9.93 0.87
CA VAL D 114 9.80 9.98 -0.56
C VAL D 114 8.85 11.12 -0.89
N ASP D 115 7.87 11.38 -0.02
CA ASP D 115 6.94 12.48 -0.21
C ASP D 115 7.48 13.80 0.33
N MET D 116 8.45 13.75 1.24
CA MET D 116 9.08 14.94 1.83
C MET D 116 8.06 15.80 2.56
N ASP D 117 7.45 15.23 3.59
CA ASP D 117 6.50 15.95 4.44
C ASP D 117 6.44 15.30 5.81
N PHE D 118 5.73 15.96 6.72
CA PHE D 118 5.54 15.50 8.08
C PHE D 118 4.10 15.80 8.51
N THR D 119 3.64 15.09 9.54
CA THR D 119 2.28 15.25 10.05
C THR D 119 2.33 15.59 11.53
N MET D 120 1.55 16.60 11.93
CA MET D 120 1.51 17.08 13.30
C MET D 120 0.08 17.29 13.76
N THR D 121 -0.17 17.06 15.06
CA THR D 121 -1.46 17.32 15.69
C THR D 121 -1.26 18.36 16.79
N LEU D 122 -2.09 19.40 16.78
CA LEU D 122 -1.89 20.54 17.68
C LEU D 122 -3.23 21.13 18.11
N TYR D 123 -3.18 21.86 19.21
CA TYR D 123 -4.29 22.69 19.69
C TYR D 123 -4.05 24.14 19.29
N LEU D 124 -4.99 24.72 18.56
CA LEU D 124 -4.85 26.07 18.01
C LEU D 124 -5.82 27.01 18.68
N ARG D 125 -5.30 28.11 19.23
CA ARG D 125 -6.08 29.05 20.02
C ARG D 125 -6.02 30.45 19.43
N HIS D 126 -7.17 31.14 19.43
CA HIS D 126 -7.30 32.49 18.90
C HIS D 126 -7.83 33.43 19.98
N TYR D 127 -7.35 34.67 19.98
CA TYR D 127 -7.81 35.69 20.91
C TYR D 127 -8.18 36.95 20.15
N TRP D 128 -9.37 37.47 20.41
CA TRP D 128 -9.79 38.75 19.86
C TRP D 128 -10.98 39.27 20.67
N LYS D 129 -11.39 40.50 20.37
CA LYS D 129 -12.51 41.14 21.04
C LYS D 129 -13.57 41.54 20.02
N ASP D 130 -14.84 41.36 20.38
CA ASP D 130 -15.96 41.74 19.54
C ASP D 130 -17.04 42.33 20.44
N GLU D 131 -17.25 43.65 20.33
CA GLU D 131 -18.20 44.33 21.20
C GLU D 131 -19.64 43.88 20.95
N ARG D 132 -19.92 43.26 19.81
CA ARG D 132 -21.25 42.74 19.53
C ARG D 132 -21.60 41.52 20.36
N LEU D 133 -20.64 40.93 21.07
CA LEU D 133 -20.86 39.73 21.85
C LEU D 133 -20.85 39.99 23.36
N SER D 134 -21.04 41.24 23.77
CA SER D 134 -21.11 41.55 25.19
C SER D 134 -22.46 41.14 25.77
N PHE D 135 -22.48 40.94 27.08
CA PHE D 135 -23.71 40.62 27.79
C PHE D 135 -23.58 41.10 29.23
N PRO D 136 -24.69 41.43 29.89
CA PRO D 136 -24.61 41.93 31.27
C PRO D 136 -24.25 40.82 32.25
N SER D 137 -23.39 41.16 33.20
CA SER D 137 -22.93 40.21 34.21
C SER D 137 -22.31 40.98 35.37
N THR D 138 -22.34 40.36 36.55
CA THR D 138 -21.77 40.94 37.76
C THR D 138 -20.50 40.25 38.21
N ASN D 139 -20.07 39.18 37.53
CA ASN D 139 -18.95 38.37 37.99
C ASN D 139 -17.65 38.66 37.28
N ASN D 140 -17.69 39.25 36.07
CA ASN D 140 -16.49 39.55 35.30
C ASN D 140 -15.70 38.28 34.97
N LEU D 141 -16.42 37.20 34.72
CA LEU D 141 -15.80 35.90 34.44
C LEU D 141 -16.29 35.36 33.10
N SER D 142 -15.42 34.61 32.44
CA SER D 142 -15.75 34.04 31.14
C SER D 142 -16.68 32.85 31.29
N MET D 143 -17.52 32.65 30.27
CA MET D 143 -18.47 31.56 30.23
C MET D 143 -18.21 30.70 28.99
N THR D 144 -18.40 29.39 29.14
CA THR D 144 -18.19 28.44 28.05
C THR D 144 -19.52 28.12 27.39
N PHE D 145 -19.56 28.23 26.05
CA PHE D 145 -20.74 27.99 25.27
C PHE D 145 -20.60 26.70 24.45
N ASP D 146 -21.75 26.20 23.98
CA ASP D 146 -21.84 24.83 23.46
C ASP D 146 -20.87 24.58 22.32
N GLY D 147 -20.77 25.51 21.37
CA GLY D 147 -19.92 25.36 20.21
C GLY D 147 -20.66 25.26 18.90
N ARG D 148 -21.96 24.97 18.94
CA ARG D 148 -22.79 25.14 17.75
C ARG D 148 -22.99 26.60 17.40
N LEU D 149 -22.67 27.51 18.33
CA LEU D 149 -22.77 28.94 18.09
C LEU D 149 -21.68 29.48 17.18
N VAL D 150 -20.58 28.72 17.01
CA VAL D 150 -19.44 29.20 16.23
C VAL D 150 -19.84 29.49 14.79
N LYS D 151 -20.86 28.81 14.28
CA LYS D 151 -21.30 29.00 12.90
C LYS D 151 -22.25 30.18 12.75
N LYS D 152 -22.55 30.90 13.82
CA LYS D 152 -23.43 32.06 13.79
C LYS D 152 -22.72 33.38 14.06
N ILE D 153 -21.42 33.35 14.36
CA ILE D 153 -20.65 34.56 14.66
C ILE D 153 -19.44 34.61 13.74
N TRP D 154 -18.82 35.78 13.67
CA TRP D 154 -17.60 35.94 12.90
C TRP D 154 -16.42 35.28 13.61
N VAL D 155 -15.60 34.58 12.84
CA VAL D 155 -14.43 33.89 13.37
C VAL D 155 -13.26 34.10 12.40
N PRO D 156 -12.05 34.41 12.90
CA PRO D 156 -10.91 34.58 12.01
C PRO D 156 -10.60 33.31 11.22
N ASP D 157 -10.22 33.50 9.96
CA ASP D 157 -10.00 32.40 9.02
C ASP D 157 -8.51 32.11 8.85
N MET D 158 -7.98 31.24 9.70
CA MET D 158 -6.59 30.83 9.58
C MET D 158 -6.47 29.57 8.73
N PHE D 159 -5.37 29.48 8.00
CA PHE D 159 -5.08 28.28 7.20
C PHE D 159 -3.57 28.07 7.20
N PHE D 160 -3.17 26.84 6.90
CA PHE D 160 -1.77 26.45 6.92
C PHE D 160 -1.19 26.53 5.51
N VAL D 161 -0.10 27.27 5.36
CA VAL D 161 0.51 27.49 4.06
C VAL D 161 1.43 26.33 3.71
N HIS D 162 1.42 25.93 2.44
CA HIS D 162 2.24 24.84 1.93
C HIS D 162 1.89 23.50 2.58
N SER D 163 0.63 23.34 2.98
CA SER D 163 0.16 22.07 3.49
C SER D 163 -0.45 21.24 2.37
N LYS D 164 -0.54 19.93 2.60
CA LYS D 164 -1.09 19.01 1.61
C LYS D 164 -2.47 18.50 1.95
N ARG D 165 -2.76 18.29 3.24
CA ARG D 165 -4.07 17.85 3.68
C ARG D 165 -4.20 18.09 5.17
N SER D 166 -5.42 18.36 5.62
CA SER D 166 -5.66 18.62 7.03
C SER D 166 -7.15 18.41 7.32
N PHE D 167 -7.46 18.23 8.61
CA PHE D 167 -8.84 18.08 9.03
C PHE D 167 -8.96 18.45 10.50
N ILE D 168 -10.20 18.69 10.91
CA ILE D 168 -10.54 18.95 12.32
C ILE D 168 -11.16 17.69 12.89
N HIS D 169 -10.69 17.28 14.07
CA HIS D 169 -11.26 16.12 14.73
C HIS D 169 -12.69 16.42 15.17
N ASP D 170 -13.59 15.44 15.02
CA ASP D 170 -15.00 15.68 15.27
C ASP D 170 -15.71 14.51 15.96
N THR D 171 -14.99 13.74 16.76
CA THR D 171 -15.60 12.71 17.60
C THR D 171 -15.37 13.07 19.06
N THR D 172 -16.43 13.05 19.88
CA THR D 172 -17.78 12.65 19.47
C THR D 172 -18.56 13.81 18.87
N THR D 173 -18.04 15.02 19.07
CA THR D 173 -18.53 16.22 18.43
C THR D 173 -17.32 16.99 17.91
N ASP D 174 -17.57 18.11 17.23
CA ASP D 174 -16.47 18.95 16.78
C ASP D 174 -15.64 19.39 17.98
N ASN D 175 -14.32 19.26 17.86
CA ASN D 175 -13.40 19.59 18.95
C ASN D 175 -13.21 21.11 18.97
N VAL D 176 -14.24 21.79 19.46
CA VAL D 176 -14.34 23.24 19.38
C VAL D 176 -14.68 23.78 20.76
N MET D 177 -13.94 24.80 21.19
CA MET D 177 -14.21 25.51 22.44
C MET D 177 -14.49 26.97 22.16
N LEU D 178 -15.45 27.54 22.87
CA LEU D 178 -15.77 28.96 22.76
C LEU D 178 -16.03 29.53 24.15
N ARG D 179 -15.25 30.53 24.54
CA ARG D 179 -15.40 31.19 25.83
C ARG D 179 -15.44 32.70 25.64
N VAL D 180 -16.49 33.34 26.17
CA VAL D 180 -16.73 34.76 25.95
C VAL D 180 -16.86 35.44 27.32
N GLN D 181 -16.16 36.57 27.47
CA GLN D 181 -16.24 37.41 28.65
C GLN D 181 -17.32 38.47 28.48
N PRO D 182 -17.81 39.04 29.59
CA PRO D 182 -18.88 40.06 29.48
C PRO D 182 -18.53 41.25 28.62
N ASP D 183 -17.25 41.61 28.51
CA ASP D 183 -16.85 42.77 27.72
C ASP D 183 -16.55 42.44 26.27
N GLY D 184 -16.77 41.20 25.84
CA GLY D 184 -16.63 40.82 24.45
C GLY D 184 -15.35 40.09 24.08
N LYS D 185 -14.44 39.88 25.02
CA LYS D 185 -13.22 39.14 24.72
C LYS D 185 -13.53 37.66 24.52
N VAL D 186 -12.95 37.08 23.46
CA VAL D 186 -13.33 35.76 22.97
C VAL D 186 -12.08 34.88 22.94
N LEU D 187 -12.22 33.64 23.42
CA LEU D 187 -11.21 32.61 23.27
C LEU D 187 -11.80 31.45 22.47
N TYR D 188 -11.14 31.07 21.39
CA TYR D 188 -11.60 30.05 20.47
C TYR D 188 -10.48 29.04 20.25
N SER D 189 -10.82 27.75 20.27
CA SER D 189 -9.81 26.69 20.32
C SER D 189 -10.20 25.52 19.44
N LEU D 190 -9.26 25.03 18.64
CA LEU D 190 -9.46 23.92 17.72
C LEU D 190 -8.39 22.85 17.92
N ARG D 191 -8.75 21.60 17.66
CA ARG D 191 -7.80 20.49 17.56
C ARG D 191 -7.76 20.03 16.11
N VAL D 192 -6.58 20.12 15.48
CA VAL D 192 -6.43 19.83 14.06
C VAL D 192 -5.24 18.91 13.83
N THR D 193 -5.25 18.27 12.66
CA THR D 193 -4.14 17.45 12.18
C THR D 193 -3.72 17.97 10.81
N VAL D 194 -2.42 18.21 10.62
CA VAL D 194 -1.91 18.86 9.43
C VAL D 194 -0.76 18.03 8.86
N THR D 195 -0.78 17.82 7.54
CA THR D 195 0.36 17.29 6.80
C THR D 195 0.96 18.43 5.96
N ALA D 196 2.24 18.70 6.18
CA ALA D 196 2.90 19.86 5.57
C ALA D 196 4.25 19.45 5.00
N MET D 197 4.64 20.12 3.92
CA MET D 197 5.81 19.76 3.14
C MET D 197 7.06 20.44 3.68
N CYS D 198 8.21 19.85 3.37
CA CYS D 198 9.50 20.42 3.70
C CYS D 198 10.55 19.92 2.72
N ASN D 199 11.61 20.71 2.53
CA ASN D 199 12.69 20.37 1.62
C ASN D 199 13.80 19.67 2.39
N MET D 200 14.01 18.39 2.12
CA MET D 200 15.03 17.60 2.78
C MET D 200 16.23 17.37 1.87
N ASP D 201 17.43 17.48 2.44
CA ASP D 201 18.68 17.23 1.73
C ASP D 201 19.25 15.91 2.26
N PHE D 202 19.46 14.95 1.35
CA PHE D 202 19.97 13.64 1.70
C PHE D 202 21.42 13.43 1.27
N SER D 203 22.15 14.51 0.97
CA SER D 203 23.53 14.37 0.50
C SER D 203 24.45 13.77 1.56
N ARG D 204 24.05 13.79 2.83
CA ARG D 204 24.83 13.19 3.91
C ARG D 204 24.09 12.05 4.61
N PHE D 205 23.03 11.54 4.00
CA PHE D 205 22.26 10.45 4.58
C PHE D 205 23.15 9.22 4.75
N PRO D 206 23.03 8.49 5.87
CA PRO D 206 22.11 8.65 7.01
C PRO D 206 22.65 9.50 8.15
N LEU D 207 23.58 10.41 7.85
CA LEU D 207 24.14 11.32 8.85
C LEU D 207 23.55 12.72 8.73
N ASP D 208 22.41 12.85 8.06
CA ASP D 208 21.82 14.13 7.72
C ASP D 208 21.08 14.73 8.92
N THR D 209 20.95 16.06 8.89
CA THR D 209 20.17 16.82 9.85
C THR D 209 19.21 17.70 9.06
N GLN D 210 17.93 17.68 9.44
CA GLN D 210 16.90 18.40 8.72
C GLN D 210 16.24 19.44 9.62
N THR D 211 15.75 20.51 8.98
CA THR D 211 14.98 21.54 9.65
C THR D 211 13.62 21.66 8.96
N CYS D 212 12.60 21.95 9.76
CA CYS D 212 11.23 21.98 9.27
C CYS D 212 10.49 23.15 9.90
N SER D 213 9.39 23.54 9.27
CA SER D 213 8.56 24.63 9.79
C SER D 213 7.11 24.41 9.39
N LEU D 214 6.22 24.90 10.24
CA LEU D 214 4.79 24.96 9.96
C LEU D 214 4.36 26.42 9.97
N GLU D 215 3.65 26.85 8.93
CA GLU D 215 3.35 28.26 8.71
C GLU D 215 1.85 28.51 8.83
N ILE D 216 1.50 29.55 9.58
CA ILE D 216 0.11 29.93 9.83
C ILE D 216 -0.12 31.32 9.27
N GLU D 217 -1.20 31.49 8.51
CA GLU D 217 -1.50 32.76 7.88
C GLU D 217 -3.00 32.86 7.67
N SER D 218 -3.52 34.08 7.69
CA SER D 218 -4.92 34.31 7.33
C SER D 218 -5.08 34.27 5.82
N TYR D 219 -6.26 33.86 5.37
CA TYR D 219 -6.49 33.68 3.94
C TYR D 219 -7.06 34.94 3.27
N ALA D 220 -8.18 35.45 3.77
CA ALA D 220 -8.92 36.49 3.07
C ALA D 220 -8.49 37.90 3.44
N TYR D 221 -7.93 38.10 4.64
CA TYR D 221 -7.69 39.44 5.16
C TYR D 221 -6.21 39.78 5.09
N THR D 222 -5.89 40.93 4.51
CA THR D 222 -4.53 41.44 4.49
C THR D 222 -4.19 42.10 5.83
N GLU D 223 -2.93 42.52 5.96
CA GLU D 223 -2.49 43.17 7.19
C GLU D 223 -3.21 44.50 7.43
N ASP D 224 -3.83 45.07 6.40
CA ASP D 224 -4.58 46.30 6.59
C ASP D 224 -5.94 46.07 7.24
N ASP D 225 -6.48 44.85 7.13
CA ASP D 225 -7.75 44.51 7.76
C ASP D 225 -7.59 43.67 9.03
N LEU D 226 -6.56 42.82 9.09
CA LEU D 226 -6.37 41.93 10.24
C LEU D 226 -4.89 41.85 10.56
N MET D 227 -4.55 42.07 11.83
CA MET D 227 -3.17 42.01 12.31
C MET D 227 -2.98 40.77 13.16
N LEU D 228 -2.10 39.87 12.71
CA LEU D 228 -1.86 38.59 13.37
C LEU D 228 -0.52 38.63 14.10
N TYR D 229 -0.51 38.13 15.35
CA TYR D 229 0.70 38.12 16.15
C TYR D 229 0.65 36.99 17.16
N TRP D 230 1.82 36.65 17.72
CA TRP D 230 1.91 35.68 18.79
C TRP D 230 1.43 36.31 20.10
N LYS D 231 0.54 35.60 20.81
CA LYS D 231 -0.13 36.19 21.96
C LYS D 231 0.84 36.56 23.07
N LYS D 232 1.84 35.71 23.34
CA LYS D 232 2.82 35.97 24.39
C LYS D 232 4.24 36.02 23.85
N GLY D 233 4.41 36.34 22.57
CA GLY D 233 5.75 36.35 21.99
C GLY D 233 6.37 34.96 21.98
N ASN D 234 7.58 34.85 22.53
CA ASN D 234 8.29 33.58 22.56
C ASN D 234 7.66 32.56 23.49
N ASP D 235 6.81 32.98 24.43
CA ASP D 235 6.22 32.07 25.40
C ASP D 235 4.93 31.41 24.92
N SER D 236 4.54 31.63 23.67
CA SER D 236 3.26 31.16 23.16
C SER D 236 3.30 29.73 22.62
N LEU D 237 4.46 29.06 22.63
CA LEU D 237 4.57 27.70 22.10
C LEU D 237 4.89 26.72 23.21
N LYS D 238 4.08 25.67 23.32
CA LYS D 238 4.26 24.62 24.31
C LYS D 238 4.25 23.26 23.61
N THR D 239 4.94 22.29 24.20
CA THR D 239 5.00 20.94 23.63
C THR D 239 4.72 19.91 24.71
N ASP D 240 4.12 18.80 24.29
CA ASP D 240 3.84 17.68 25.17
C ASP D 240 5.12 16.92 25.51
N GLU D 241 5.17 16.39 26.73
CA GLU D 241 6.34 15.61 27.15
C GLU D 241 6.48 14.30 26.39
N ARG D 242 5.40 13.77 25.83
CA ARG D 242 5.40 12.48 25.17
C ARG D 242 5.68 12.57 23.67
N ILE D 243 6.18 13.70 23.19
CA ILE D 243 6.52 13.84 21.78
C ILE D 243 7.78 13.05 21.50
N SER D 244 7.70 12.10 20.56
CA SER D 244 8.84 11.26 20.23
C SER D 244 8.65 10.66 18.85
N LEU D 245 9.75 10.53 18.11
CA LEU D 245 9.81 9.77 16.87
C LEU D 245 10.83 8.66 17.05
N SER D 246 10.53 7.48 16.47
CA SER D 246 11.43 6.35 16.65
C SER D 246 12.75 6.52 15.90
N GLN D 247 12.75 7.27 14.81
CA GLN D 247 13.94 7.39 13.98
C GLN D 247 14.68 8.71 14.15
N PHE D 248 14.08 9.71 14.79
CA PHE D 248 14.66 11.04 14.85
C PHE D 248 14.71 11.54 16.28
N LEU D 249 15.66 12.44 16.53
CA LEU D 249 15.74 13.21 17.76
C LEU D 249 15.23 14.63 17.49
N ILE D 250 14.28 15.09 18.31
CA ILE D 250 13.61 16.36 18.09
C ILE D 250 14.17 17.39 19.07
N GLN D 251 14.49 18.58 18.56
CA GLN D 251 15.08 19.62 19.40
C GLN D 251 14.79 20.98 18.78
N GLU D 252 15.02 22.02 19.59
CA GLU D 252 15.09 23.41 19.13
C GLU D 252 13.75 23.93 18.59
N PHE D 253 12.71 23.85 19.40
CA PHE D 253 11.43 24.50 19.06
C PHE D 253 11.51 26.00 19.33
N HIS D 254 11.06 26.80 18.38
CA HIS D 254 10.94 28.24 18.55
C HIS D 254 10.02 28.79 17.48
N THR D 255 9.66 30.07 17.63
CA THR D 255 8.68 30.73 16.77
C THR D 255 9.25 32.02 16.19
N THR D 256 8.83 32.33 14.97
CA THR D 256 9.26 33.54 14.27
C THR D 256 8.08 34.10 13.48
N THR D 257 8.26 35.32 12.96
CA THR D 257 7.26 35.98 12.13
C THR D 257 7.90 36.56 10.89
N LYS D 258 7.09 36.77 9.86
CA LYS D 258 7.54 37.33 8.60
C LYS D 258 6.34 37.89 7.85
N LEU D 259 6.60 38.80 6.92
CA LEU D 259 5.57 39.41 6.09
C LEU D 259 5.62 38.84 4.68
N ALA D 260 4.49 38.36 4.19
CA ALA D 260 4.39 37.70 2.89
C ALA D 260 3.64 38.59 1.90
N PHE D 261 4.02 38.48 0.63
CA PHE D 261 3.45 39.32 -0.42
C PHE D 261 2.94 38.46 -1.57
N TYR D 262 1.72 38.74 -2.01
CA TYR D 262 1.14 38.13 -3.20
C TYR D 262 0.90 39.23 -4.23
N SER D 263 1.32 38.97 -5.48
CA SER D 263 1.23 40.00 -6.50
C SER D 263 -0.21 40.42 -6.79
N SER D 264 -1.17 39.50 -6.59
CA SER D 264 -2.55 39.79 -6.97
C SER D 264 -3.46 40.18 -5.82
N THR D 265 -3.08 39.92 -4.56
CA THR D 265 -3.98 40.21 -3.44
C THR D 265 -3.44 41.28 -2.50
N GLY D 266 -2.25 41.11 -1.94
CA GLY D 266 -1.73 42.10 -1.02
C GLY D 266 -0.69 41.50 -0.08
N TRP D 267 -0.52 42.17 1.06
CA TRP D 267 0.48 41.81 2.06
C TRP D 267 -0.16 41.07 3.23
N TYR D 268 0.49 39.99 3.67
CA TYR D 268 0.00 39.15 4.76
C TYR D 268 1.12 38.88 5.75
N ASN D 269 0.73 38.65 7.00
CA ASN D 269 1.66 38.36 8.10
C ASN D 269 1.67 36.87 8.38
N ARG D 270 2.86 36.26 8.34
CA ARG D 270 3.03 34.84 8.56
C ARG D 270 3.67 34.55 9.93
N LEU D 271 3.25 33.44 10.54
CA LEU D 271 3.83 32.92 11.77
C LEU D 271 4.46 31.57 11.50
N TYR D 272 5.61 31.30 12.11
CA TYR D 272 6.39 30.09 11.86
C TYR D 272 6.62 29.32 13.15
N ILE D 273 6.56 27.99 13.06
CA ILE D 273 6.96 27.09 14.14
C ILE D 273 8.09 26.22 13.61
N ASN D 274 9.30 26.43 14.12
CA ASN D 274 10.49 25.77 13.60
C ASN D 274 11.01 24.71 14.56
N PHE D 275 11.59 23.64 14.00
CA PHE D 275 12.20 22.59 14.79
C PHE D 275 13.22 21.84 13.95
N THR D 276 14.08 21.08 14.62
CA THR D 276 15.19 20.37 14.00
C THR D 276 15.09 18.88 14.31
N LEU D 277 15.46 18.06 13.32
CA LEU D 277 15.45 16.60 13.46
C LEU D 277 16.85 16.04 13.24
N ARG D 278 17.31 15.20 14.17
CA ARG D 278 18.58 14.50 14.05
C ARG D 278 18.34 12.99 14.04
N ARG D 279 18.78 12.32 12.98
CA ARG D 279 18.54 10.90 12.81
C ARG D 279 19.50 10.07 13.66
N HIS D 280 19.01 8.92 14.14
CA HIS D 280 19.87 7.95 14.80
C HIS D 280 20.56 7.07 13.77
N ILE D 281 21.82 6.70 14.05
CA ILE D 281 22.66 6.06 13.04
C ILE D 281 23.04 4.63 13.38
N PHE D 282 22.67 4.12 14.57
CA PHE D 282 23.10 2.77 14.95
C PHE D 282 22.57 1.71 13.98
N PHE D 283 21.27 1.80 13.67
CA PHE D 283 20.65 0.80 12.80
C PHE D 283 21.34 0.74 11.44
N PHE D 284 21.59 1.91 10.84
CA PHE D 284 22.21 1.94 9.53
C PHE D 284 23.63 1.39 9.57
N LEU D 285 24.39 1.74 10.61
CA LEU D 285 25.74 1.19 10.74
C LEU D 285 25.70 -0.33 10.80
N LEU D 286 24.90 -0.87 11.72
CA LEU D 286 24.87 -2.31 11.94
C LEU D 286 24.37 -3.07 10.72
N GLN D 287 23.36 -2.53 10.04
CA GLN D 287 22.73 -3.24 8.92
C GLN D 287 23.40 -3.01 7.59
N THR D 288 24.24 -1.98 7.43
CA THR D 288 24.86 -1.72 6.13
C THR D 288 26.38 -1.69 6.18
N TYR D 289 26.99 -0.94 7.10
CA TYR D 289 28.43 -0.77 7.06
C TYR D 289 29.15 -2.02 7.53
N PHE D 290 28.58 -2.71 8.52
CA PHE D 290 29.19 -3.93 9.05
C PHE D 290 29.31 -5.03 8.00
N PRO D 291 28.23 -5.47 7.33
CA PRO D 291 28.38 -6.56 6.35
C PRO D 291 29.33 -6.25 5.20
N ALA D 292 29.29 -5.03 4.66
CA ALA D 292 30.14 -4.70 3.53
C ALA D 292 31.62 -4.74 3.90
N THR D 293 31.96 -4.23 5.09
CA THR D 293 33.34 -4.30 5.56
C THR D 293 33.76 -5.75 5.81
N LEU D 294 32.86 -6.56 6.36
CA LEU D 294 33.21 -7.97 6.55
C LEU D 294 33.46 -8.67 5.22
N MET D 295 32.65 -8.37 4.20
CA MET D 295 32.86 -9.02 2.90
C MET D 295 34.14 -8.52 2.24
N VAL D 296 34.47 -7.24 2.41
CA VAL D 296 35.74 -6.75 1.87
C VAL D 296 36.91 -7.47 2.54
N MET D 297 36.85 -7.64 3.86
CA MET D 297 37.93 -8.36 4.54
C MET D 297 37.97 -9.82 4.15
N LEU D 298 36.81 -10.41 3.84
CA LEU D 298 36.77 -11.79 3.35
C LEU D 298 37.43 -11.92 2.00
N SER D 299 37.31 -10.89 1.15
CA SER D 299 37.97 -10.96 -0.15
C SER D 299 39.49 -10.97 -0.06
N TRP D 300 40.05 -10.61 1.11
CA TRP D 300 41.49 -10.65 1.32
C TRP D 300 42.01 -12.01 1.75
N VAL D 301 41.12 -12.96 2.04
CA VAL D 301 41.54 -14.32 2.36
C VAL D 301 42.26 -14.95 1.18
N SER D 302 41.84 -14.60 -0.04
CA SER D 302 42.44 -15.18 -1.25
C SER D 302 43.95 -15.00 -1.30
N PHE D 303 44.47 -13.89 -0.78
CA PHE D 303 45.89 -13.61 -0.88
C PHE D 303 46.74 -14.60 -0.10
N TRP D 304 46.16 -15.30 0.86
CA TRP D 304 46.89 -16.19 1.75
C TRP D 304 46.75 -17.65 1.37
N ILE D 305 46.18 -17.94 0.20
CA ILE D 305 45.93 -19.31 -0.25
C ILE D 305 46.89 -19.62 -1.39
N ASP D 306 47.45 -20.83 -1.37
CA ASP D 306 48.39 -21.27 -2.39
C ASP D 306 47.81 -21.07 -3.79
N ARG D 307 48.56 -20.38 -4.65
CA ARG D 307 48.06 -20.01 -5.97
C ARG D 307 47.83 -21.22 -6.87
N ARG D 308 48.37 -22.39 -6.53
CA ARG D 308 48.16 -23.56 -7.37
C ARG D 308 46.72 -24.06 -7.33
N ALA D 309 45.97 -23.71 -6.29
CA ALA D 309 44.57 -24.14 -6.16
C ALA D 309 43.64 -23.12 -6.83
N VAL D 310 43.67 -23.13 -8.16
CA VAL D 310 42.82 -22.21 -8.92
C VAL D 310 41.33 -22.39 -8.63
N PRO D 311 40.78 -23.64 -8.59
CA PRO D 311 39.35 -23.80 -8.24
C PRO D 311 39.05 -23.59 -6.77
N ALA D 312 40.03 -23.10 -6.01
CA ALA D 312 39.76 -22.61 -4.67
C ALA D 312 39.73 -21.09 -4.58
N ARG D 313 40.57 -20.42 -5.37
CA ARG D 313 40.65 -18.97 -5.34
C ARG D 313 39.63 -18.29 -6.25
N VAL D 314 39.30 -18.87 -7.40
CA VAL D 314 38.29 -18.27 -8.27
C VAL D 314 36.89 -18.29 -7.65
N PRO D 315 36.40 -19.44 -7.15
CA PRO D 315 35.07 -19.44 -6.52
C PRO D 315 34.93 -18.46 -5.35
N LEU D 316 35.97 -18.30 -4.54
CA LEU D 316 35.87 -17.41 -3.39
C LEU D 316 35.62 -15.97 -3.82
N GLY D 317 36.40 -15.50 -4.81
CA GLY D 317 36.20 -14.16 -5.32
C GLY D 317 34.85 -13.96 -5.96
N ILE D 318 34.44 -14.90 -6.81
CA ILE D 318 33.16 -14.70 -7.50
C ILE D 318 32.00 -14.75 -6.50
N THR D 319 32.09 -15.59 -5.46
CA THR D 319 31.03 -15.66 -4.47
C THR D 319 31.00 -14.40 -3.61
N THR D 320 32.17 -13.83 -3.32
CA THR D 320 32.19 -12.54 -2.63
C THR D 320 31.52 -11.46 -3.46
N VAL D 321 31.76 -11.46 -4.78
CA VAL D 321 31.10 -10.49 -5.66
C VAL D 321 29.59 -10.68 -5.62
N LEU D 322 29.13 -11.92 -5.70
CA LEU D 322 27.69 -12.19 -5.66
C LEU D 322 27.07 -11.74 -4.34
N THR D 323 27.74 -12.03 -3.23
CA THR D 323 27.20 -11.62 -1.92
C THR D 323 27.13 -10.11 -1.80
N MET D 324 28.18 -9.40 -2.25
CA MET D 324 28.16 -7.96 -2.19
C MET D 324 27.03 -7.37 -3.04
N SER D 325 26.82 -7.94 -4.23
CA SER D 325 25.75 -7.45 -5.09
C SER D 325 24.38 -7.67 -4.43
N THR D 326 24.17 -8.84 -3.82
CA THR D 326 22.90 -9.10 -3.15
C THR D 326 22.68 -8.13 -1.98
N ILE D 327 23.74 -7.85 -1.21
CA ILE D 327 23.63 -6.89 -0.13
C ILE D 327 23.26 -5.51 -0.67
N ILE D 328 23.90 -5.10 -1.76
CA ILE D 328 23.61 -3.80 -2.36
C ILE D 328 22.16 -3.70 -2.78
N THR D 329 21.63 -4.75 -3.43
CA THR D 329 20.23 -4.74 -3.82
C THR D 329 19.30 -4.67 -2.61
N GLY D 330 19.59 -5.47 -1.58
CA GLY D 330 18.76 -5.45 -0.39
C GLY D 330 18.75 -4.09 0.30
N VAL D 331 19.89 -3.40 0.29
CA VAL D 331 19.93 -2.06 0.87
C VAL D 331 19.17 -1.07 -0.01
N ASN D 332 19.37 -1.13 -1.33
CA ASN D 332 18.68 -0.23 -2.24
C ASN D 332 17.17 -0.38 -2.17
N ALA D 333 16.69 -1.55 -1.71
CA ALA D 333 15.24 -1.73 -1.56
C ALA D 333 14.62 -0.71 -0.62
N SER D 334 15.39 -0.10 0.28
CA SER D 334 14.86 0.80 1.29
C SER D 334 15.39 2.23 1.18
N MET D 335 16.03 2.61 0.03
CA MET D 335 16.68 3.91 0.12
C MET D 335 15.88 5.00 -0.58
N PRO D 336 16.04 6.25 -0.12
CA PRO D 336 15.55 7.39 -0.90
C PRO D 336 16.32 7.56 -2.20
N ARG D 337 15.66 8.16 -3.19
CA ARG D 337 16.24 8.38 -4.51
C ARG D 337 16.35 9.88 -4.77
N VAL D 338 17.57 10.33 -5.06
CA VAL D 338 17.87 11.72 -5.36
C VAL D 338 18.80 11.79 -6.57
N SER D 339 18.91 13.00 -7.14
CA SER D 339 19.75 13.21 -8.32
C SER D 339 21.23 13.10 -8.01
N TYR D 340 21.61 13.12 -6.75
CA TYR D 340 22.99 12.94 -6.30
C TYR D 340 23.07 11.62 -5.53
N ILE D 341 24.24 11.33 -4.98
CA ILE D 341 24.46 10.07 -4.28
C ILE D 341 24.75 10.34 -2.82
N LYS D 342 24.18 9.49 -1.96
CA LYS D 342 24.36 9.57 -0.53
C LYS D 342 25.68 8.92 -0.13
N ALA D 343 26.15 9.25 1.08
CA ALA D 343 27.43 8.74 1.55
C ALA D 343 27.45 7.20 1.58
N VAL D 344 26.32 6.60 1.95
CA VAL D 344 26.25 5.14 2.02
C VAL D 344 26.46 4.51 0.65
N ASP D 345 25.98 5.16 -0.40
CA ASP D 345 26.20 4.66 -1.75
C ASP D 345 27.68 4.68 -2.10
N ILE D 346 28.39 5.74 -1.72
CA ILE D 346 29.82 5.82 -1.97
C ILE D 346 30.55 4.68 -1.27
N TYR D 347 30.20 4.45 0.00
CA TYR D 347 30.82 3.36 0.74
C TYR D 347 30.59 2.01 0.06
N LEU D 348 29.35 1.73 -0.33
CA LEU D 348 29.02 0.43 -0.90
C LEU D 348 29.72 0.20 -2.23
N TRP D 349 29.76 1.23 -3.09
CA TRP D 349 30.38 1.02 -4.39
C TRP D 349 31.89 0.99 -4.32
N VAL D 350 32.50 1.67 -3.33
CA VAL D 350 33.94 1.51 -3.13
C VAL D 350 34.25 0.07 -2.70
N SER D 351 33.43 -0.50 -1.82
CA SER D 351 33.62 -1.90 -1.45
C SER D 351 33.50 -2.83 -2.65
N PHE D 352 32.51 -2.57 -3.51
CA PHE D 352 32.32 -3.40 -4.70
C PHE D 352 33.56 -3.34 -5.61
N VAL D 353 34.09 -2.14 -5.81
CA VAL D 353 35.29 -1.99 -6.64
C VAL D 353 36.48 -2.72 -6.03
N PHE D 354 36.59 -2.70 -4.70
CA PHE D 354 37.68 -3.44 -4.06
C PHE D 354 37.61 -4.94 -4.36
N VAL D 355 36.43 -5.52 -4.25
CA VAL D 355 36.29 -6.95 -4.54
C VAL D 355 36.61 -7.24 -6.00
N PHE D 356 36.12 -6.38 -6.90
CA PHE D 356 36.40 -6.52 -8.32
C PHE D 356 37.90 -6.52 -8.60
N LEU D 357 38.63 -5.60 -7.98
CA LEU D 357 40.07 -5.52 -8.18
C LEU D 357 40.79 -6.76 -7.65
N SER D 358 40.31 -7.32 -6.54
CA SER D 358 40.90 -8.56 -6.04
C SER D 358 40.80 -9.68 -7.08
N VAL D 359 39.62 -9.81 -7.70
CA VAL D 359 39.47 -10.84 -8.74
C VAL D 359 40.43 -10.59 -9.89
N LEU D 360 40.54 -9.32 -10.33
CA LEU D 360 41.45 -9.02 -11.43
C LEU D 360 42.90 -9.37 -11.08
N GLU D 361 43.32 -9.08 -9.85
CA GLU D 361 44.68 -9.41 -9.44
C GLU D 361 44.95 -10.90 -9.54
N TYR D 362 44.01 -11.73 -9.06
CA TYR D 362 44.26 -13.17 -9.14
C TYR D 362 44.36 -13.63 -10.59
N ALA D 363 43.50 -13.09 -11.46
CA ALA D 363 43.60 -13.46 -12.87
C ALA D 363 44.99 -13.15 -13.44
N ALA D 364 45.52 -11.96 -13.10
CA ALA D 364 46.85 -11.60 -13.57
C ALA D 364 47.91 -12.55 -13.05
N VAL D 365 47.83 -12.92 -11.77
CA VAL D 365 48.82 -13.81 -11.18
C VAL D 365 48.83 -15.16 -11.90
N ASN D 366 47.63 -15.72 -12.15
CA ASN D 366 47.56 -17.01 -12.83
C ASN D 366 48.14 -16.94 -14.23
N TYR D 367 47.83 -15.86 -14.96
CA TYR D 367 48.39 -15.73 -16.31
C TYR D 367 49.91 -15.68 -16.28
N LEU D 368 50.49 -14.90 -15.37
CA LEU D 368 51.94 -14.80 -15.30
C LEU D 368 52.57 -16.15 -14.96
N THR D 369 51.96 -16.90 -14.05
CA THR D 369 52.51 -18.21 -13.69
C THR D 369 52.51 -19.14 -14.91
N THR D 370 51.40 -19.17 -15.66
CA THR D 370 51.35 -20.01 -16.85
C THR D 370 52.42 -19.60 -17.86
N VAL D 371 52.61 -18.29 -18.05
CA VAL D 371 53.61 -17.82 -19.01
C VAL D 371 55.01 -18.29 -18.60
N GLN D 372 55.33 -18.19 -17.31
CA GLN D 372 56.64 -18.64 -16.85
C GLN D 372 56.82 -20.14 -17.06
N GLU D 373 55.76 -20.93 -16.81
CA GLU D 373 55.87 -22.36 -17.04
C GLU D 373 56.14 -22.67 -18.52
N ARG D 374 55.47 -21.96 -19.42
CA ARG D 374 55.70 -22.20 -20.84
C ARG D 374 57.13 -21.83 -21.25
N LYS D 375 57.64 -20.71 -20.71
CA LYS D 375 59.01 -20.33 -21.05
C LYS D 375 60.01 -21.34 -20.52
N GLU D 376 59.78 -21.88 -19.31
CA GLU D 376 60.68 -22.89 -18.78
C GLU D 376 60.63 -24.17 -19.61
N GLN D 377 59.45 -24.56 -20.08
CA GLN D 377 59.36 -25.74 -20.95
C GLN D 377 60.11 -25.50 -22.27
N LYS D 378 60.02 -24.29 -22.81
CA LYS D 378 60.75 -23.98 -24.04
C LYS D 378 62.26 -24.01 -23.81
N LEU D 379 62.73 -23.51 -22.66
CA LEU D 379 64.15 -23.60 -22.36
C LEU D 379 64.61 -25.04 -22.22
N ARG D 380 63.78 -25.91 -21.66
CA ARG D 380 64.11 -27.32 -21.56
C ARG D 380 64.19 -27.96 -22.95
N ASP D 451 56.96 -21.04 -4.01
CA ASP D 451 57.17 -19.68 -3.53
C ASP D 451 55.92 -18.83 -3.73
N THR D 452 55.83 -17.74 -2.97
CA THR D 452 54.73 -16.79 -3.07
C THR D 452 55.05 -15.75 -4.14
N HIS D 453 54.12 -15.55 -5.06
CA HIS D 453 54.33 -14.59 -6.14
C HIS D 453 54.41 -13.18 -5.54
N ALA D 454 55.26 -12.34 -6.16
CA ALA D 454 55.48 -11.00 -5.65
C ALA D 454 54.20 -10.20 -5.56
N ILE D 455 53.29 -10.38 -6.53
CA ILE D 455 52.05 -9.62 -6.55
C ILE D 455 51.20 -9.94 -5.32
N ASP D 456 51.13 -11.21 -4.94
CA ASP D 456 50.37 -11.57 -3.75
C ASP D 456 50.98 -11.00 -2.47
N LYS D 457 52.31 -11.11 -2.33
CA LYS D 457 52.94 -10.65 -1.10
C LYS D 457 52.93 -9.14 -0.98
N TYR D 458 52.87 -8.42 -2.09
CA TYR D 458 52.74 -6.97 -2.02
C TYR D 458 51.29 -6.52 -1.85
N SER D 459 50.34 -7.23 -2.47
CA SER D 459 48.94 -6.89 -2.28
C SER D 459 48.47 -7.17 -0.86
N ARG D 460 49.09 -8.15 -0.18
CA ARG D 460 48.75 -8.41 1.22
C ARG D 460 48.97 -7.19 2.10
N ILE D 461 49.84 -6.28 1.69
CA ILE D 461 50.07 -5.04 2.41
C ILE D 461 49.31 -3.87 1.78
N ILE D 462 49.24 -3.83 0.45
CA ILE D 462 48.65 -2.69 -0.23
C ILE D 462 47.15 -2.61 0.01
N PHE D 463 46.44 -3.74 -0.11
CA PHE D 463 44.99 -3.69 -0.01
C PHE D 463 44.48 -3.21 1.35
N PRO D 464 44.89 -3.81 2.48
CA PRO D 464 44.43 -3.29 3.78
C PRO D 464 44.77 -1.83 4.02
N ALA D 465 45.94 -1.39 3.56
CA ALA D 465 46.32 0.00 3.72
C ALA D 465 45.39 0.92 2.94
N ALA D 466 45.03 0.53 1.72
CA ALA D 466 44.12 1.35 0.93
C ALA D 466 42.75 1.43 1.57
N TYR D 467 42.25 0.31 2.10
CA TYR D 467 40.93 0.36 2.74
C TYR D 467 40.96 1.19 4.01
N ILE D 468 42.04 1.07 4.80
CA ILE D 468 42.14 1.84 6.04
C ILE D 468 42.24 3.34 5.73
N LEU D 469 43.02 3.71 4.70
CA LEU D 469 43.11 5.12 4.31
C LEU D 469 41.76 5.64 3.84
N PHE D 470 41.04 4.86 3.04
CA PHE D 470 39.71 5.26 2.60
C PHE D 470 38.79 5.51 3.79
N ASN D 471 38.80 4.59 4.76
CA ASN D 471 37.96 4.76 5.94
C ASN D 471 38.36 5.99 6.75
N LEU D 472 39.66 6.26 6.87
CA LEU D 472 40.09 7.44 7.61
C LEU D 472 39.59 8.71 6.96
N ILE D 473 39.72 8.80 5.63
CA ILE D 473 39.24 10.01 4.93
C ILE D 473 37.72 10.11 5.04
N TYR D 474 37.02 8.99 4.84
CA TYR D 474 35.57 8.98 4.84
C TYR D 474 35.00 9.42 6.19
N TRP D 475 35.50 8.83 7.27
CA TRP D 475 35.00 9.21 8.59
C TRP D 475 35.66 10.46 9.15
N SER D 476 36.62 11.05 8.43
CA SER D 476 37.01 12.42 8.75
C SER D 476 36.11 13.43 8.06
N ILE D 477 35.58 13.11 6.88
CA ILE D 477 34.69 14.02 6.18
C ILE D 477 33.27 13.95 6.75
N PHE D 478 32.71 12.74 6.81
CA PHE D 478 31.33 12.54 7.26
C PHE D 478 31.24 12.21 8.74
N SER D 479 32.31 12.48 9.51
CA SER D 479 32.45 12.14 10.94
C SER D 479 31.19 11.72 11.69
N ARG E 80 -28.15 43.74 -0.83
CA ARG E 80 -29.50 43.32 -1.21
C ARG E 80 -29.50 41.88 -1.73
N ILE E 81 -28.97 40.97 -0.92
CA ILE E 81 -28.86 39.58 -1.34
C ILE E 81 -30.24 38.93 -1.42
N ASP E 82 -31.13 39.26 -0.47
CA ASP E 82 -32.46 38.68 -0.43
C ASP E 82 -33.41 39.22 -1.49
N ASP E 83 -33.04 40.29 -2.20
CA ASP E 83 -33.93 40.94 -3.12
C ASP E 83 -33.75 40.49 -4.57
N HIS E 84 -32.91 39.50 -4.82
CA HIS E 84 -32.65 39.03 -6.17
C HIS E 84 -32.64 37.51 -6.20
N ASP E 85 -32.90 36.96 -7.38
CA ASP E 85 -32.79 35.52 -7.63
C ASP E 85 -31.42 35.24 -8.23
N PHE E 86 -30.58 34.53 -7.49
CA PHE E 86 -29.19 34.28 -7.92
C PHE E 86 -29.01 32.89 -8.51
N SER E 87 -30.09 32.24 -8.95
CA SER E 87 -29.95 31.06 -9.77
C SER E 87 -29.79 31.39 -11.25
N MET E 88 -29.88 32.67 -11.60
CA MET E 88 -29.69 33.14 -12.97
C MET E 88 -28.42 33.95 -13.07
N ARG E 89 -27.67 33.74 -14.15
CA ARG E 89 -26.40 34.44 -14.33
C ARG E 89 -26.64 35.92 -14.55
N PRO E 90 -25.62 36.75 -14.30
CA PRO E 90 -25.70 38.15 -14.70
C PRO E 90 -25.83 38.26 -16.21
N GLY E 91 -26.78 39.09 -16.67
CA GLY E 91 -27.04 39.14 -18.09
C GLY E 91 -27.86 38.00 -18.62
N PHE E 92 -28.56 37.27 -17.75
CA PHE E 92 -29.37 36.13 -18.18
C PHE E 92 -30.34 36.55 -19.26
N GLY E 93 -30.37 35.78 -20.35
CA GLY E 93 -31.19 36.10 -21.50
C GLY E 93 -30.51 36.98 -22.52
N GLY E 94 -29.32 37.49 -22.23
CA GLY E 94 -28.62 38.39 -23.12
C GLY E 94 -27.23 37.90 -23.48
N PRO E 95 -26.35 38.83 -23.83
CA PRO E 95 -25.00 38.46 -24.28
C PRO E 95 -24.17 37.82 -23.19
N ALA E 96 -23.17 37.06 -23.61
CA ALA E 96 -22.31 36.32 -22.70
C ALA E 96 -21.55 37.26 -21.77
N ILE E 97 -21.35 36.81 -20.55
CA ILE E 97 -20.67 37.59 -19.51
C ILE E 97 -19.18 37.23 -19.52
N PRO E 98 -18.29 38.19 -19.70
CA PRO E 98 -16.84 37.88 -19.64
C PRO E 98 -16.43 37.49 -18.22
N VAL E 99 -15.53 36.51 -18.13
CA VAL E 99 -14.94 36.08 -16.87
C VAL E 99 -13.43 35.95 -17.07
N GLY E 100 -12.66 36.65 -16.24
CA GLY E 100 -11.21 36.57 -16.28
C GLY E 100 -10.67 35.63 -15.22
N VAL E 101 -9.53 35.00 -15.54
CA VAL E 101 -8.95 33.97 -14.69
C VAL E 101 -7.47 34.28 -14.44
N ASP E 102 -7.01 33.98 -13.22
CA ASP E 102 -5.63 34.21 -12.80
C ASP E 102 -5.24 33.07 -11.88
N VAL E 103 -4.05 32.50 -12.10
CA VAL E 103 -3.63 31.30 -11.37
C VAL E 103 -2.22 31.50 -10.81
N GLN E 104 -2.02 31.09 -9.57
CA GLN E 104 -0.71 30.98 -8.95
C GLN E 104 -0.47 29.54 -8.51
N VAL E 105 0.64 28.96 -8.96
CA VAL E 105 0.96 27.56 -8.67
C VAL E 105 1.75 27.49 -7.37
N GLU E 106 1.27 26.66 -6.44
CA GLU E 106 1.93 26.53 -5.15
C GLU E 106 2.95 25.40 -5.10
N SER E 107 2.59 24.21 -5.58
CA SER E 107 3.53 23.10 -5.56
C SER E 107 3.09 22.03 -6.55
N LEU E 108 4.03 21.15 -6.87
CA LEU E 108 3.79 19.90 -7.59
C LEU E 108 4.14 18.77 -6.62
N ASP E 109 3.13 18.00 -6.21
CA ASP E 109 3.29 17.08 -5.09
C ASP E 109 3.86 15.73 -5.49
N SER E 110 3.40 15.15 -6.60
CA SER E 110 3.83 13.79 -6.93
C SER E 110 3.62 13.53 -8.42
N ILE E 111 4.32 12.53 -8.92
CA ILE E 111 4.13 11.99 -10.26
C ILE E 111 4.00 10.49 -10.15
N SER E 112 2.92 9.95 -10.71
CA SER E 112 2.65 8.52 -10.68
C SER E 112 2.84 7.97 -12.09
N GLU E 113 3.92 7.21 -12.30
CA GLU E 113 4.18 6.61 -13.60
C GLU E 113 3.30 5.41 -13.88
N VAL E 114 2.80 4.76 -12.83
CA VAL E 114 1.90 3.62 -13.00
C VAL E 114 0.54 4.09 -13.50
N ASP E 115 0.01 5.15 -12.90
CA ASP E 115 -1.29 5.70 -13.28
C ASP E 115 -1.19 6.86 -14.26
N MET E 116 0.02 7.32 -14.58
CA MET E 116 0.25 8.40 -15.53
C MET E 116 -0.57 9.66 -15.19
N ASP E 117 -0.25 10.24 -14.03
CA ASP E 117 -0.89 11.48 -13.62
C ASP E 117 0.05 12.28 -12.72
N PHE E 118 -0.43 13.43 -12.25
CA PHE E 118 0.32 14.30 -11.35
C PHE E 118 -0.65 15.06 -10.46
N THR E 119 -0.14 15.54 -9.33
CA THR E 119 -0.94 16.28 -8.35
C THR E 119 -0.38 17.68 -8.18
N MET E 120 -1.24 18.68 -8.33
CA MET E 120 -0.86 20.08 -8.25
C MET E 120 -1.78 20.84 -7.30
N THR E 121 -1.21 21.79 -6.56
CA THR E 121 -1.95 22.68 -5.67
C THR E 121 -1.80 24.11 -6.15
N LEU E 122 -2.91 24.82 -6.28
CA LEU E 122 -2.90 26.13 -6.93
C LEU E 122 -3.94 27.04 -6.30
N TYR E 123 -3.75 28.35 -6.51
CA TYR E 123 -4.73 29.38 -6.17
C TYR E 123 -5.44 29.83 -7.44
N LEU E 124 -6.76 29.74 -7.45
CA LEU E 124 -7.56 30.06 -8.62
C LEU E 124 -8.40 31.31 -8.34
N ARG E 125 -8.28 32.32 -9.20
CA ARG E 125 -8.95 33.60 -9.02
C ARG E 125 -9.86 33.91 -10.20
N HIS E 126 -11.04 34.44 -9.90
CA HIS E 126 -12.06 34.77 -10.89
C HIS E 126 -12.39 36.26 -10.82
N TYR E 127 -12.67 36.85 -11.99
CA TYR E 127 -13.05 38.25 -12.07
C TYR E 127 -14.29 38.40 -12.93
N TRP E 128 -15.33 39.04 -12.39
CA TRP E 128 -16.53 39.34 -13.16
C TRP E 128 -17.26 40.51 -12.48
N LYS E 129 -18.20 41.10 -13.21
CA LYS E 129 -19.00 42.21 -12.72
C LYS E 129 -20.46 41.80 -12.59
N ASP E 130 -21.09 42.22 -11.50
CA ASP E 130 -22.48 41.90 -11.21
C ASP E 130 -23.14 43.14 -10.60
N GLU E 131 -24.03 43.79 -11.36
CA GLU E 131 -24.68 45.00 -10.88
C GLU E 131 -25.58 44.73 -9.68
N ARG E 132 -26.06 43.49 -9.51
CA ARG E 132 -26.90 43.16 -8.37
C ARG E 132 -26.16 43.20 -7.05
N LEU E 133 -24.84 43.29 -7.06
CA LEU E 133 -24.02 43.31 -5.85
C LEU E 133 -23.43 44.69 -5.57
N SER E 134 -23.93 45.74 -6.21
CA SER E 134 -23.43 47.07 -5.93
C SER E 134 -23.94 47.57 -4.58
N PHE E 135 -23.22 48.53 -4.00
CA PHE E 135 -23.61 49.11 -2.73
C PHE E 135 -23.01 50.51 -2.63
N PRO E 136 -23.62 51.41 -1.86
CA PRO E 136 -23.10 52.78 -1.77
C PRO E 136 -21.80 52.85 -0.99
N SER E 137 -20.93 53.77 -1.41
CA SER E 137 -19.64 54.00 -0.76
C SER E 137 -19.09 55.31 -1.28
N THR E 138 -17.93 55.70 -0.76
CA THR E 138 -17.28 56.96 -1.11
C THR E 138 -15.87 56.83 -1.65
N ASN E 139 -15.26 55.66 -1.61
CA ASN E 139 -13.82 55.54 -1.84
C ASN E 139 -13.43 54.56 -2.94
N ASN E 140 -14.39 53.94 -3.62
CA ASN E 140 -14.09 53.01 -4.72
C ASN E 140 -13.17 51.87 -4.29
N LEU E 141 -13.19 51.51 -3.01
CA LEU E 141 -12.29 50.50 -2.47
C LEU E 141 -13.05 49.21 -2.21
N SER E 142 -12.41 48.08 -2.49
CA SER E 142 -13.03 46.78 -2.31
C SER E 142 -13.07 46.41 -0.84
N MET E 143 -14.13 45.69 -0.45
CA MET E 143 -14.33 45.25 0.91
C MET E 143 -14.37 43.72 0.95
N THR E 144 -13.73 43.14 1.95
CA THR E 144 -13.66 41.69 2.08
C THR E 144 -14.80 41.20 2.98
N PHE E 145 -15.56 40.24 2.48
CA PHE E 145 -16.68 39.66 3.21
C PHE E 145 -16.33 38.26 3.68
N ASP E 146 -17.16 37.75 4.60
CA ASP E 146 -16.79 36.59 5.41
C ASP E 146 -16.45 35.38 4.55
N GLY E 147 -17.24 35.10 3.53
CA GLY E 147 -17.09 33.91 2.72
C GLY E 147 -18.27 32.96 2.78
N ARG E 148 -19.16 33.12 3.76
CA ARG E 148 -20.40 32.37 3.80
C ARG E 148 -21.41 32.86 2.77
N LEU E 149 -21.17 34.02 2.18
CA LEU E 149 -22.05 34.58 1.16
C LEU E 149 -21.86 33.95 -0.21
N VAL E 150 -20.81 33.13 -0.39
CA VAL E 150 -20.58 32.48 -1.67
C VAL E 150 -21.71 31.52 -2.03
N LYS E 151 -22.44 31.03 -1.03
CA LYS E 151 -23.56 30.12 -1.26
C LYS E 151 -24.89 30.85 -1.43
N LYS E 152 -24.90 32.17 -1.37
CA LYS E 152 -26.11 32.95 -1.57
C LYS E 152 -26.08 33.78 -2.85
N ILE E 153 -24.96 33.81 -3.57
CA ILE E 153 -24.82 34.62 -4.78
C ILE E 153 -24.36 33.71 -5.91
N TRP E 154 -24.49 34.22 -7.13
CA TRP E 154 -24.07 33.48 -8.32
C TRP E 154 -22.55 33.49 -8.44
N VAL E 155 -21.98 32.33 -8.77
CA VAL E 155 -20.54 32.17 -8.89
C VAL E 155 -20.25 31.37 -10.16
N PRO E 156 -19.18 31.68 -10.90
CA PRO E 156 -18.84 30.88 -12.08
C PRO E 156 -18.61 29.42 -11.74
N ASP E 157 -19.01 28.54 -12.65
CA ASP E 157 -18.93 27.09 -12.47
C ASP E 157 -17.81 26.54 -13.34
N MET E 158 -16.64 26.35 -12.74
CA MET E 158 -15.46 25.88 -13.45
C MET E 158 -15.04 24.52 -12.93
N PHE E 159 -14.48 23.70 -13.83
CA PHE E 159 -14.00 22.37 -13.46
C PHE E 159 -12.75 22.06 -14.25
N PHE E 160 -11.98 21.09 -13.76
CA PHE E 160 -10.73 20.67 -14.39
C PHE E 160 -10.99 19.46 -15.28
N VAL E 161 -10.57 19.57 -16.54
CA VAL E 161 -10.90 18.56 -17.55
C VAL E 161 -9.84 17.46 -17.52
N HIS E 162 -10.30 16.23 -17.68
CA HIS E 162 -9.44 15.03 -17.65
C HIS E 162 -8.72 14.90 -16.30
N SER E 163 -9.40 15.28 -15.23
CA SER E 163 -8.87 15.07 -13.89
C SER E 163 -9.47 13.84 -13.26
N LYS E 164 -8.76 13.28 -12.28
CA LYS E 164 -9.19 12.05 -11.61
C LYS E 164 -9.78 12.28 -10.24
N ARG E 165 -9.31 13.30 -9.51
CA ARG E 165 -9.87 13.65 -8.21
C ARG E 165 -9.40 15.04 -7.84
N SER E 166 -10.19 15.71 -7.01
CA SER E 166 -9.86 17.06 -6.55
C SER E 166 -10.66 17.38 -5.32
N PHE E 167 -10.19 18.36 -4.56
CA PHE E 167 -10.89 18.83 -3.37
C PHE E 167 -10.46 20.25 -3.05
N ILE E 168 -11.29 20.94 -2.28
CA ILE E 168 -11.00 22.28 -1.76
C ILE E 168 -10.60 22.14 -0.31
N HIS E 169 -9.51 22.81 0.08
CA HIS E 169 -9.07 22.79 1.47
C HIS E 169 -10.09 23.50 2.35
N ASP E 170 -10.28 22.98 3.56
CA ASP E 170 -11.33 23.48 4.45
C ASP E 170 -10.90 23.55 5.91
N THR E 171 -9.60 23.67 6.18
CA THR E 171 -9.09 23.90 7.53
C THR E 171 -8.41 25.26 7.56
N THR E 172 -8.76 26.09 8.55
CA THR E 172 -9.72 25.75 9.62
C THR E 172 -11.16 26.01 9.19
N THR E 173 -11.31 26.76 8.11
CA THR E 173 -12.58 26.95 7.43
C THR E 173 -12.34 26.79 5.93
N ASP E 174 -13.39 26.93 5.14
CA ASP E 174 -13.22 26.89 3.69
C ASP E 174 -12.22 27.97 3.27
N ASN E 175 -11.28 27.58 2.42
CA ASN E 175 -10.22 28.50 1.95
C ASN E 175 -10.77 29.31 0.79
N VAL E 176 -11.62 30.28 1.14
CA VAL E 176 -12.36 31.07 0.15
C VAL E 176 -12.19 32.54 0.48
N MET E 177 -11.88 33.35 -0.53
CA MET E 177 -11.83 34.79 -0.42
C MET E 177 -12.90 35.42 -1.30
N LEU E 178 -13.52 36.50 -0.83
CA LEU E 178 -14.54 37.21 -1.60
C LEU E 178 -14.41 38.70 -1.33
N ARG E 179 -14.21 39.47 -2.40
CA ARG E 179 -14.11 40.93 -2.31
C ARG E 179 -15.02 41.56 -3.35
N VAL E 180 -15.78 42.56 -2.93
CA VAL E 180 -16.75 43.24 -3.80
C VAL E 180 -16.48 44.73 -3.78
N GLN E 181 -16.42 45.34 -4.96
CA GLN E 181 -16.29 46.78 -5.10
C GLN E 181 -17.66 47.43 -5.20
N PRO E 182 -17.76 48.73 -4.90
CA PRO E 182 -19.08 49.40 -4.91
C PRO E 182 -19.83 49.29 -6.22
N ASP E 183 -19.13 49.19 -7.36
CA ASP E 183 -19.82 49.12 -8.65
C ASP E 183 -20.14 47.70 -9.10
N GLY E 184 -19.80 46.69 -8.29
CA GLY E 184 -20.16 45.31 -8.60
C GLY E 184 -19.05 44.43 -9.10
N LYS E 185 -17.81 44.90 -9.19
CA LYS E 185 -16.71 44.03 -9.56
C LYS E 185 -16.39 43.07 -8.43
N VAL E 186 -16.21 41.79 -8.77
CA VAL E 186 -16.08 40.72 -7.80
C VAL E 186 -14.73 40.04 -8.01
N LEU E 187 -14.05 39.76 -6.90
CA LEU E 187 -12.84 38.93 -6.90
C LEU E 187 -13.11 37.69 -6.05
N TYR E 188 -12.94 36.51 -6.64
CA TYR E 188 -13.25 35.25 -5.99
C TYR E 188 -12.04 34.33 -6.09
N SER E 189 -11.61 33.77 -4.95
CA SER E 189 -10.35 33.03 -4.88
C SER E 189 -10.54 31.73 -4.11
N LEU E 190 -9.96 30.65 -4.66
CA LEU E 190 -10.04 29.33 -4.06
C LEU E 190 -8.65 28.71 -3.98
N ARG E 191 -8.45 27.85 -2.98
CA ARG E 191 -7.26 27.02 -2.89
C ARG E 191 -7.67 25.57 -3.08
N VAL E 192 -7.17 24.93 -4.14
CA VAL E 192 -7.61 23.60 -4.51
C VAL E 192 -6.40 22.70 -4.78
N THR E 193 -6.62 21.39 -4.65
CA THR E 193 -5.66 20.37 -5.00
C THR E 193 -6.31 19.44 -6.02
N VAL E 194 -5.61 19.19 -7.13
CA VAL E 194 -6.19 18.46 -8.26
C VAL E 194 -5.19 17.42 -8.75
N THR E 195 -5.70 16.23 -9.05
CA THR E 195 -4.95 15.18 -9.73
C THR E 195 -5.42 15.08 -11.18
N ALA E 196 -4.48 15.18 -12.11
CA ALA E 196 -4.80 15.21 -13.53
C ALA E 196 -3.87 14.28 -14.30
N MET E 197 -4.37 13.76 -15.42
CA MET E 197 -3.66 12.76 -16.20
C MET E 197 -2.83 13.39 -17.31
N CYS E 198 -1.77 12.70 -17.70
CA CYS E 198 -0.96 13.09 -18.84
C CYS E 198 -0.39 11.84 -19.50
N ASN E 199 -0.16 11.93 -20.81
CA ASN E 199 0.30 10.80 -21.61
C ASN E 199 1.83 10.81 -21.65
N MET E 200 2.44 9.85 -20.97
CA MET E 200 3.89 9.73 -20.92
C MET E 200 4.39 8.69 -21.92
N ASP E 201 5.51 9.02 -22.57
CA ASP E 201 6.19 8.12 -23.51
C ASP E 201 7.50 7.69 -22.87
N PHE E 202 7.64 6.39 -22.60
CA PHE E 202 8.79 5.86 -21.89
C PHE E 202 9.78 5.15 -22.81
N SER E 203 9.69 5.36 -24.13
CA SER E 203 10.58 4.65 -25.04
C SER E 203 12.04 5.05 -24.88
N ARG E 204 12.32 6.20 -24.27
CA ARG E 204 13.69 6.64 -24.03
C ARG E 204 14.04 6.66 -22.55
N PHE E 205 13.24 5.99 -21.72
CA PHE E 205 13.51 5.91 -20.29
C PHE E 205 14.84 5.21 -20.05
N PRO E 206 15.67 5.69 -19.10
CA PRO E 206 15.47 6.82 -18.18
C PRO E 206 16.02 8.16 -18.68
N LEU E 207 15.96 8.41 -19.99
CA LEU E 207 16.43 9.66 -20.58
C LEU E 207 15.29 10.50 -21.15
N ASP E 208 14.06 10.24 -20.72
CA ASP E 208 12.87 10.77 -21.37
C ASP E 208 12.57 12.20 -20.94
N THR E 209 11.75 12.87 -21.75
CA THR E 209 11.24 14.20 -21.47
C THR E 209 9.74 14.20 -21.74
N GLN E 210 8.96 14.73 -20.79
CA GLN E 210 7.51 14.68 -20.87
C GLN E 210 6.93 16.09 -20.87
N THR E 211 5.79 16.23 -21.56
CA THR E 211 5.03 17.47 -21.60
C THR E 211 3.67 17.24 -20.95
N CYS E 212 3.35 18.05 -19.95
CA CYS E 212 2.09 17.93 -19.20
C CYS E 212 1.29 19.21 -19.36
N SER E 213 -0.02 19.11 -19.15
CA SER E 213 -0.88 20.27 -19.23
C SER E 213 -2.10 20.09 -18.31
N LEU E 214 -2.60 21.23 -17.81
CA LEU E 214 -3.77 21.27 -16.96
C LEU E 214 -4.81 22.17 -17.60
N GLU E 215 -6.05 21.69 -17.68
CA GLU E 215 -7.09 22.32 -18.48
C GLU E 215 -8.24 22.80 -17.58
N ILE E 216 -8.66 24.04 -17.79
CA ILE E 216 -9.74 24.67 -17.02
C ILE E 216 -10.85 25.06 -17.98
N GLU E 217 -12.09 24.69 -17.65
CA GLU E 217 -13.22 24.93 -18.52
C GLU E 217 -14.48 25.06 -17.66
N SER E 218 -15.45 25.81 -18.18
CA SER E 218 -16.76 25.88 -17.53
C SER E 218 -17.60 24.67 -17.92
N TYR E 219 -18.48 24.26 -17.00
CA TYR E 219 -19.28 23.06 -17.21
C TYR E 219 -20.63 23.35 -17.87
N ALA E 220 -21.43 24.21 -17.25
CA ALA E 220 -22.82 24.38 -17.68
C ALA E 220 -22.96 25.31 -18.88
N TYR E 221 -22.14 26.35 -18.98
CA TYR E 221 -22.39 27.45 -19.90
C TYR E 221 -21.50 27.34 -21.13
N THR E 222 -22.11 27.43 -22.31
CA THR E 222 -21.36 27.45 -23.55
C THR E 222 -20.82 28.86 -23.80
N GLU E 223 -20.00 28.97 -24.86
CA GLU E 223 -19.36 30.25 -25.16
C GLU E 223 -20.38 31.36 -25.45
N ASP E 224 -21.63 31.01 -25.73
CA ASP E 224 -22.67 31.99 -25.94
C ASP E 224 -23.22 32.55 -24.63
N ASP E 225 -22.99 31.87 -23.51
CA ASP E 225 -23.40 32.35 -22.20
C ASP E 225 -22.24 32.88 -21.38
N LEU E 226 -21.05 32.28 -21.48
CA LEU E 226 -19.91 32.64 -20.65
C LEU E 226 -18.66 32.68 -21.52
N MET E 227 -17.89 33.77 -21.41
CA MET E 227 -16.68 33.99 -22.18
C MET E 227 -15.48 33.93 -21.25
N LEU E 228 -14.66 32.89 -21.39
CA LEU E 228 -13.54 32.63 -20.49
C LEU E 228 -12.23 33.04 -21.15
N TYR E 229 -11.40 33.79 -20.43
CA TYR E 229 -10.12 34.24 -20.96
C TYR E 229 -9.14 34.45 -19.81
N TRP E 230 -7.86 34.58 -20.17
CA TRP E 230 -6.82 34.88 -19.19
C TRP E 230 -6.85 36.36 -18.84
N LYS E 231 -6.83 36.66 -17.54
CA LYS E 231 -7.05 38.03 -17.09
C LYS E 231 -5.94 38.98 -17.53
N LYS E 232 -4.69 38.53 -17.50
CA LYS E 232 -3.56 39.41 -17.78
C LYS E 232 -2.75 38.96 -18.99
N GLY E 233 -3.39 38.32 -19.96
CA GLY E 233 -2.63 37.75 -21.06
C GLY E 233 -1.79 36.58 -20.58
N ASN E 234 -0.52 36.58 -20.95
CA ASN E 234 0.42 35.56 -20.53
C ASN E 234 1.14 35.93 -19.23
N ASP E 235 0.77 37.04 -18.60
CA ASP E 235 1.29 37.40 -17.29
C ASP E 235 0.40 36.92 -16.15
N SER E 236 -0.67 36.19 -16.45
CA SER E 236 -1.64 35.76 -15.45
C SER E 236 -1.24 34.48 -14.74
N LEU E 237 -0.10 33.89 -15.08
CA LEU E 237 0.40 32.69 -14.40
C LEU E 237 1.67 33.03 -13.63
N LYS E 238 1.67 32.73 -12.34
CA LYS E 238 2.83 32.86 -11.48
C LYS E 238 3.13 31.52 -10.81
N THR E 239 4.41 31.30 -10.50
CA THR E 239 4.85 30.07 -9.85
C THR E 239 5.67 30.40 -8.62
N ASP E 240 5.59 29.52 -7.63
CA ASP E 240 6.35 29.68 -6.40
C ASP E 240 7.80 29.27 -6.60
N GLU E 241 8.70 29.90 -5.83
CA GLU E 241 10.11 29.56 -5.90
C GLU E 241 10.44 28.21 -5.28
N ARG E 242 9.53 27.65 -4.48
CA ARG E 242 9.78 26.39 -3.79
C ARG E 242 9.27 25.17 -4.56
N ILE E 243 8.86 25.34 -5.82
CA ILE E 243 8.42 24.21 -6.60
C ILE E 243 9.60 23.29 -6.87
N SER E 244 9.46 22.03 -6.52
CA SER E 244 10.58 21.10 -6.61
C SER E 244 10.06 19.67 -6.72
N LEU E 245 10.79 18.85 -7.47
CA LEU E 245 10.57 17.42 -7.52
C LEU E 245 11.90 16.71 -7.31
N SER E 246 11.85 15.56 -6.63
CA SER E 246 13.08 14.84 -6.33
C SER E 246 13.63 14.09 -7.54
N GLN E 247 12.78 13.74 -8.50
CA GLN E 247 13.21 12.98 -9.66
C GLN E 247 13.32 13.79 -10.94
N PHE E 248 12.68 14.96 -11.01
CA PHE E 248 12.52 15.69 -12.26
C PHE E 248 12.99 17.12 -12.12
N LEU E 249 13.35 17.72 -13.25
CA LEU E 249 13.56 19.16 -13.38
C LEU E 249 12.37 19.77 -14.12
N ILE E 250 11.83 20.85 -13.58
CA ILE E 250 10.63 21.48 -14.12
C ILE E 250 11.02 22.76 -14.84
N GLN E 251 10.45 22.96 -16.04
CA GLN E 251 10.75 24.16 -16.82
C GLN E 251 9.60 24.46 -17.78
N GLU E 252 9.63 25.68 -18.32
CA GLU E 252 8.76 26.12 -19.42
C GLU E 252 7.28 26.13 -19.05
N PHE E 253 6.94 26.86 -18.00
CA PHE E 253 5.54 27.17 -17.73
C PHE E 253 5.01 28.21 -18.71
N HIS E 254 3.85 27.95 -19.30
CA HIS E 254 3.21 28.92 -20.19
C HIS E 254 1.75 28.51 -20.40
N THR E 255 0.99 29.41 -21.02
CA THR E 255 -0.47 29.30 -21.11
C THR E 255 -0.94 29.44 -22.56
N THR E 256 -2.02 28.74 -22.88
CA THR E 256 -2.67 28.84 -24.19
C THR E 256 -4.18 28.79 -24.00
N THR E 257 -4.91 28.97 -25.11
CA THR E 257 -6.36 28.82 -25.14
C THR E 257 -6.75 28.01 -26.38
N LYS E 258 -7.90 27.33 -26.29
CA LYS E 258 -8.39 26.55 -27.42
C LYS E 258 -9.87 26.24 -27.23
N LEU E 259 -10.64 26.33 -28.32
CA LEU E 259 -12.06 26.04 -28.28
C LEU E 259 -12.33 24.54 -28.36
N ALA E 260 -13.25 24.08 -27.51
CA ALA E 260 -13.63 22.67 -27.44
C ALA E 260 -15.07 22.50 -27.91
N PHE E 261 -15.36 21.31 -28.43
CA PHE E 261 -16.70 21.00 -28.94
C PHE E 261 -17.17 19.65 -28.40
N TYR E 262 -18.43 19.63 -27.96
CA TYR E 262 -19.12 18.41 -27.55
C TYR E 262 -20.33 18.22 -28.45
N SER E 263 -20.52 16.99 -28.94
CA SER E 263 -21.56 16.74 -29.93
C SER E 263 -22.95 17.10 -29.38
N SER E 264 -23.19 16.82 -28.10
CA SER E 264 -24.53 16.98 -27.54
C SER E 264 -24.79 18.30 -26.83
N THR E 265 -23.76 19.08 -26.49
CA THR E 265 -23.99 20.27 -25.68
C THR E 265 -23.65 21.57 -26.41
N GLY E 266 -22.43 21.74 -26.91
CA GLY E 266 -22.11 22.97 -27.60
C GLY E 266 -20.60 23.20 -27.62
N TRP E 267 -20.24 24.46 -27.83
CA TRP E 267 -18.85 24.90 -27.90
C TRP E 267 -18.42 25.56 -26.59
N TYR E 268 -17.21 25.23 -26.13
CA TYR E 268 -16.65 25.79 -24.91
C TYR E 268 -15.21 26.21 -25.18
N ASN E 269 -14.71 27.11 -24.35
CA ASN E 269 -13.35 27.64 -24.46
C ASN E 269 -12.51 27.13 -23.30
N ARG E 270 -11.38 26.50 -23.62
CA ARG E 270 -10.48 25.95 -22.62
C ARG E 270 -9.28 26.85 -22.38
N LEU E 271 -8.77 26.83 -21.15
CA LEU E 271 -7.51 27.46 -20.77
C LEU E 271 -6.51 26.38 -20.37
N TYR E 272 -5.27 26.51 -20.84
CA TYR E 272 -4.25 25.50 -20.64
C TYR E 272 -3.07 26.05 -19.85
N ILE E 273 -2.50 25.21 -18.98
CA ILE E 273 -1.25 25.48 -18.30
C ILE E 273 -0.28 24.37 -18.66
N ASN E 274 0.84 24.70 -19.29
CA ASN E 274 1.79 23.72 -19.79
C ASN E 274 3.11 23.79 -19.04
N PHE E 275 3.79 22.66 -18.95
CA PHE E 275 5.13 22.61 -18.40
C PHE E 275 5.83 21.35 -18.89
N THR E 276 7.16 21.35 -18.78
CA THR E 276 8.01 20.28 -19.29
C THR E 276 8.84 19.70 -18.16
N LEU E 277 9.00 18.37 -18.17
CA LEU E 277 9.74 17.66 -17.13
C LEU E 277 10.90 16.89 -17.74
N ARG E 278 12.09 17.05 -17.16
CA ARG E 278 13.28 16.30 -17.57
C ARG E 278 13.83 15.52 -16.38
N ARG E 279 14.08 14.24 -16.59
CA ARG E 279 14.51 13.35 -15.53
C ARG E 279 16.01 13.51 -15.24
N HIS E 280 16.37 13.34 -13.97
CA HIS E 280 17.77 13.18 -13.60
C HIS E 280 18.21 11.74 -13.80
N ILE E 281 19.43 11.56 -14.30
CA ILE E 281 19.87 10.26 -14.79
C ILE E 281 21.01 9.64 -13.99
N PHE E 282 21.63 10.38 -13.07
CA PHE E 282 22.81 9.86 -12.39
C PHE E 282 22.49 8.64 -11.54
N PHE E 283 21.37 8.70 -10.81
CA PHE E 283 20.95 7.57 -9.99
C PHE E 283 20.82 6.29 -10.82
N PHE E 284 20.14 6.39 -11.97
CA PHE E 284 19.96 5.22 -12.81
C PHE E 284 21.29 4.73 -13.36
N LEU E 285 22.17 5.65 -13.76
CA LEU E 285 23.47 5.24 -14.27
C LEU E 285 24.22 4.41 -13.23
N LEU E 286 24.35 4.95 -12.02
CA LEU E 286 25.12 4.28 -10.99
C LEU E 286 24.48 2.95 -10.59
N GLN E 287 23.15 2.92 -10.46
CA GLN E 287 22.51 1.72 -9.93
C GLN E 287 22.32 0.63 -10.98
N THR E 288 22.29 0.96 -12.27
CA THR E 288 21.97 -0.02 -13.29
C THR E 288 23.10 -0.23 -14.30
N TYR E 289 23.61 0.84 -14.92
CA TYR E 289 24.56 0.66 -16.01
C TYR E 289 25.92 0.21 -15.49
N PHE E 290 26.33 0.76 -14.35
CA PHE E 290 27.64 0.42 -13.79
C PHE E 290 27.77 -1.05 -13.43
N PRO E 291 26.86 -1.67 -12.66
CA PRO E 291 27.03 -3.10 -12.34
C PRO E 291 26.98 -4.01 -13.56
N ALA E 292 26.16 -3.70 -14.57
CA ALA E 292 26.11 -4.54 -15.76
C ALA E 292 27.42 -4.50 -16.52
N THR E 293 28.02 -3.31 -16.63
CA THR E 293 29.33 -3.20 -17.26
C THR E 293 30.38 -3.97 -16.46
N LEU E 294 30.34 -3.85 -15.13
CA LEU E 294 31.31 -4.56 -14.32
C LEU E 294 31.19 -6.08 -14.47
N MET E 295 29.95 -6.58 -14.53
CA MET E 295 29.77 -8.02 -14.71
C MET E 295 30.20 -8.49 -16.10
N VAL E 296 29.96 -7.67 -17.13
CA VAL E 296 30.46 -8.03 -18.45
C VAL E 296 31.98 -8.07 -18.45
N MET E 297 32.62 -7.11 -17.80
CA MET E 297 34.09 -7.12 -17.72
C MET E 297 34.60 -8.33 -16.94
N LEU E 298 33.89 -8.72 -15.87
CA LEU E 298 34.28 -9.89 -15.10
C LEU E 298 34.14 -11.16 -15.92
N SER E 299 33.15 -11.23 -16.82
CA SER E 299 32.99 -12.42 -17.66
C SER E 299 34.17 -12.61 -18.61
N TRP E 300 34.98 -11.58 -18.84
CA TRP E 300 36.11 -11.65 -19.76
C TRP E 300 37.37 -12.20 -19.14
N VAL E 301 37.42 -12.33 -17.82
CA VAL E 301 38.61 -12.88 -17.16
C VAL E 301 38.82 -14.33 -17.55
N SER E 302 37.74 -15.06 -17.83
CA SER E 302 37.83 -16.47 -18.20
C SER E 302 38.77 -16.70 -19.38
N PHE E 303 38.86 -15.72 -20.29
CA PHE E 303 39.73 -15.85 -21.46
C PHE E 303 41.20 -15.92 -21.10
N TRP E 304 41.60 -15.37 -19.96
CA TRP E 304 43.01 -15.29 -19.57
C TRP E 304 43.43 -16.41 -18.63
N ILE E 305 42.55 -17.37 -18.36
CA ILE E 305 42.83 -18.46 -17.44
C ILE E 305 43.14 -19.72 -18.24
N ASP E 306 44.07 -20.53 -17.74
CA ASP E 306 44.50 -21.75 -18.42
C ASP E 306 43.31 -22.65 -18.74
N ARG E 307 43.28 -23.14 -19.98
CA ARG E 307 42.18 -23.98 -20.44
C ARG E 307 42.14 -25.32 -19.72
N ARG E 308 43.22 -25.72 -19.05
CA ARG E 308 43.24 -27.00 -18.34
C ARG E 308 42.46 -26.96 -17.03
N ALA E 309 42.16 -25.77 -16.51
CA ALA E 309 41.44 -25.62 -15.24
C ALA E 309 39.94 -25.51 -15.51
N VAL E 310 39.35 -26.63 -15.92
CA VAL E 310 37.91 -26.67 -16.18
C VAL E 310 37.10 -26.35 -14.93
N PRO E 311 37.34 -26.98 -13.77
CA PRO E 311 36.53 -26.66 -12.57
C PRO E 311 36.72 -25.24 -12.06
N ALA E 312 37.60 -24.45 -12.67
CA ALA E 312 37.73 -23.04 -12.34
C ALA E 312 37.02 -22.16 -13.36
N ARG E 313 37.13 -22.47 -14.65
CA ARG E 313 36.53 -21.62 -15.68
C ARG E 313 35.03 -21.81 -15.78
N VAL E 314 34.51 -23.01 -15.55
CA VAL E 314 33.05 -23.20 -15.66
C VAL E 314 32.28 -22.45 -14.56
N PRO E 315 32.65 -22.62 -13.29
CA PRO E 315 31.92 -21.90 -12.23
C PRO E 315 31.90 -20.39 -12.38
N LEU E 316 32.98 -19.80 -12.90
CA LEU E 316 33.01 -18.35 -13.07
C LEU E 316 31.92 -17.90 -14.04
N GLY E 317 31.78 -18.60 -15.16
CA GLY E 317 30.75 -18.24 -16.12
C GLY E 317 29.35 -18.43 -15.56
N ILE E 318 29.10 -19.58 -14.93
CA ILE E 318 27.74 -19.81 -14.45
C ILE E 318 27.39 -18.85 -13.31
N THR E 319 28.37 -18.50 -12.46
CA THR E 319 28.11 -17.55 -11.38
C THR E 319 27.87 -16.15 -11.91
N THR E 320 28.60 -15.75 -12.95
CA THR E 320 28.36 -14.45 -13.55
C THR E 320 26.97 -14.38 -14.17
N VAL E 321 26.54 -15.47 -14.83
CA VAL E 321 25.17 -15.52 -15.36
C VAL E 321 24.15 -15.36 -14.24
N LEU E 322 24.37 -16.08 -13.12
CA LEU E 322 23.45 -15.98 -11.99
C LEU E 322 23.39 -14.56 -11.43
N THR E 323 24.55 -13.92 -11.27
CA THR E 323 24.59 -12.56 -10.74
C THR E 323 23.87 -11.58 -11.66
N MET E 324 24.10 -11.71 -12.97
CA MET E 324 23.39 -10.85 -13.91
C MET E 324 21.88 -11.05 -13.85
N SER E 325 21.45 -12.31 -13.68
CA SER E 325 20.02 -12.58 -13.53
C SER E 325 19.44 -11.91 -12.30
N THR E 326 20.15 -11.99 -11.17
CA THR E 326 19.65 -11.35 -9.95
C THR E 326 19.59 -9.83 -10.11
N ILE E 327 20.59 -9.24 -10.76
CA ILE E 327 20.60 -7.79 -10.96
C ILE E 327 19.45 -7.38 -11.86
N ILE E 328 19.19 -8.15 -12.92
CA ILE E 328 18.08 -7.84 -13.83
C ILE E 328 16.75 -7.92 -13.09
N THR E 329 16.56 -8.93 -12.25
CA THR E 329 15.33 -9.03 -11.47
C THR E 329 15.16 -7.84 -10.54
N GLY E 330 16.23 -7.48 -9.83
CA GLY E 330 16.16 -6.35 -8.92
C GLY E 330 15.85 -5.05 -9.63
N VAL E 331 16.38 -4.88 -10.85
CA VAL E 331 16.09 -3.67 -11.62
C VAL E 331 14.64 -3.69 -12.10
N ASN E 332 14.17 -4.83 -12.62
CA ASN E 332 12.82 -4.93 -13.14
C ASN E 332 11.78 -4.71 -12.05
N ALA E 333 12.13 -4.94 -10.79
CA ALA E 333 11.18 -4.75 -9.69
C ALA E 333 10.60 -3.34 -9.67
N SER E 334 11.35 -2.33 -10.12
CA SER E 334 10.96 -0.93 -9.94
C SER E 334 10.63 -0.21 -11.25
N MET E 335 10.46 -0.94 -12.37
CA MET E 335 10.37 -0.25 -13.65
C MET E 335 8.92 -0.16 -14.15
N PRO E 336 8.62 0.85 -14.96
CA PRO E 336 7.32 0.89 -15.64
C PRO E 336 7.19 -0.22 -16.67
N ARG E 337 5.96 -0.68 -16.86
CA ARG E 337 5.64 -1.72 -17.84
C ARG E 337 4.99 -1.12 -19.06
N VAL E 338 5.60 -1.33 -20.23
CA VAL E 338 5.07 -0.85 -21.51
C VAL E 338 5.19 -1.96 -22.54
N SER E 339 4.41 -1.82 -23.62
CA SER E 339 4.38 -2.83 -24.67
C SER E 339 5.59 -2.76 -25.60
N TYR E 340 6.44 -1.74 -25.47
CA TYR E 340 7.68 -1.62 -26.19
C TYR E 340 8.83 -1.72 -25.19
N ILE E 341 10.05 -1.59 -25.68
CA ILE E 341 11.23 -1.70 -24.84
C ILE E 341 11.82 -0.33 -24.58
N LYS E 342 12.22 -0.11 -23.35
CA LYS E 342 12.98 1.05 -22.95
C LYS E 342 14.47 0.78 -23.19
N ALA E 343 15.25 1.86 -23.22
CA ALA E 343 16.68 1.75 -23.52
C ALA E 343 17.41 0.87 -22.49
N VAL E 344 16.99 0.97 -21.22
CA VAL E 344 17.67 0.24 -20.16
C VAL E 344 17.51 -1.27 -20.35
N ASP E 345 16.35 -1.71 -20.86
CA ASP E 345 16.16 -3.13 -21.12
C ASP E 345 17.04 -3.61 -22.26
N ILE E 346 17.21 -2.78 -23.28
CA ILE E 346 18.13 -3.11 -24.37
C ILE E 346 19.54 -3.34 -23.82
N TYR E 347 20.01 -2.40 -23.00
CA TYR E 347 21.36 -2.52 -22.45
C TYR E 347 21.51 -3.78 -21.61
N LEU E 348 20.54 -4.03 -20.72
CA LEU E 348 20.66 -5.16 -19.79
C LEU E 348 20.64 -6.48 -20.54
N TRP E 349 19.75 -6.63 -21.52
CA TRP E 349 19.67 -7.91 -22.20
C TRP E 349 20.84 -8.14 -23.17
N VAL E 350 21.40 -7.07 -23.73
CA VAL E 350 22.63 -7.22 -24.52
C VAL E 350 23.75 -7.73 -23.62
N SER E 351 23.86 -7.19 -22.40
CA SER E 351 24.88 -7.68 -21.47
C SER E 351 24.67 -9.17 -21.15
N PHE E 352 23.41 -9.56 -20.91
CA PHE E 352 23.12 -10.96 -20.60
C PHE E 352 23.53 -11.87 -21.75
N VAL E 353 23.24 -11.45 -23.00
CA VAL E 353 23.65 -12.23 -24.16
C VAL E 353 25.16 -12.35 -24.24
N PHE E 354 25.89 -11.27 -23.90
CA PHE E 354 27.34 -11.35 -23.90
C PHE E 354 27.86 -12.42 -22.94
N VAL E 355 27.30 -12.47 -21.73
CA VAL E 355 27.75 -13.47 -20.76
C VAL E 355 27.44 -14.88 -21.27
N PHE E 356 26.23 -15.06 -21.81
CA PHE E 356 25.84 -16.35 -22.38
C PHE E 356 26.82 -16.80 -23.45
N LEU E 357 27.21 -15.89 -24.33
CA LEU E 357 28.14 -16.24 -25.40
C LEU E 357 29.51 -16.62 -24.85
N SER E 358 29.95 -15.95 -23.77
CA SER E 358 31.23 -16.34 -23.16
C SER E 358 31.19 -17.79 -22.67
N VAL E 359 30.09 -18.18 -22.04
CA VAL E 359 29.97 -19.57 -21.58
C VAL E 359 30.04 -20.53 -22.78
N LEU E 360 29.33 -20.19 -23.86
CA LEU E 360 29.37 -21.05 -25.04
C LEU E 360 30.78 -21.16 -25.63
N GLU E 361 31.54 -20.05 -25.61
CA GLU E 361 32.89 -20.09 -26.14
C GLU E 361 33.78 -21.04 -25.36
N TYR E 362 33.68 -21.02 -24.04
CA TYR E 362 34.51 -21.97 -23.29
C TYR E 362 34.08 -23.41 -23.55
N ALA E 363 32.78 -23.66 -23.71
CA ALA E 363 32.33 -25.01 -24.04
C ALA E 363 32.95 -25.48 -25.37
N ALA E 364 32.96 -24.59 -26.37
CA ALA E 364 33.53 -24.96 -27.66
C ALA E 364 35.01 -25.29 -27.54
N VAL E 365 35.75 -24.49 -26.77
CA VAL E 365 37.19 -24.76 -26.61
C VAL E 365 37.42 -26.12 -25.95
N ASN E 366 36.65 -26.42 -24.90
CA ASN E 366 36.82 -27.70 -24.22
C ASN E 366 36.58 -28.87 -25.16
N TYR E 367 35.51 -28.79 -25.96
CA TYR E 367 35.20 -29.91 -26.85
C TYR E 367 36.30 -30.09 -27.90
N LEU E 368 36.78 -29.00 -28.48
CA LEU E 368 37.82 -29.12 -29.51
C LEU E 368 39.10 -29.71 -28.92
N THR E 369 39.47 -29.31 -27.71
CA THR E 369 40.66 -29.88 -27.07
C THR E 369 40.50 -31.39 -26.86
N THR E 370 39.33 -31.82 -26.39
CA THR E 370 39.12 -33.24 -26.18
C THR E 370 39.21 -34.01 -27.49
N VAL E 371 38.63 -33.47 -28.57
CA VAL E 371 38.69 -34.15 -29.86
C VAL E 371 40.14 -34.28 -30.32
N GLN E 372 40.94 -33.23 -30.16
CA GLN E 372 42.33 -33.30 -30.56
C GLN E 372 43.08 -34.38 -29.79
N GLU E 373 42.83 -34.48 -28.48
CA GLU E 373 43.49 -35.52 -27.69
C GLU E 373 43.08 -36.92 -28.14
N ARG E 374 41.79 -37.10 -28.47
CA ARG E 374 41.34 -38.39 -29.00
C ARG E 374 42.05 -38.73 -30.30
N LYS E 375 42.21 -37.75 -31.19
CA LYS E 375 42.91 -38.00 -32.45
C LYS E 375 44.35 -38.41 -32.20
N GLU E 376 45.01 -37.74 -31.25
CA GLU E 376 46.39 -38.11 -30.94
C GLU E 376 46.47 -39.54 -30.42
N GLN E 377 45.55 -39.93 -29.53
CA GLN E 377 45.60 -41.31 -29.01
C GLN E 377 45.34 -42.33 -30.10
N LYS E 378 44.38 -42.05 -30.99
CA LYS E 378 44.08 -42.99 -32.07
C LYS E 378 45.25 -43.11 -33.05
N LEU E 379 45.95 -42.01 -33.32
CA LEU E 379 47.14 -42.08 -34.16
C LEU E 379 48.24 -42.92 -33.50
N ARG E 380 48.43 -42.78 -32.19
CA ARG E 380 49.45 -43.55 -31.50
C ARG E 380 49.12 -45.04 -31.49
N ASP E 451 50.11 -24.39 -24.88
CA ASP E 451 49.80 -23.34 -25.84
C ASP E 451 48.36 -22.83 -25.67
N THR E 452 48.08 -21.67 -26.23
CA THR E 452 46.76 -21.07 -26.15
C THR E 452 45.95 -21.45 -27.38
N HIS E 453 44.73 -21.93 -27.16
CA HIS E 453 43.85 -22.24 -28.28
C HIS E 453 43.52 -20.95 -29.04
N ALA E 454 43.41 -21.07 -30.37
CA ALA E 454 43.16 -19.89 -31.19
C ALA E 454 41.90 -19.15 -30.76
N ILE E 455 40.88 -19.89 -30.30
CA ILE E 455 39.61 -19.26 -29.94
C ILE E 455 39.81 -18.27 -28.81
N ASP E 456 40.57 -18.65 -27.78
CA ASP E 456 40.80 -17.75 -26.67
C ASP E 456 41.57 -16.51 -27.11
N LYS E 457 42.62 -16.70 -27.92
CA LYS E 457 43.48 -15.58 -28.29
C LYS E 457 42.76 -14.60 -29.20
N TYR E 458 41.78 -15.09 -29.97
CA TYR E 458 40.98 -14.16 -30.78
C TYR E 458 39.84 -13.54 -30.00
N SER E 459 39.22 -14.30 -29.08
CA SER E 459 38.13 -13.74 -28.28
C SER E 459 38.61 -12.64 -27.36
N ARG E 460 39.85 -12.73 -26.86
CA ARG E 460 40.38 -11.69 -25.98
C ARG E 460 40.37 -10.33 -26.63
N ILE E 461 40.39 -10.27 -27.96
CA ILE E 461 40.32 -9.02 -28.69
C ILE E 461 38.91 -8.75 -29.20
N ILE E 462 38.24 -9.78 -29.73
CA ILE E 462 36.95 -9.57 -30.38
C ILE E 462 35.89 -9.10 -29.38
N PHE E 463 35.84 -9.71 -28.20
CA PHE E 463 34.76 -9.36 -27.27
C PHE E 463 34.81 -7.91 -26.80
N PRO E 464 35.93 -7.39 -26.28
CA PRO E 464 35.96 -5.97 -25.88
C PRO E 464 35.67 -5.02 -27.02
N ALA E 465 36.15 -5.31 -28.23
CA ALA E 465 35.90 -4.44 -29.38
C ALA E 465 34.42 -4.39 -29.70
N ALA E 466 33.75 -5.54 -29.68
CA ALA E 466 32.32 -5.56 -29.97
C ALA E 466 31.52 -4.83 -28.89
N TYR E 467 31.91 -5.00 -27.62
CA TYR E 467 31.18 -4.29 -26.57
C TYR E 467 31.38 -2.79 -26.66
N ILE E 468 32.60 -2.36 -27.00
CA ILE E 468 32.86 -0.93 -27.17
C ILE E 468 32.08 -0.36 -28.35
N LEU E 469 32.02 -1.12 -29.46
CA LEU E 469 31.20 -0.70 -30.59
C LEU E 469 29.74 -0.53 -30.19
N PHE E 470 29.21 -1.50 -29.43
CA PHE E 470 27.83 -1.41 -28.96
C PHE E 470 27.62 -0.17 -28.10
N ASN E 471 28.56 0.08 -27.18
CA ASN E 471 28.43 1.25 -26.31
C ASN E 471 28.50 2.55 -27.10
N LEU E 472 29.38 2.64 -28.09
CA LEU E 472 29.46 3.84 -28.92
C LEU E 472 28.14 4.09 -29.65
N ILE E 473 27.58 3.04 -30.26
CA ILE E 473 26.33 3.22 -31.00
C ILE E 473 25.20 3.59 -30.05
N TYR E 474 25.10 2.89 -28.93
CA TYR E 474 24.03 3.13 -27.97
C TYR E 474 24.08 4.55 -27.42
N TRP E 475 25.26 5.00 -26.99
CA TRP E 475 25.38 6.32 -26.39
C TRP E 475 25.49 7.44 -27.43
N SER E 476 25.58 7.10 -28.73
CA SER E 476 25.36 8.12 -29.74
C SER E 476 23.89 8.23 -30.13
N ILE E 477 23.11 7.15 -29.98
CA ILE E 477 21.70 7.22 -30.32
C ILE E 477 20.90 7.91 -29.22
N PHE E 478 21.08 7.47 -27.97
CA PHE E 478 20.33 8.05 -26.86
C PHE E 478 21.06 9.16 -26.13
N SER E 479 22.39 9.14 -26.13
CA SER E 479 23.21 10.15 -25.46
C SER E 479 22.77 10.43 -24.03
C1 NAG F . -40.81 26.50 -31.56
C2 NAG F . -42.26 26.45 -31.06
C3 NAG F . -43.15 27.35 -31.93
C4 NAG F . -42.56 28.74 -32.06
C5 NAG F . -41.12 28.65 -32.55
C6 NAG F . -40.44 29.99 -32.63
C7 NAG F . -42.99 24.39 -29.93
C8 NAG F . -43.52 23.00 -30.12
N2 NAG F . -42.76 25.09 -31.06
O3 NAG F . -44.44 27.43 -31.33
O4 NAG F . -43.32 29.51 -32.98
O5 NAG F . -40.36 27.84 -31.64
O6 NAG F . -39.21 29.92 -33.34
O7 NAG F . -42.80 24.88 -28.82
C1 NAG G . -25.87 -1.49 -32.34
C2 NAG G . -26.93 -2.56 -32.51
C3 NAG G . -26.34 -3.94 -32.22
C4 NAG G . -25.10 -4.17 -33.07
C5 NAG G . -24.12 -3.02 -32.90
C6 NAG G . -22.91 -3.12 -33.80
C7 NAG G . -29.14 -1.60 -32.04
C8 NAG G . -30.22 -1.41 -31.02
N2 NAG G . -28.06 -2.30 -31.64
O3 NAG G . -27.31 -4.94 -32.49
O4 NAG G . -24.45 -5.38 -32.69
O5 NAG G . -24.76 -1.78 -33.19
O6 NAG G . -22.28 -4.39 -33.68
O7 NAG G . -29.23 -1.15 -33.18
C1 HEX H . 30.79 -27.95 -30.67
C2 HEX H . 30.70 -27.67 -29.17
C3 HEX H . 29.77 -26.50 -28.92
C4 HEX H . 28.94 -26.77 -27.66
C5 HEX H . 27.67 -25.91 -27.69
C6 HEX H . 26.53 -26.66 -27.01
C1 HEX I . 30.53 -35.21 -33.63
C2 HEX I . 29.49 -34.20 -33.13
C3 HEX I . 29.86 -32.81 -33.65
C4 HEX I . 28.81 -31.82 -33.13
C5 HEX I . 29.04 -30.38 -33.57
C6 HEX I . 27.94 -29.47 -32.99
C1 HEX J . 8.42 -16.75 -29.94
C2 HEX J . 6.91 -16.92 -29.90
C3 HEX J . 6.28 -15.69 -30.54
C4 HEX J . 4.77 -15.85 -30.52
C5 HEX J . 4.13 -14.62 -31.14
C6 HEX J . 2.61 -14.75 -31.13
C1 OCT K . 10.27 -19.29 -27.44
C2 OCT K . 11.35 -18.21 -27.61
C3 OCT K . 10.75 -16.82 -27.40
C4 OCT K . 11.80 -15.73 -27.55
C5 OCT K . 11.20 -14.33 -27.33
C6 OCT K . 12.26 -13.24 -27.51
C7 OCT K . 11.66 -11.86 -27.26
C8 OCT K . 12.72 -10.77 -27.45
C1 HEX L . 20.97 -46.61 -13.95
C2 HEX L . 21.14 -46.05 -12.55
C3 HEX L . 21.06 -44.52 -12.60
C4 HEX L . 21.15 -43.95 -11.19
C5 HEX L . 20.49 -42.57 -11.15
C6 HEX L . 20.39 -42.10 -9.70
CL CL M . 21.03 -16.36 -4.46
CL CL N . 18.37 -14.26 -4.08
N ABU O . -33.32 -2.31 -9.26
CD ABU O . -33.40 -1.97 -7.81
CB ABU O . -33.87 -3.15 -6.99
CG ABU O . -33.90 -2.81 -5.51
C ABU O . -34.45 -3.92 -4.63
O ABU O . -34.96 -3.58 -3.52
OXT ABU O . -34.37 -5.09 -5.04
N ABU P . -27.78 -3.32 20.40
CD ABU P . -27.32 -1.95 20.68
CB ABU P . -26.63 -1.84 22.02
CG ABU P . -26.25 -0.40 22.33
C ABU P . -25.47 -0.23 23.62
O ABU P . -25.57 0.87 24.22
OXT ABU P . -24.76 -1.19 24.01
C1 NAG Q . -58.45 -3.62 -2.71
C2 NAG Q . -59.10 -3.21 -1.38
C3 NAG Q . -60.46 -2.56 -1.62
C4 NAG Q . -60.34 -1.44 -2.65
C5 NAG Q . -59.68 -1.96 -3.91
C6 NAG Q . -59.46 -0.89 -4.95
C7 NAG Q . -58.51 -4.54 0.60
C8 NAG Q . -58.81 -5.79 1.40
N2 NAG Q . -59.24 -4.36 -0.50
O3 NAG Q . -60.94 -2.02 -0.40
O4 NAG Q . -61.63 -0.93 -2.98
O5 NAG Q . -58.39 -2.50 -3.59
O6 NAG Q . -59.09 -1.44 -6.21
O7 NAG Q . -57.66 -3.73 0.96
C1 NAG R . -35.31 -22.72 7.83
C2 NAG R . -36.10 -23.44 8.92
C3 NAG R . -35.18 -23.87 10.06
C4 NAG R . -34.01 -24.67 9.51
C5 NAG R . -33.31 -23.92 8.40
C6 NAG R . -32.21 -24.72 7.74
C7 NAG R . -38.42 -22.62 8.89
C8 NAG R . -39.40 -21.68 9.52
N2 NAG R . -37.18 -22.59 9.41
O3 NAG R . -35.92 -24.63 11.00
O4 NAG R . -33.08 -24.93 10.55
O5 NAG R . -34.25 -23.56 7.37
O6 NAG R . -31.29 -25.22 8.70
O7 NAG R . -38.72 -23.37 7.98
C1 HEX S . 32.04 -38.12 13.41
C2 HEX S . 31.77 -38.24 11.92
C3 HEX S . 30.50 -37.47 11.56
C4 HEX S . 30.81 -35.97 11.54
C5 HEX S . 29.50 -35.20 11.67
C6 HEX S . 29.80 -33.73 11.96
C1 HEX T . 19.81 -49.80 -6.93
C2 HEX T . 18.45 -49.13 -6.70
C3 HEX T . 18.12 -49.15 -5.20
C4 HEX T . 16.76 -48.48 -4.98
C5 HEX T . 16.44 -48.49 -3.48
C6 HEX T . 15.09 -47.84 -3.25
C1 HEX U . 0.82 -35.87 -4.17
C2 HEX U . -0.13 -35.29 -3.13
C3 HEX U . -1.48 -35.00 -3.76
C4 HEX U . -2.42 -34.42 -2.70
C5 HEX U . -3.78 -34.12 -3.34
C6 HEX U . -4.72 -33.54 -2.29
C1 OCT V . 3.80 -33.93 -3.01
C2 OCT V . 3.96 -33.72 -4.51
C3 OCT V . 2.90 -32.73 -5.04
C4 OCT V . 3.07 -32.53 -6.54
C5 OCT V . 2.02 -31.55 -7.08
C6 OCT V . 2.18 -31.35 -8.60
C7 OCT V . 1.13 -30.36 -9.11
C8 OCT V . 1.28 -30.17 -10.62
C1 HEX W . 7.89 -28.25 17.77
C2 HEX W . 6.48 -28.75 17.51
C3 HEX W . 5.50 -27.58 17.41
C4 HEX W . 4.10 -28.14 17.18
C5 HEX W . 3.11 -26.98 17.08
C6 HEX W . 1.70 -27.51 16.85
C01 RI5 X . 26.30 -20.59 -4.28
C02 RI5 X . 26.82 -20.60 -5.68
C03 RI5 X . 26.01 -20.54 -6.72
C04 RI5 X . 28.34 -20.64 -5.78
C05 RI5 X . 29.02 -20.99 -7.11
C06 RI5 X . 28.63 -22.36 -7.65
C07 RI5 X . 28.62 -23.50 -6.59
C08 RI5 X . 28.79 -23.10 -5.07
C09 RI5 X . 29.14 -21.59 -4.88
C10 RI5 X . 30.53 -21.31 -5.42
O11 RI5 X . 31.58 -21.29 -4.85
O12 RI5 X . 30.44 -21.05 -6.74
C13 RI5 X . 29.90 -24.04 -4.53
C14 RI5 X . 30.70 -24.50 -5.73
C15 RI5 X . 29.92 -24.20 -6.92
O16 RI5 X . 30.06 -25.57 -6.48
C17 RI5 X . 30.34 -23.81 -8.30
O18 RI5 X . 31.16 -24.30 -9.02
O19 RI5 X . 29.60 -22.74 -8.67
O20 RI5 X . 27.60 -23.39 -4.33
C21 RI5 X . 27.41 -24.40 -6.79
N ABU Y . -8.89 19.32 27.34
CD ABU Y . -9.15 20.26 26.22
CB ABU Y . -8.01 21.24 26.04
CG ABU Y . -8.29 22.21 24.90
C ABU Y . -7.17 23.22 24.65
O ABU Y . -7.43 24.19 23.90
OXT ABU Y . -6.07 23.02 25.20
C1 NAG Z . -41.28 5.81 40.78
C2 NAG Z . -40.66 7.13 41.22
C3 NAG Z . -40.62 7.23 42.75
C4 NAG Z . -41.99 6.95 43.34
C5 NAG Z . -42.52 5.62 42.82
C6 NAG Z . -43.92 5.30 43.30
C7 NAG Z . -38.99 8.14 39.72
C8 NAG Z . -37.56 8.15 39.29
N2 NAG Z . -39.31 7.28 40.68
O3 NAG Z . -40.21 8.54 43.13
O4 NAG Z . -41.92 6.90 44.76
O5 NAG Z . -42.56 5.65 41.39
O6 NAG Z . -44.28 3.95 43.03
O7 NAG Z . -39.82 8.89 39.22
C1 NAG AA . -10.28 -0.85 40.67
C2 NAG AA . -9.23 -1.13 41.74
C3 NAG AA . -7.83 -0.83 41.19
C4 NAG AA . -7.60 -1.60 39.89
C5 NAG AA . -8.73 -1.31 38.91
C6 NAG AA . -8.62 -2.12 37.64
C7 NAG AA . -10.24 -0.81 43.95
C8 NAG AA . -10.42 0.13 45.10
N2 NAG AA . -9.50 -0.35 42.94
O3 NAG AA . -6.87 -1.21 42.16
O4 NAG AA . -6.37 -1.19 39.31
O5 NAG AA . -10.00 -1.62 39.51
O6 NAG AA . -7.34 -1.98 37.05
O7 NAG AA . -10.72 -1.93 43.95
C1 OCT BA . 17.67 -21.72 19.61
C2 OCT BA . 16.50 -22.70 19.86
C3 OCT BA . 15.46 -22.57 18.74
C4 OCT BA . 14.30 -23.55 19.00
C5 OCT BA . 13.25 -23.45 17.89
C6 OCT BA . 12.09 -24.42 18.16
C7 OCT BA . 11.06 -24.31 17.02
C8 OCT BA . 9.89 -25.27 17.28
C1 HEX CA . 44.31 -15.19 6.89
C2 HEX CA . 45.68 -15.84 6.83
C3 HEX CA . 46.02 -16.46 8.19
C4 HEX CA . 47.53 -16.60 8.32
C5 HEX CA . 47.91 -16.68 9.80
C6 HEX CA . 49.32 -17.26 9.94
C1 HEX DA . 27.25 -7.85 15.71
C2 HEX DA . 26.95 -7.66 17.18
C3 HEX DA . 26.66 -6.17 17.34
C4 HEX DA . 26.37 -5.90 18.80
C5 HEX DA . 26.08 -4.41 18.95
C6 HEX DA . 25.79 -4.12 20.42
N ABU EA . -3.06 34.44 1.91
CD ABU EA . -4.03 33.92 0.90
CB ABU EA . -3.75 34.48 -0.47
CG ABU EA . -4.82 34.04 -1.47
C ABU EA . -4.57 34.50 -2.90
O ABU EA . -5.57 34.64 -3.63
OXT ABU EA . -3.39 34.70 -3.25
C1 NAG FA . -13.40 42.75 37.04
C2 NAG FA . -12.89 43.87 36.12
C3 NAG FA . -12.43 45.07 36.94
C4 NAG FA . -13.50 45.50 37.93
C5 NAG FA . -13.93 44.32 38.78
C6 NAG FA . -15.06 44.64 39.73
C7 NAG FA . -11.94 43.19 33.95
C8 NAG FA . -10.71 42.69 33.24
N2 NAG FA . -11.81 43.38 35.28
O3 NAG FA . -12.13 46.15 36.06
O4 NAG FA . -12.99 46.52 38.79
O5 NAG FA . -14.41 43.27 37.92
O6 NAG FA . -15.26 43.61 40.68
O7 NAG FA . -12.99 43.41 33.37
C1 NAG GA . 12.57 34.45 20.79
C2 NAG GA . 12.85 35.84 21.35
C3 NAG GA . 13.60 36.68 20.32
C4 NAG GA . 14.85 35.96 19.85
C5 NAG GA . 14.50 34.56 19.36
C6 NAG GA . 15.71 33.73 19.00
C7 NAG GA . 11.11 36.42 22.98
C8 NAG GA . 9.81 37.13 23.21
N2 NAG GA . 11.61 36.50 21.74
O3 NAG GA . 13.96 37.93 20.91
O4 NAG GA . 15.47 36.67 18.79
O5 NAG GA . 13.80 33.85 20.39
O6 NAG GA . 16.54 34.43 18.08
O7 NAG GA . 11.67 35.79 23.87
C1 HEX HA . 32.73 2.93 12.84
C2 HEX HA . 32.40 4.39 12.56
C3 HEX HA . 31.65 4.98 13.76
C4 HEX HA . 31.33 6.44 13.48
C5 HEX HA . 30.57 7.02 14.68
C6 HEX HA . 30.23 8.48 14.42
C1 OCT IA . 33.19 1.12 9.35
C2 OCT IA . 33.13 0.05 10.44
C3 OCT IA . 31.74 0.00 11.07
C4 OCT IA . 31.69 -1.08 12.16
C5 OCT IA . 30.30 -1.16 12.80
C6 OCT IA . 30.26 -2.23 13.90
C7 OCT IA . 28.86 -2.30 14.52
C8 OCT IA . 28.81 -3.36 15.62
C1 HEX JA . 42.73 -9.36 -17.41
C2 HEX JA . 43.98 -9.83 -16.69
C3 HEX JA . 45.06 -10.20 -17.71
C4 HEX JA . 46.41 -10.30 -17.01
C5 HEX JA . 47.53 -10.02 -18.02
C6 HEX JA . 48.85 -9.84 -17.28
C1 HEX KA . 14.70 -7.57 -28.93
C2 HEX KA . 14.43 -6.13 -29.33
C3 HEX KA . 12.99 -5.97 -29.86
C4 HEX KA . 12.76 -4.52 -30.26
C5 HEX KA . 11.37 -4.20 -30.80
C6 HEX KA . 11.33 -2.73 -31.16
N ABU LA . -17.68 21.22 -20.69
CD ABU LA . -19.03 20.78 -20.30
CB ABU LA . -19.34 19.38 -20.77
CG ABU LA . -20.78 18.99 -20.49
C ABU LA . -21.19 17.64 -21.03
O ABU LA . -22.00 16.96 -20.35
OXT ABU LA . -20.70 17.26 -22.11
C1 NAG MA . -13.12 56.37 -8.45
C2 NAG MA . -13.84 55.73 -9.63
C3 NAG MA . -13.85 56.67 -10.84
C4 NAG MA . -14.35 58.05 -10.45
C5 NAG MA . -13.57 58.58 -9.26
C6 NAG MA . -14.06 59.92 -8.77
C7 NAG MA . -13.82 53.28 -9.75
C8 NAG MA . -13.05 52.07 -10.19
N2 NAG MA . -13.24 54.46 -9.98
O3 NAG MA . -14.70 56.13 -11.85
O4 NAG MA . -14.22 58.95 -11.54
O5 NAG MA . -13.68 57.66 -8.17
O6 NAG MA . -13.16 60.51 -7.86
O7 NAG MA . -14.94 53.19 -9.24
C1 NAG NA . 2.25 34.74 -24.49
C2 NAG NA . 1.69 34.88 -25.89
C3 NAG NA . 2.01 33.65 -26.73
C4 NAG NA . 3.51 33.38 -26.70
C5 NAG NA . 4.01 33.30 -25.27
C6 NAG NA . 5.51 33.15 -25.16
C7 NAG NA . -0.29 36.33 -25.82
C8 NAG NA . -1.80 36.38 -25.75
N2 NAG NA . 0.25 35.12 -25.84
O3 NAG NA . 1.58 33.85 -28.07
O4 NAG NA . 3.79 32.13 -27.34
O5 NAG NA . 3.66 34.50 -24.56
O6 NAG NA . 5.96 32.05 -25.94
O7 NAG NA . 0.39 37.35 -25.84
C1 HEX OA . 27.70 11.53 -19.59
C2 HEX OA . 26.87 12.44 -18.70
C3 HEX OA . 27.14 12.12 -17.23
C4 HEX OA . 26.29 13.04 -16.36
C5 HEX OA . 26.55 12.71 -14.89
C6 HEX OA . 25.71 13.63 -14.00
#